data_8RTX
#
_entry.id   8RTX
#
_cell.length_a   81.857
_cell.length_b   81.857
_cell.length_c   181.927
_cell.angle_alpha   90.000
_cell.angle_beta   90.000
_cell.angle_gamma   120.000
#
_symmetry.space_group_name_H-M   'P 31'
#
loop_
_entity.id
_entity.type
_entity.pdbx_description
1 polymer 'Anti-IC Fab fragment B12 light chain'
2 polymer 'Anti-IC Fab fragment B12 heavy chain'
#
loop_
_entity_poly.entity_id
_entity_poly.type
_entity_poly.pdbx_seq_one_letter_code
_entity_poly.pdbx_strand_id
1 'polypeptide(L)'
;DIQMTQSPSSVSASVGDRVTITCRASQGISSWLAWYQQKPGKAPKLLIYAASSLQSGVPSRFSGSGSGTDFTLTISSLQP
EDFATYYCQQANSFPLTFGGGTKVDIKRTVAAPSVFIFPPSDEQLKSGTASVVCLLNNFYPREAKVQWKVDNALQSGNSQ
ESVTEQDSKDSTYSLSSTLTLSKADYEKHKVYACEVTHQGLSSPVTKSFNRGEC
;
A,C,E
2 'polypeptide(L)'
;QVQLVQSGGGLVQPGGSLRLSCAASGFTFSSYAMSWVRQAPGKGLEWVSAISGSGGSTYYADSVKGRFTISRDNSKNTLY
LQMNSLRAEDTAVYYCARDSGSGRFDPWGQGTLVTVSSASTKGPSVFPLAPSSKSTSGGTAALGCLVKDYFPEPVTVSWN
SGALTSSVHTFPAVLQSSGLYSLSSVVTVPSSSLGTQTYICNVNHKPSNTKVDKKAEPKSCHHHHHH
;
B,D,F
#
# COMPACT_ATOMS: atom_id res chain seq x y z
N ASP A 1 -21.77 -23.40 -1.71
CA ASP A 1 -20.42 -23.80 -2.06
C ASP A 1 -20.28 -25.26 -1.67
N ILE A 2 -19.58 -26.02 -2.53
CA ILE A 2 -19.31 -27.46 -2.21
C ILE A 2 -18.27 -27.53 -1.09
N GLN A 3 -18.66 -28.03 0.07
CA GLN A 3 -17.75 -28.16 1.21
C GLN A 3 -17.05 -29.51 1.17
N MET A 4 -15.72 -29.53 1.26
CA MET A 4 -14.97 -30.77 1.32
C MET A 4 -14.39 -31.03 2.70
N THR A 5 -14.76 -32.16 3.29
CA THR A 5 -14.27 -32.55 4.60
C THR A 5 -13.35 -33.75 4.41
N GLN A 6 -12.09 -33.58 4.77
CA GLN A 6 -11.12 -34.63 4.64
C GLN A 6 -10.91 -35.17 6.05
N SER A 7 -10.78 -36.49 6.17
CA SER A 7 -10.56 -37.05 7.49
C SER A 7 -9.63 -38.23 7.36
N PRO A 8 -8.82 -38.53 8.39
CA PRO A 8 -8.47 -37.66 9.55
C PRO A 8 -7.59 -36.48 9.18
N SER A 9 -7.40 -35.54 10.10
CA SER A 9 -6.50 -34.42 9.86
C SER A 9 -5.03 -34.82 9.87
N SER A 10 -4.69 -35.86 10.60
CA SER A 10 -3.32 -36.37 10.63
C SER A 10 -3.37 -37.87 10.86
N VAL A 11 -2.39 -38.56 10.29
CA VAL A 11 -2.24 -39.99 10.45
C VAL A 11 -0.76 -40.28 10.65
N SER A 12 -0.46 -41.11 11.64
CA SER A 12 0.89 -41.60 11.88
C SER A 12 0.98 -43.08 11.61
N ALA A 13 1.83 -43.45 10.66
CA ALA A 13 1.96 -44.84 10.26
C ALA A 13 3.41 -45.15 9.98
N SER A 14 3.72 -46.42 10.05
CA SER A 14 5.07 -46.93 9.84
C SER A 14 5.28 -47.18 8.37
N VAL A 15 6.56 -47.18 7.96
CA VAL A 15 6.92 -47.60 6.61
C VAL A 15 6.31 -48.97 6.39
N GLY A 16 5.60 -49.15 5.28
CA GLY A 16 4.97 -50.42 5.00
C GLY A 16 3.49 -50.49 5.39
N ASP A 17 3.02 -49.58 6.23
CA ASP A 17 1.63 -49.62 6.68
C ASP A 17 0.66 -49.25 5.56
N ARG A 18 -0.59 -49.71 5.70
CA ARG A 18 -1.68 -49.24 4.84
C ARG A 18 -2.32 -48.02 5.48
N VAL A 19 -2.52 -46.97 4.69
CA VAL A 19 -3.17 -45.74 5.15
C VAL A 19 -4.40 -45.45 4.27
N THR A 20 -5.49 -45.05 4.91
CA THR A 20 -6.75 -44.70 4.26
C THR A 20 -7.16 -43.30 4.65
N ILE A 21 -7.46 -42.48 3.63
CA ILE A 21 -7.92 -41.11 3.79
C ILE A 21 -9.29 -40.96 3.14
N THR A 22 -10.22 -40.32 3.84
CA THR A 22 -11.54 -40.14 3.27
C THR A 22 -11.75 -38.68 2.91
N CYS A 23 -12.59 -38.48 1.90
CA CYS A 23 -13.03 -37.15 1.47
C CYS A 23 -14.52 -37.24 1.27
N ARG A 24 -15.24 -36.37 1.96
CA ARG A 24 -16.69 -36.33 1.92
C ARG A 24 -17.14 -35.00 1.34
N ALA A 25 -17.98 -35.08 0.31
CA ALA A 25 -18.59 -33.91 -0.27
C ALA A 25 -19.96 -33.62 0.36
N SER A 26 -20.22 -32.33 0.52
CA SER A 26 -21.54 -31.91 1.06
C SER A 26 -22.63 -32.22 0.03
N GLN A 27 -22.26 -32.29 -1.25
CA GLN A 27 -23.25 -32.52 -2.32
C GLN A 27 -22.71 -33.58 -3.29
N GLY A 28 -23.57 -34.08 -4.19
CA GLY A 28 -23.16 -35.11 -5.16
C GLY A 28 -22.08 -34.56 -6.08
N ILE A 29 -20.94 -35.22 -6.18
CA ILE A 29 -19.95 -34.69 -7.11
C ILE A 29 -19.62 -35.76 -8.18
N SER A 30 -20.48 -36.78 -8.28
CA SER A 30 -20.32 -37.93 -9.19
C SER A 30 -18.94 -38.52 -8.89
N SER A 31 -18.02 -38.63 -9.87
CA SER A 31 -16.68 -39.14 -9.60
C SER A 31 -15.58 -38.10 -9.88
N TRP A 32 -15.90 -36.81 -9.99
CA TRP A 32 -14.89 -35.81 -10.38
C TRP A 32 -14.09 -35.27 -9.18
N LEU A 33 -13.33 -36.18 -8.58
CA LEU A 33 -12.50 -35.86 -7.44
C LEU A 33 -11.09 -36.34 -7.75
N ALA A 34 -10.11 -35.49 -7.46
CA ALA A 34 -8.70 -35.80 -7.63
C ALA A 34 -7.97 -35.78 -6.30
N TRP A 35 -6.91 -36.57 -6.22
CA TRP A 35 -6.00 -36.60 -5.07
C TRP A 35 -4.62 -36.10 -5.49
N TYR A 36 -4.03 -35.28 -4.61
CA TYR A 36 -2.71 -34.67 -4.77
C TYR A 36 -1.80 -34.99 -3.57
N GLN A 37 -0.52 -35.12 -3.88
CA GLN A 37 0.58 -35.19 -2.92
C GLN A 37 1.41 -33.92 -2.90
N GLN A 38 1.59 -33.32 -1.71
CA GLN A 38 2.45 -32.16 -1.55
C GLN A 38 3.50 -32.44 -0.48
N LYS A 39 4.77 -32.51 -0.89
CA LYS A 39 5.86 -32.58 0.06
C LYS A 39 6.19 -31.15 0.53
N PRO A 40 6.79 -30.99 1.72
CA PRO A 40 7.08 -29.64 2.24
C PRO A 40 7.97 -28.81 1.32
N GLY A 41 7.49 -27.59 1.02
CA GLY A 41 8.26 -26.65 0.23
C GLY A 41 8.24 -26.94 -1.26
N LYS A 42 7.50 -27.95 -1.70
CA LYS A 42 7.42 -28.35 -3.09
C LYS A 42 6.02 -28.10 -3.61
N ALA A 43 5.90 -28.04 -4.93
CA ALA A 43 4.60 -27.93 -5.56
C ALA A 43 3.80 -29.23 -5.40
N PRO A 44 2.47 -29.14 -5.42
CA PRO A 44 1.67 -30.38 -5.40
C PRO A 44 1.94 -31.21 -6.64
N LYS A 45 1.81 -32.52 -6.50
CA LYS A 45 1.97 -33.46 -7.60
C LYS A 45 0.69 -34.25 -7.79
N LEU A 46 0.25 -34.35 -9.04
CA LEU A 46 -0.98 -35.10 -9.31
C LEU A 46 -0.75 -36.59 -9.09
N LEU A 47 -1.64 -37.19 -8.29
CA LEU A 47 -1.62 -38.62 -8.01
C LEU A 47 -2.77 -39.35 -8.68
N ILE A 48 -4.01 -38.90 -8.42
CA ILE A 48 -5.25 -39.57 -8.82
C ILE A 48 -6.21 -38.58 -9.45
N TYR A 49 -6.81 -38.98 -10.57
CA TYR A 49 -7.90 -38.23 -11.20
C TYR A 49 -9.08 -39.15 -11.47
N ALA A 50 -10.25 -38.51 -11.61
CA ALA A 50 -11.55 -39.17 -11.85
C ALA A 50 -11.86 -40.25 -10.80
N ALA A 51 -11.46 -39.97 -9.55
CA ALA A 51 -11.73 -40.70 -8.31
C ALA A 51 -10.89 -41.97 -8.20
N SER A 52 -10.59 -42.63 -9.33
CA SER A 52 -9.98 -43.95 -9.28
C SER A 52 -8.95 -44.21 -10.37
N SER A 53 -8.73 -43.28 -11.29
CA SER A 53 -7.78 -43.49 -12.38
C SER A 53 -6.38 -43.03 -11.97
N LEU A 54 -5.40 -43.92 -12.09
CA LEU A 54 -4.04 -43.59 -11.69
C LEU A 54 -3.30 -42.75 -12.74
N GLN A 55 -2.77 -41.61 -12.31
CA GLN A 55 -1.97 -40.76 -13.18
C GLN A 55 -0.66 -41.47 -13.55
N SER A 56 -0.22 -41.25 -14.80
CA SER A 56 1.03 -41.85 -15.29
C SER A 56 2.21 -41.47 -14.41
N GLY A 57 3.03 -42.47 -14.08
CA GLY A 57 4.22 -42.29 -13.29
C GLY A 57 3.99 -42.44 -11.80
N VAL A 58 2.74 -42.47 -11.35
CA VAL A 58 2.44 -42.63 -9.93
C VAL A 58 2.49 -44.12 -9.60
N PRO A 59 3.20 -44.51 -8.53
CA PRO A 59 3.30 -45.91 -8.12
C PRO A 59 1.95 -46.61 -7.91
N SER A 60 1.94 -47.92 -8.14
CA SER A 60 0.72 -48.72 -8.11
C SER A 60 0.17 -48.92 -6.70
N ARG A 61 0.93 -48.60 -5.65
CA ARG A 61 0.46 -48.72 -4.28
C ARG A 61 -0.61 -47.69 -3.94
N PHE A 62 -0.78 -46.66 -4.76
CA PHE A 62 -1.85 -45.68 -4.61
C PHE A 62 -3.09 -46.17 -5.32
N SER A 63 -4.23 -46.02 -4.65
CA SER A 63 -5.51 -46.36 -5.27
C SER A 63 -6.60 -45.44 -4.73
N GLY A 64 -7.53 -45.08 -5.61
CA GLY A 64 -8.68 -44.28 -5.23
C GLY A 64 -9.98 -45.03 -5.47
N SER A 65 -10.97 -44.72 -4.64
CA SER A 65 -12.31 -45.29 -4.79
C SER A 65 -13.33 -44.27 -4.34
N GLY A 66 -14.59 -44.53 -4.66
CA GLY A 66 -15.69 -43.72 -4.20
C GLY A 66 -16.49 -43.12 -5.35
N SER A 67 -17.66 -42.60 -4.97
CA SER A 67 -18.54 -41.92 -5.91
C SER A 67 -19.55 -41.10 -5.13
N GLY A 68 -20.18 -40.15 -5.84
CA GLY A 68 -21.21 -39.35 -5.22
C GLY A 68 -20.62 -38.35 -4.27
N THR A 69 -20.67 -38.74 -3.00
CA THR A 69 -20.25 -37.93 -1.88
C THR A 69 -19.14 -38.57 -1.09
N ASP A 70 -18.82 -39.86 -1.33
CA ASP A 70 -17.89 -40.56 -0.44
C ASP A 70 -16.71 -41.09 -1.25
N PHE A 71 -15.48 -40.69 -0.85
CA PHE A 71 -14.28 -41.07 -1.59
C PHE A 71 -13.19 -41.53 -0.61
N THR A 72 -12.31 -42.41 -1.09
CA THR A 72 -11.23 -43.00 -0.31
C THR A 72 -9.93 -43.04 -1.10
N LEU A 73 -8.82 -42.59 -0.48
CA LEU A 73 -7.46 -42.82 -0.92
C LEU A 73 -6.77 -43.90 -0.10
N THR A 74 -6.14 -44.87 -0.76
CA THR A 74 -5.43 -45.93 -0.07
C THR A 74 -3.99 -46.01 -0.54
N ILE A 75 -3.04 -46.01 0.39
CA ILE A 75 -1.66 -46.40 0.14
C ILE A 75 -1.51 -47.76 0.80
N SER A 76 -1.41 -48.81 -0.02
CA SER A 76 -1.51 -50.17 0.48
C SER A 76 -0.29 -50.54 1.32
N SER A 77 0.88 -49.99 0.98
CA SER A 77 2.15 -50.24 1.68
C SER A 77 2.97 -48.96 1.73
N LEU A 78 2.93 -48.23 2.85
CA LEU A 78 3.58 -46.91 2.91
C LEU A 78 5.09 -47.02 2.70
N GLN A 79 5.63 -46.18 1.82
CA GLN A 79 7.09 -46.15 1.59
C GLN A 79 7.66 -44.78 2.01
N PRO A 80 8.91 -44.66 2.49
CA PRO A 80 9.43 -43.35 2.98
C PRO A 80 9.13 -42.13 2.11
N GLU A 81 9.11 -42.26 0.80
CA GLU A 81 8.86 -41.03 0.06
C GLU A 81 7.39 -40.63 0.06
N ASP A 82 6.49 -41.45 0.60
CA ASP A 82 5.07 -41.07 0.53
C ASP A 82 4.63 -40.22 1.71
N PHE A 83 5.51 -39.96 2.67
CA PHE A 83 5.27 -38.96 3.70
C PHE A 83 5.07 -37.61 3.02
N ALA A 84 3.90 -37.00 3.24
CA ALA A 84 3.49 -35.75 2.60
C ALA A 84 2.13 -35.35 3.16
N THR A 85 1.67 -34.18 2.74
CA THR A 85 0.27 -33.83 2.95
C THR A 85 -0.52 -34.12 1.68
N TYR A 86 -1.66 -34.79 1.85
CA TYR A 86 -2.53 -35.21 0.77
C TYR A 86 -3.83 -34.41 0.76
N TYR A 87 -4.20 -33.94 -0.43
CA TYR A 87 -5.39 -33.09 -0.64
C TYR A 87 -6.34 -33.73 -1.65
N CYS A 88 -7.63 -33.73 -1.35
CA CYS A 88 -8.64 -33.99 -2.36
C CYS A 88 -9.14 -32.67 -2.97
N GLN A 89 -9.58 -32.74 -4.24
CA GLN A 89 -10.09 -31.58 -4.98
C GLN A 89 -11.29 -32.00 -5.83
N GLN A 90 -12.39 -31.27 -5.72
CA GLN A 90 -13.54 -31.48 -6.61
C GLN A 90 -13.49 -30.61 -7.86
N ALA A 91 -13.87 -31.23 -8.98
CA ALA A 91 -13.90 -30.56 -10.27
C ALA A 91 -15.30 -30.62 -10.89
N ASN A 92 -16.33 -30.80 -10.05
CA ASN A 92 -17.70 -30.90 -10.57
C ASN A 92 -18.33 -29.56 -10.92
N SER A 93 -18.17 -28.55 -10.07
CA SER A 93 -18.80 -27.25 -10.31
C SER A 93 -17.94 -26.16 -9.71
N PHE A 94 -18.12 -24.97 -10.24
CA PHE A 94 -17.44 -23.87 -9.60
C PHE A 94 -18.19 -23.44 -8.34
N PRO A 95 -17.46 -22.93 -7.33
CA PRO A 95 -15.98 -22.98 -7.13
C PRO A 95 -15.32 -24.33 -6.94
N LEU A 96 -14.09 -24.52 -7.42
CA LEU A 96 -13.33 -25.71 -7.08
C LEU A 96 -12.90 -25.62 -5.62
N THR A 97 -13.01 -26.72 -4.88
CA THR A 97 -12.67 -26.70 -3.47
C THR A 97 -11.75 -27.86 -3.10
N PHE A 98 -10.90 -27.59 -2.12
CA PHE A 98 -9.95 -28.56 -1.59
C PHE A 98 -10.38 -28.98 -0.19
N GLY A 99 -10.01 -30.20 0.19
CA GLY A 99 -10.07 -30.60 1.57
C GLY A 99 -9.06 -29.85 2.43
N GLY A 100 -9.16 -30.07 3.74
CA GLY A 100 -8.32 -29.37 4.68
C GLY A 100 -6.89 -29.86 4.76
N GLY A 101 -6.58 -30.96 4.09
CA GLY A 101 -5.28 -31.61 4.01
C GLY A 101 -5.12 -32.66 5.09
N THR A 102 -4.38 -33.71 4.75
CA THR A 102 -3.96 -34.73 5.70
C THR A 102 -2.44 -34.84 5.68
N LYS A 103 -1.82 -34.53 6.79
CA LYS A 103 -0.38 -34.67 6.93
C LYS A 103 -0.17 -36.17 7.28
N VAL A 104 0.66 -36.90 6.52
CA VAL A 104 0.96 -38.32 6.91
C VAL A 104 2.30 -38.36 7.66
N ASP A 105 2.30 -38.91 8.89
CA ASP A 105 3.52 -38.90 9.75
C ASP A 105 4.31 -40.19 9.70
N ILE A 106 5.55 -40.16 10.19
CA ILE A 106 6.38 -41.40 10.31
C ILE A 106 6.25 -41.90 11.76
N LYS A 107 5.77 -43.13 11.93
CA LYS A 107 5.61 -43.68 13.27
C LYS A 107 6.88 -44.14 13.95
N ARG A 108 6.94 -43.80 15.23
CA ARG A 108 7.96 -44.19 16.18
C ARG A 108 7.25 -44.37 17.51
N THR A 109 7.98 -44.85 18.50
CA THR A 109 7.44 -45.01 19.83
C THR A 109 7.15 -43.64 20.46
N VAL A 110 6.18 -43.63 21.38
CA VAL A 110 5.77 -42.40 22.06
C VAL A 110 6.97 -41.85 22.82
N ALA A 111 7.21 -40.54 22.68
CA ALA A 111 8.28 -39.86 23.42
C ALA A 111 7.74 -38.61 24.10
N ALA A 112 7.92 -38.54 25.41
CA ALA A 112 7.48 -37.38 26.16
C ALA A 112 8.41 -36.20 25.89
N PRO A 113 7.89 -34.97 25.94
CA PRO A 113 8.76 -33.80 25.73
C PRO A 113 9.56 -33.47 26.99
N SER A 114 10.82 -33.09 26.78
CA SER A 114 11.51 -32.30 27.78
C SER A 114 11.06 -30.84 27.72
N VAL A 115 10.68 -30.27 28.86
CA VAL A 115 10.08 -28.94 28.89
C VAL A 115 11.06 -27.99 29.56
N PHE A 116 11.27 -26.82 28.93
CA PHE A 116 12.13 -25.76 29.45
C PHE A 116 11.43 -24.41 29.36
N ILE A 117 11.74 -23.52 30.29
CA ILE A 117 11.19 -22.16 30.26
C ILE A 117 12.34 -21.15 30.33
N PHE A 118 12.20 -20.06 29.57
CA PHE A 118 13.23 -19.04 29.47
C PHE A 118 12.62 -17.68 29.79
N PRO A 119 13.04 -17.01 30.87
CA PRO A 119 12.63 -15.63 31.09
C PRO A 119 13.21 -14.69 30.04
N PRO A 120 12.61 -13.50 29.86
CA PRO A 120 13.22 -12.50 28.97
C PRO A 120 14.57 -12.01 29.51
N SER A 121 15.45 -11.63 28.59
CA SER A 121 16.72 -11.04 29.00
C SER A 121 16.49 -9.60 29.48
N ASP A 122 17.41 -9.12 30.33
CA ASP A 122 17.38 -7.72 30.78
C ASP A 122 17.52 -6.76 29.62
N GLU A 123 18.22 -7.20 28.58
CA GLU A 123 18.33 -6.35 27.39
C GLU A 123 16.90 -6.14 26.86
N GLN A 124 16.18 -7.22 26.58
CA GLN A 124 14.79 -7.08 26.11
C GLN A 124 14.05 -6.14 27.05
N LEU A 125 14.20 -6.36 28.35
CA LEU A 125 13.46 -5.56 29.36
C LEU A 125 13.81 -4.07 29.25
N LYS A 126 14.87 -3.69 28.53
CA LYS A 126 15.14 -2.26 28.31
C LYS A 126 14.33 -1.68 27.15
N SER A 127 13.84 -2.55 26.24
CA SER A 127 13.08 -2.12 25.08
C SER A 127 11.57 -2.00 25.33
N GLY A 128 11.06 -2.49 26.46
CA GLY A 128 9.65 -2.30 26.77
C GLY A 128 8.76 -3.48 26.51
N THR A 129 9.31 -4.59 26.04
CA THR A 129 8.60 -5.82 25.74
C THR A 129 9.27 -6.94 26.54
N ALA A 130 8.50 -7.97 26.86
CA ALA A 130 8.97 -9.16 27.56
C ALA A 130 8.53 -10.38 26.76
N SER A 131 9.47 -11.26 26.43
CA SER A 131 9.12 -12.52 25.79
C SER A 131 9.51 -13.65 26.73
N VAL A 132 8.50 -14.42 27.18
CA VAL A 132 8.73 -15.65 27.93
C VAL A 132 8.58 -16.84 26.99
N VAL A 133 9.56 -17.75 26.99
CA VAL A 133 9.58 -18.82 25.99
C VAL A 133 9.47 -20.19 26.68
N CYS A 134 8.51 -21.00 26.24
CA CYS A 134 8.40 -22.40 26.67
C CYS A 134 8.84 -23.27 25.50
N LEU A 135 9.81 -24.13 25.75
CA LEU A 135 10.38 -25.01 24.73
C LEU A 135 9.92 -26.42 25.07
N LEU A 136 9.32 -27.08 24.09
CA LEU A 136 9.07 -28.52 24.10
C LEU A 136 10.05 -29.27 23.21
N ASN A 137 10.90 -30.11 23.80
CA ASN A 137 12.03 -30.72 23.11
C ASN A 137 11.76 -32.21 22.91
N ASN A 138 11.81 -32.65 21.64
CA ASN A 138 11.87 -34.07 21.23
C ASN A 138 10.70 -34.90 21.74
N PHE A 139 9.53 -34.71 21.11
CA PHE A 139 8.36 -35.46 21.54
C PHE A 139 7.66 -36.09 20.36
N TYR A 140 6.81 -37.09 20.65
CA TYR A 140 5.97 -37.75 19.65
C TYR A 140 4.76 -38.34 20.37
N PRO A 141 3.55 -38.34 19.76
CA PRO A 141 3.08 -37.71 18.52
C PRO A 141 3.04 -36.22 18.59
N ARG A 142 2.66 -35.51 17.51
CA ARG A 142 2.74 -34.05 17.53
C ARG A 142 1.76 -33.43 18.54
N GLU A 143 0.61 -34.08 18.79
CA GLU A 143 -0.40 -33.42 19.62
C GLU A 143 0.06 -33.29 21.06
N ALA A 144 0.16 -32.03 21.46
CA ALA A 144 0.48 -31.52 22.77
C ALA A 144 -0.28 -30.22 22.92
N LYS A 145 -0.64 -29.92 24.16
CA LYS A 145 -1.34 -28.70 24.49
C LYS A 145 -0.43 -27.89 25.42
N VAL A 146 -0.26 -26.61 25.10
CA VAL A 146 0.56 -25.72 25.92
C VAL A 146 -0.34 -24.59 26.40
N GLN A 147 -0.39 -24.43 27.72
CA GLN A 147 -1.12 -23.33 28.34
C GLN A 147 -0.16 -22.49 29.15
N TRP A 148 -0.27 -21.18 29.01
CA TRP A 148 0.56 -20.27 29.79
C TRP A 148 -0.26 -19.76 30.97
N LYS A 149 0.36 -19.72 32.14
CA LYS A 149 -0.23 -19.11 33.32
C LYS A 149 0.73 -18.12 33.94
N VAL A 150 0.26 -16.92 34.21
CA VAL A 150 1.04 -15.91 34.91
C VAL A 150 0.34 -15.65 36.22
N ASP A 151 1.01 -16.02 37.33
CA ASP A 151 0.45 -16.04 38.68
C ASP A 151 -0.88 -16.78 38.72
N ASN A 152 -0.95 -17.93 38.02
CA ASN A 152 -2.06 -18.88 37.95
C ASN A 152 -3.24 -18.34 37.16
N ALA A 153 -3.11 -17.20 36.50
CA ALA A 153 -4.16 -16.70 35.63
C ALA A 153 -3.85 -17.17 34.22
N LEU A 154 -4.84 -17.79 33.60
CA LEU A 154 -4.70 -18.30 32.24
C LEU A 154 -4.53 -17.18 31.23
N GLN A 155 -3.48 -17.28 30.42
CA GLN A 155 -3.25 -16.30 29.38
C GLN A 155 -3.90 -16.76 28.09
N SER A 156 -4.38 -15.80 27.29
CA SER A 156 -5.00 -16.11 26.02
C SER A 156 -4.73 -14.99 25.03
N GLY A 157 -4.35 -15.34 23.81
CA GLY A 157 -4.25 -14.37 22.75
C GLY A 157 -2.90 -13.69 22.65
N ASN A 158 -1.96 -14.04 23.53
CA ASN A 158 -0.66 -13.37 23.61
C ASN A 158 0.50 -14.36 23.48
N SER A 159 0.23 -15.57 22.99
CA SER A 159 1.29 -16.54 22.75
C SER A 159 1.22 -17.05 21.31
N GLN A 160 2.37 -17.43 20.79
CA GLN A 160 2.48 -18.03 19.47
C GLN A 160 3.33 -19.30 19.52
N GLU A 161 2.93 -20.33 18.76
CA GLU A 161 3.65 -21.59 18.74
C GLU A 161 4.31 -21.81 17.37
N SER A 162 5.41 -22.56 17.39
CA SER A 162 6.10 -23.02 16.18
C SER A 162 6.59 -24.44 16.35
N VAL A 163 6.31 -25.31 15.38
CA VAL A 163 6.68 -26.73 15.42
C VAL A 163 7.66 -27.02 14.28
N THR A 164 8.73 -27.76 14.57
CA THR A 164 9.73 -28.21 13.61
C THR A 164 9.14 -29.23 12.66
N GLU A 165 9.77 -29.40 11.50
CA GLU A 165 9.47 -30.61 10.76
C GLU A 165 10.05 -31.82 11.51
N GLN A 166 9.61 -33.01 11.11
CA GLN A 166 10.03 -34.24 11.77
C GLN A 166 11.53 -34.50 11.60
N ASP A 167 12.18 -34.87 12.70
CA ASP A 167 13.62 -35.15 12.67
C ASP A 167 13.93 -36.40 11.85
N SER A 168 14.97 -36.32 11.02
CA SER A 168 15.26 -37.42 10.12
C SER A 168 15.91 -38.61 10.82
N LYS A 169 16.37 -38.43 12.07
CA LYS A 169 17.05 -39.50 12.79
C LYS A 169 16.14 -40.17 13.83
N ASP A 170 15.38 -39.41 14.61
CA ASP A 170 14.64 -39.99 15.71
C ASP A 170 13.14 -39.74 15.64
N SER A 171 12.68 -39.02 14.62
CA SER A 171 11.26 -38.81 14.26
C SER A 171 10.49 -37.96 15.26
N THR A 172 11.18 -37.21 16.13
CA THR A 172 10.49 -36.37 17.09
C THR A 172 10.22 -34.95 16.57
N TYR A 173 9.36 -34.24 17.31
CA TYR A 173 9.05 -32.83 17.12
C TYR A 173 9.57 -31.98 18.28
N SER A 174 9.76 -30.70 17.99
CA SER A 174 10.00 -29.67 18.99
C SER A 174 9.07 -28.48 18.75
N LEU A 175 8.73 -27.77 19.82
CA LEU A 175 7.78 -26.66 19.81
C LEU A 175 8.39 -25.51 20.59
N SER A 176 8.31 -24.31 20.02
CA SER A 176 8.64 -23.09 20.74
C SER A 176 7.36 -22.29 20.90
N SER A 177 7.04 -21.91 22.12
CA SER A 177 5.95 -20.99 22.41
C SER A 177 6.46 -19.69 22.99
N THR A 178 6.08 -18.57 22.39
CA THR A 178 6.55 -17.26 22.85
C THR A 178 5.33 -16.48 23.32
N LEU A 179 5.29 -16.21 24.62
CA LEU A 179 4.32 -15.31 25.26
C LEU A 179 4.92 -13.90 25.29
N THR A 180 4.18 -12.91 24.78
CA THR A 180 4.64 -11.53 24.65
C THR A 180 3.85 -10.60 25.55
N LEU A 181 4.57 -9.79 26.35
CA LEU A 181 4.03 -8.82 27.29
C LEU A 181 4.74 -7.48 27.17
N SER A 182 4.11 -6.44 27.72
CA SER A 182 4.80 -5.18 28.02
C SER A 182 5.76 -5.38 29.20
N LYS A 183 6.80 -4.51 29.28
CA LYS A 183 7.74 -4.52 30.41
C LYS A 183 7.05 -4.34 31.78
N ALA A 184 6.09 -3.42 31.83
CA ALA A 184 5.36 -3.09 33.05
C ALA A 184 4.59 -4.29 33.58
N ASP A 185 3.92 -5.01 32.67
CA ASP A 185 3.15 -6.19 33.05
C ASP A 185 4.08 -7.28 33.55
N TYR A 186 5.27 -7.37 32.92
CA TYR A 186 6.23 -8.43 33.32
C TYR A 186 6.75 -8.13 34.72
N GLU A 187 6.91 -6.84 35.04
CA GLU A 187 7.45 -6.46 36.37
C GLU A 187 6.32 -6.46 37.40
N LYS A 188 5.10 -6.78 37.00
CA LYS A 188 4.01 -6.64 37.98
C LYS A 188 3.58 -8.03 38.43
N HIS A 189 4.20 -9.04 37.87
CA HIS A 189 3.83 -10.38 38.28
C HIS A 189 5.06 -11.19 38.66
N LYS A 190 4.83 -12.30 39.37
CA LYS A 190 5.95 -13.04 39.96
C LYS A 190 6.17 -14.42 39.36
N VAL A 191 5.14 -15.27 39.32
CA VAL A 191 5.32 -16.68 38.96
C VAL A 191 4.85 -16.81 37.52
N TYR A 192 5.75 -17.26 36.65
CA TYR A 192 5.43 -17.53 35.26
C TYR A 192 5.56 -19.02 35.00
N ALA A 193 4.51 -19.65 34.47
CA ALA A 193 4.49 -21.09 34.29
C ALA A 193 3.96 -21.46 32.92
N CYS A 194 4.58 -22.46 32.31
CA CYS A 194 4.09 -23.11 31.10
C CYS A 194 3.70 -24.53 31.48
N GLU A 195 2.44 -24.88 31.22
CA GLU A 195 1.86 -26.17 31.52
C GLU A 195 1.65 -26.96 30.23
N VAL A 196 2.11 -28.20 30.24
CA VAL A 196 2.17 -29.06 29.07
C VAL A 196 1.30 -30.29 29.30
N THR A 197 0.42 -30.55 28.33
CA THR A 197 -0.36 -31.78 28.23
C THR A 197 0.10 -32.52 26.98
N HIS A 198 0.35 -33.82 27.11
CA HIS A 198 0.82 -34.61 25.98
C HIS A 198 0.45 -36.05 26.25
N GLN A 199 0.19 -36.80 25.16
CA GLN A 199 -0.20 -38.21 25.25
C GLN A 199 0.78 -39.04 26.07
N GLY A 200 2.07 -38.71 25.95
CA GLY A 200 3.11 -39.46 26.63
C GLY A 200 3.26 -39.13 28.10
N LEU A 201 2.53 -38.14 28.59
CA LEU A 201 2.62 -37.75 30.00
C LEU A 201 1.40 -38.21 30.77
N SER A 202 1.66 -38.89 31.89
CA SER A 202 0.64 -39.39 32.80
C SER A 202 -0.06 -38.27 33.55
N SER A 203 0.62 -37.14 33.77
CA SER A 203 0.07 -35.95 34.39
C SER A 203 0.66 -34.72 33.72
N PRO A 204 -0.03 -33.56 33.81
CA PRO A 204 0.53 -32.33 33.22
C PRO A 204 1.88 -31.99 33.79
N VAL A 205 2.80 -31.56 32.93
CA VAL A 205 4.11 -31.11 33.40
C VAL A 205 4.09 -29.59 33.41
N THR A 206 4.48 -29.00 34.54
CA THR A 206 4.53 -27.55 34.67
C THR A 206 5.98 -27.15 34.91
N LYS A 207 6.49 -26.24 34.08
CA LYS A 207 7.76 -25.58 34.36
C LYS A 207 7.50 -24.11 34.65
N SER A 208 8.16 -23.59 35.69
CA SER A 208 7.89 -22.23 36.11
C SER A 208 9.16 -21.57 36.64
N PHE A 209 9.13 -20.24 36.68
CA PHE A 209 10.14 -19.45 37.36
C PHE A 209 9.47 -18.29 38.11
N ASN A 210 10.13 -17.83 39.18
CA ASN A 210 9.70 -16.64 39.88
C ASN A 210 10.56 -15.45 39.47
N ARG A 211 9.91 -14.44 38.87
CA ARG A 211 10.59 -13.25 38.34
C ARG A 211 11.44 -12.51 39.38
N GLY A 212 10.96 -12.45 40.63
CA GLY A 212 11.66 -11.72 41.69
C GLY A 212 12.94 -12.35 42.17
N GLU A 213 13.20 -13.58 41.78
CA GLU A 213 14.36 -14.34 42.17
C GLU A 213 15.33 -14.44 41.00
N CYS A 214 14.96 -13.80 39.88
CA CYS A 214 15.72 -13.74 38.65
C CYS A 214 16.19 -12.32 38.37
N GLN B 1 9.90 -31.29 -22.58
CA GLN B 1 9.40 -31.49 -21.22
C GLN B 1 8.47 -30.35 -20.83
N VAL B 2 7.31 -30.71 -20.30
CA VAL B 2 6.32 -29.74 -19.83
C VAL B 2 6.85 -29.00 -18.60
N GLN B 3 6.91 -27.68 -18.67
CA GLN B 3 7.46 -26.87 -17.59
C GLN B 3 6.62 -25.61 -17.43
N LEU B 4 6.40 -25.24 -16.18
CA LEU B 4 5.81 -23.96 -15.78
C LEU B 4 6.77 -23.20 -14.87
N VAL B 5 7.18 -22.00 -15.28
CA VAL B 5 8.16 -21.22 -14.51
C VAL B 5 7.48 -19.91 -14.11
N GLN B 6 7.35 -19.69 -12.81
CA GLN B 6 6.66 -18.52 -12.28
C GLN B 6 7.62 -17.41 -11.88
N SER B 7 7.16 -16.16 -12.05
CA SER B 7 7.91 -14.99 -11.62
C SER B 7 6.96 -13.85 -11.23
N GLY B 8 7.50 -12.84 -10.55
CA GLY B 8 6.78 -11.62 -10.23
C GLY B 8 6.34 -11.45 -8.79
N GLY B 9 6.42 -12.49 -7.96
CA GLY B 9 6.09 -12.39 -6.55
C GLY B 9 7.02 -11.49 -5.77
N GLY B 10 6.60 -11.13 -4.57
CA GLY B 10 7.43 -10.28 -3.75
C GLY B 10 6.62 -9.52 -2.72
N LEU B 11 7.29 -8.54 -2.14
CA LEU B 11 6.70 -7.68 -1.12
C LEU B 11 5.88 -6.58 -1.79
N VAL B 12 4.65 -6.38 -1.32
CA VAL B 12 3.76 -5.33 -1.81
C VAL B 12 3.12 -4.67 -0.59
N GLN B 13 2.91 -3.36 -0.72
CA GLN B 13 2.27 -2.56 0.33
C GLN B 13 0.77 -2.87 0.31
N PRO B 14 0.10 -2.83 1.47
CA PRO B 14 -1.37 -2.97 1.51
C PRO B 14 -2.05 -1.95 0.62
N GLY B 15 -3.02 -2.42 -0.19
CA GLY B 15 -3.69 -1.56 -1.12
C GLY B 15 -3.05 -1.50 -2.48
N GLY B 16 -1.85 -2.05 -2.60
CA GLY B 16 -1.09 -2.03 -3.83
C GLY B 16 -1.50 -3.08 -4.85
N SER B 17 -0.69 -3.17 -5.90
CA SER B 17 -0.91 -4.07 -7.01
C SER B 17 0.37 -4.83 -7.33
N LEU B 18 0.21 -6.04 -7.87
CA LEU B 18 1.33 -6.88 -8.25
C LEU B 18 0.89 -7.74 -9.43
N ARG B 19 1.82 -8.02 -10.35
CA ARG B 19 1.51 -8.86 -11.49
C ARG B 19 2.37 -10.11 -11.43
N LEU B 20 1.71 -11.27 -11.44
CA LEU B 20 2.35 -12.58 -11.49
C LEU B 20 2.40 -13.12 -12.91
N SER B 21 3.48 -13.83 -13.23
CA SER B 21 3.65 -14.49 -14.51
C SER B 21 3.95 -15.97 -14.34
N CYS B 22 3.47 -16.76 -15.30
CA CYS B 22 3.70 -18.20 -15.40
C CYS B 22 4.04 -18.48 -16.86
N ALA B 23 5.32 -18.73 -17.15
CA ALA B 23 5.77 -19.04 -18.49
C ALA B 23 5.64 -20.54 -18.71
N ALA B 24 4.97 -20.92 -19.79
CA ALA B 24 4.73 -22.33 -20.10
C ALA B 24 5.60 -22.75 -21.27
N SER B 25 6.14 -23.97 -21.18
CA SER B 25 6.89 -24.54 -22.29
C SER B 25 6.66 -26.04 -22.33
N GLY B 26 6.80 -26.61 -23.53
CA GLY B 26 6.77 -28.04 -23.72
C GLY B 26 5.41 -28.62 -24.06
N PHE B 27 4.38 -27.78 -24.20
CA PHE B 27 3.07 -28.24 -24.62
C PHE B 27 2.33 -27.08 -25.28
N THR B 28 1.26 -27.42 -25.98
CA THR B 28 0.43 -26.40 -26.63
C THR B 28 -0.49 -25.71 -25.62
N PHE B 29 -0.08 -24.53 -25.17
CA PHE B 29 -0.73 -23.77 -24.11
C PHE B 29 -2.17 -23.42 -24.50
N SER B 30 -2.39 -23.15 -25.80
CA SER B 30 -3.69 -22.66 -26.23
C SER B 30 -4.74 -23.75 -26.21
N SER B 31 -4.33 -25.02 -26.06
CA SER B 31 -5.22 -26.15 -26.07
C SER B 31 -5.68 -26.49 -24.66
N TYR B 32 -5.12 -25.85 -23.63
CA TYR B 32 -5.42 -26.22 -22.26
C TYR B 32 -5.92 -25.03 -21.45
N ALA B 33 -6.93 -25.28 -20.63
CA ALA B 33 -7.29 -24.39 -19.53
C ALA B 33 -6.21 -24.34 -18.44
N MET B 34 -6.17 -23.18 -17.77
CA MET B 34 -5.17 -22.98 -16.69
C MET B 34 -5.85 -22.43 -15.44
N SER B 35 -5.23 -22.58 -14.26
CA SER B 35 -5.73 -22.10 -12.98
C SER B 35 -4.60 -21.50 -12.13
N TRP B 36 -5.00 -20.58 -11.23
CA TRP B 36 -4.19 -20.17 -10.08
C TRP B 36 -4.79 -20.75 -8.82
N VAL B 37 -3.92 -21.30 -7.98
CA VAL B 37 -4.19 -21.84 -6.65
C VAL B 37 -3.21 -21.16 -5.68
N ARG B 38 -3.64 -20.90 -4.44
CA ARG B 38 -2.77 -20.25 -3.47
C ARG B 38 -2.73 -21.03 -2.15
N GLN B 39 -1.67 -20.78 -1.37
CA GLN B 39 -1.48 -21.44 -0.07
C GLN B 39 -0.92 -20.49 0.99
N ALA B 40 -1.81 -20.13 1.95
CA ALA B 40 -1.53 -19.36 3.17
C ALA B 40 -0.57 -20.13 4.10
N PRO B 41 0.17 -19.43 4.98
CA PRO B 41 1.13 -20.14 5.86
C PRO B 41 0.52 -21.23 6.72
N GLY B 42 0.99 -22.46 6.52
CA GLY B 42 0.53 -23.52 7.36
C GLY B 42 -0.85 -24.02 7.03
N LYS B 43 -1.45 -23.53 5.95
CA LYS B 43 -2.81 -23.84 5.57
C LYS B 43 -2.85 -24.70 4.33
N GLY B 44 -4.06 -25.05 3.93
CA GLY B 44 -4.26 -25.86 2.74
C GLY B 44 -4.24 -25.04 1.47
N LEU B 45 -4.58 -25.70 0.38
CA LEU B 45 -4.57 -25.08 -0.93
C LEU B 45 -5.92 -24.41 -1.16
N GLU B 46 -5.89 -23.26 -1.83
CA GLU B 46 -7.14 -22.56 -2.13
C GLU B 46 -7.08 -22.11 -3.58
N TRP B 47 -8.06 -22.54 -4.34
CA TRP B 47 -8.26 -22.12 -5.72
C TRP B 47 -8.72 -20.68 -5.91
N VAL B 48 -8.12 -20.00 -6.88
CA VAL B 48 -8.31 -18.58 -7.10
C VAL B 48 -9.04 -18.30 -8.41
N SER B 49 -8.53 -18.87 -9.51
CA SER B 49 -9.13 -18.53 -10.80
C SER B 49 -8.74 -19.53 -11.91
N ALA B 50 -9.52 -19.51 -12.98
CA ALA B 50 -9.27 -20.33 -14.16
C ALA B 50 -9.67 -19.57 -15.43
N ILE B 51 -9.00 -19.93 -16.53
CA ILE B 51 -9.27 -19.40 -17.86
C ILE B 51 -9.15 -20.55 -18.86
N SER B 52 -10.08 -20.59 -19.82
CA SER B 52 -10.15 -21.58 -20.88
C SER B 52 -8.96 -21.36 -21.83
N GLY B 53 -8.71 -22.34 -22.71
CA GLY B 53 -7.60 -22.24 -23.65
C GLY B 53 -7.60 -21.02 -24.57
N SER B 54 -8.78 -20.55 -24.97
CA SER B 54 -8.86 -19.38 -25.85
C SER B 54 -8.81 -18.05 -25.11
N GLY B 55 -9.12 -18.02 -23.82
CA GLY B 55 -9.20 -16.79 -23.07
C GLY B 55 -10.58 -16.17 -23.01
N GLY B 56 -11.60 -16.84 -23.56
CA GLY B 56 -12.93 -16.28 -23.67
C GLY B 56 -13.77 -16.38 -22.41
N SER B 57 -13.42 -17.31 -21.53
CA SER B 57 -14.13 -17.55 -20.28
C SER B 57 -13.18 -17.44 -19.11
N THR B 58 -13.60 -16.70 -18.08
CA THR B 58 -12.81 -16.58 -16.87
C THR B 58 -13.70 -17.00 -15.72
N TYR B 59 -13.08 -17.61 -14.70
CA TYR B 59 -13.80 -18.03 -13.50
C TYR B 59 -13.01 -17.62 -12.28
N TYR B 60 -13.71 -17.20 -11.22
CA TYR B 60 -13.09 -16.71 -9.98
C TYR B 60 -13.80 -17.28 -8.75
N ALA B 61 -13.00 -17.57 -7.73
CA ALA B 61 -13.51 -17.81 -6.38
C ALA B 61 -14.19 -16.55 -5.82
N ASP B 62 -15.14 -16.77 -4.90
CA ASP B 62 -15.89 -15.64 -4.35
C ASP B 62 -15.01 -14.65 -3.60
N SER B 63 -13.98 -15.14 -2.92
CA SER B 63 -13.12 -14.31 -2.09
C SER B 63 -12.29 -13.33 -2.91
N VAL B 64 -12.17 -13.57 -4.22
CA VAL B 64 -11.25 -12.83 -5.06
C VAL B 64 -11.90 -12.15 -6.27
N LYS B 65 -13.19 -12.42 -6.57
CA LYS B 65 -13.87 -11.85 -7.74
C LYS B 65 -13.90 -10.31 -7.78
N GLY B 66 -13.53 -9.73 -8.93
CA GLY B 66 -13.54 -8.29 -9.03
C GLY B 66 -12.27 -7.58 -8.59
N ARG B 67 -11.40 -8.28 -7.87
CA ARG B 67 -10.19 -7.72 -7.30
C ARG B 67 -8.89 -8.13 -7.97
N PHE B 68 -8.83 -9.38 -8.39
CA PHE B 68 -7.63 -9.85 -9.11
C PHE B 68 -8.06 -10.03 -10.53
N THR B 69 -7.11 -10.03 -11.44
CA THR B 69 -7.47 -10.24 -12.83
C THR B 69 -6.51 -11.23 -13.48
N ILE B 70 -7.03 -12.39 -13.88
CA ILE B 70 -6.29 -13.40 -14.62
C ILE B 70 -6.39 -13.09 -16.11
N SER B 71 -5.24 -13.18 -16.78
CA SER B 71 -5.09 -12.97 -18.21
C SER B 71 -4.01 -13.90 -18.72
N ARG B 72 -3.93 -14.02 -20.04
CA ARG B 72 -2.95 -14.87 -20.69
C ARG B 72 -2.50 -14.20 -21.97
N ASP B 73 -1.22 -14.38 -22.28
CA ASP B 73 -0.64 -14.01 -23.56
C ASP B 73 -0.21 -15.28 -24.27
N ASN B 74 -1.09 -15.75 -25.16
CA ASN B 74 -0.83 -16.99 -25.89
C ASN B 74 0.32 -16.80 -26.84
N SER B 75 0.61 -15.57 -27.28
CA SER B 75 1.73 -15.36 -28.18
C SER B 75 3.09 -15.50 -27.46
N LYS B 76 3.16 -15.30 -26.14
CA LYS B 76 4.41 -15.39 -25.39
C LYS B 76 4.35 -16.61 -24.49
N ASN B 77 3.21 -17.29 -24.55
CA ASN B 77 2.81 -18.45 -23.81
C ASN B 77 2.99 -18.23 -22.31
N THR B 78 2.56 -17.07 -21.82
CA THR B 78 2.71 -16.71 -20.40
C THR B 78 1.37 -16.42 -19.76
N LEU B 79 0.98 -17.11 -18.68
CA LEU B 79 -0.27 -16.80 -17.93
C LEU B 79 0.01 -15.63 -17.00
N TYR B 80 -1.02 -15.02 -16.46
CA TYR B 80 -0.72 -13.84 -15.60
C TYR B 80 -1.79 -13.63 -14.56
N LEU B 81 -1.46 -12.82 -13.56
CA LEU B 81 -2.46 -12.45 -12.55
C LEU B 81 -2.11 -11.06 -12.05
N GLN B 82 -2.88 -10.07 -12.50
CA GLN B 82 -2.79 -8.72 -11.98
C GLN B 82 -3.60 -8.68 -10.69
N MET B 83 -2.96 -8.33 -9.59
CA MET B 83 -3.58 -8.33 -8.28
C MET B 83 -3.70 -6.88 -7.78
N ASN B 84 -4.93 -6.41 -7.55
CA ASN B 84 -5.21 -5.07 -7.05
C ASN B 84 -5.88 -5.13 -5.67
N SER B 85 -5.83 -3.96 -5.00
CA SER B 85 -6.42 -3.72 -3.68
C SER B 85 -6.02 -4.78 -2.64
N LEU B 86 -4.72 -5.05 -2.54
CA LEU B 86 -4.22 -6.13 -1.71
C LEU B 86 -4.39 -5.98 -0.20
N ARG B 87 -4.67 -7.13 0.44
CA ARG B 87 -4.81 -7.28 1.88
C ARG B 87 -3.79 -8.28 2.40
N ALA B 88 -3.56 -8.22 3.71
CA ALA B 88 -2.63 -9.12 4.41
C ALA B 88 -2.94 -10.59 4.19
N GLU B 89 -4.23 -10.95 4.07
CA GLU B 89 -4.63 -12.33 3.93
C GLU B 89 -4.30 -12.93 2.56
N ASP B 90 -3.90 -12.09 1.60
CA ASP B 90 -3.54 -12.59 0.28
C ASP B 90 -2.09 -13.05 0.22
N THR B 91 -1.33 -12.85 1.30
CA THR B 91 0.02 -13.35 1.41
C THR B 91 -0.02 -14.87 1.29
N ALA B 92 0.67 -15.41 0.28
CA ALA B 92 0.61 -16.85 0.01
C ALA B 92 1.62 -17.22 -1.07
N VAL B 93 1.88 -18.52 -1.16
CA VAL B 93 2.51 -19.06 -2.37
C VAL B 93 1.44 -19.31 -3.43
N TYR B 94 1.66 -18.77 -4.63
CA TYR B 94 0.76 -18.94 -5.77
C TYR B 94 1.34 -19.90 -6.81
N TYR B 95 0.54 -20.90 -7.17
CA TYR B 95 0.85 -21.91 -8.17
C TYR B 95 -0.03 -21.70 -9.41
N CYS B 96 0.59 -21.73 -10.59
CA CYS B 96 -0.12 -21.92 -11.85
C CYS B 96 -0.20 -23.41 -12.20
N ALA B 97 -1.31 -23.79 -12.85
CA ALA B 97 -1.58 -25.21 -13.15
C ALA B 97 -2.35 -25.47 -14.44
N ARG B 98 -2.05 -26.62 -15.07
CA ARG B 98 -2.68 -27.08 -16.32
C ARG B 98 -3.90 -27.94 -16.01
N ASP B 99 -5.01 -27.63 -16.66
CA ASP B 99 -6.16 -28.50 -16.56
C ASP B 99 -5.89 -29.62 -17.56
N SER B 100 -5.56 -30.81 -17.07
CA SER B 100 -5.18 -31.85 -18.01
C SER B 100 -6.35 -32.76 -18.38
N GLY B 101 -7.57 -32.33 -18.15
CA GLY B 101 -8.72 -33.15 -18.49
C GLY B 101 -9.29 -33.61 -17.16
N SER B 102 -10.62 -33.62 -17.06
CA SER B 102 -11.35 -34.04 -15.84
C SER B 102 -10.91 -33.34 -14.55
N GLY B 103 -10.37 -32.13 -14.65
CA GLY B 103 -10.05 -31.31 -13.50
C GLY B 103 -8.79 -31.67 -12.75
N ARG B 104 -7.95 -32.53 -13.29
CA ARG B 104 -6.69 -32.83 -12.66
C ARG B 104 -5.65 -31.78 -13.05
N PHE B 105 -4.75 -31.46 -12.13
CA PHE B 105 -3.79 -30.38 -12.33
C PHE B 105 -2.46 -31.11 -12.53
N ASP B 106 -1.86 -30.90 -13.70
CA ASP B 106 -0.57 -31.36 -14.20
C ASP B 106 -0.05 -30.58 -15.39
N PRO B 107 1.12 -29.95 -15.29
CA PRO B 107 2.01 -29.83 -14.12
C PRO B 107 1.67 -28.66 -13.22
N TRP B 108 2.26 -28.57 -12.03
CA TRP B 108 2.23 -27.35 -11.22
C TRP B 108 3.53 -26.58 -11.44
N GLY B 109 3.45 -25.26 -11.50
CA GLY B 109 4.64 -24.42 -11.37
C GLY B 109 5.26 -24.53 -9.98
N GLN B 110 6.45 -23.91 -9.80
CA GLN B 110 7.11 -24.08 -8.50
C GLN B 110 6.47 -23.23 -7.42
N GLY B 111 5.66 -22.26 -7.80
CA GLY B 111 5.03 -21.35 -6.88
C GLY B 111 5.87 -20.10 -6.71
N THR B 112 5.20 -19.00 -6.38
CA THR B 112 5.92 -17.78 -6.06
C THR B 112 5.26 -17.11 -4.88
N LEU B 113 6.07 -16.67 -3.93
CA LEU B 113 5.59 -16.06 -2.70
C LEU B 113 5.27 -14.59 -2.89
N VAL B 114 4.04 -14.23 -2.53
CA VAL B 114 3.59 -12.85 -2.40
C VAL B 114 3.39 -12.55 -0.92
N THR B 115 4.09 -11.52 -0.45
CA THR B 115 3.94 -11.06 0.92
C THR B 115 3.34 -9.68 0.81
N VAL B 116 2.13 -9.53 1.33
CA VAL B 116 1.50 -8.23 1.33
C VAL B 116 1.72 -7.65 2.72
N SER B 117 2.63 -6.68 2.81
CA SER B 117 2.92 -6.15 4.13
C SER B 117 3.50 -4.76 3.94
N SER B 118 3.19 -3.92 4.90
CA SER B 118 3.69 -2.55 5.04
C SER B 118 5.01 -2.44 5.78
N ALA B 119 6.08 -3.06 5.33
CA ALA B 119 7.23 -2.89 6.21
C ALA B 119 8.54 -2.73 5.47
N SER B 120 9.49 -2.21 6.23
CA SER B 120 10.85 -1.96 5.71
C SER B 120 11.77 -3.10 6.12
N THR B 121 12.97 -3.13 5.55
CA THR B 121 13.95 -4.16 5.96
C THR B 121 14.44 -3.78 7.34
N LYS B 122 14.41 -4.70 8.29
CA LYS B 122 14.96 -4.43 9.64
C LYS B 122 15.90 -5.55 10.06
N GLY B 123 17.10 -5.22 10.56
CA GLY B 123 17.91 -6.30 11.05
C GLY B 123 17.36 -6.72 12.40
N PRO B 124 17.60 -7.97 12.80
CA PRO B 124 17.01 -8.48 14.03
C PRO B 124 17.79 -8.07 15.27
N SER B 125 17.06 -7.98 16.37
CA SER B 125 17.69 -8.07 17.68
C SER B 125 17.77 -9.52 18.14
N VAL B 126 18.89 -9.88 18.74
CA VAL B 126 19.13 -11.24 19.22
C VAL B 126 19.30 -11.21 20.74
N PHE B 127 18.48 -11.98 21.44
CA PHE B 127 18.42 -12.09 22.89
C PHE B 127 18.69 -13.51 23.37
N PRO B 128 19.40 -13.67 24.49
CA PRO B 128 19.64 -15.03 24.99
C PRO B 128 18.37 -15.62 25.58
N LEU B 129 18.16 -16.89 25.28
CA LEU B 129 17.27 -17.79 26.02
C LEU B 129 18.08 -18.58 27.03
N ALA B 130 18.17 -18.07 28.22
CA ALA B 130 19.12 -18.63 29.17
C ALA B 130 18.44 -19.46 30.26
N PRO B 131 19.02 -20.62 30.61
CA PRO B 131 18.55 -21.36 31.79
C PRO B 131 18.95 -20.65 33.09
N SER B 132 18.72 -21.25 34.24
CA SER B 132 19.24 -20.54 35.38
C SER B 132 20.55 -21.16 35.81
N SER B 133 21.24 -20.50 36.76
CA SER B 133 22.45 -21.09 37.32
C SER B 133 22.21 -22.42 38.05
N LYS B 134 20.99 -22.67 38.53
CA LYS B 134 20.68 -23.87 39.31
C LYS B 134 20.18 -25.01 38.41
N SER B 135 21.13 -25.66 37.76
CA SER B 135 20.83 -26.82 36.93
C SER B 135 21.61 -27.99 37.50
N THR B 136 20.92 -29.11 37.75
CA THR B 136 21.66 -30.30 38.19
C THR B 136 22.48 -30.75 37.01
N SER B 137 23.77 -30.92 37.24
CA SER B 137 24.70 -31.40 36.22
C SER B 137 24.50 -32.89 35.96
N GLY B 138 24.26 -33.22 34.71
CA GLY B 138 24.16 -34.60 34.29
C GLY B 138 22.86 -34.61 33.55
N GLY B 139 22.02 -33.63 33.87
CA GLY B 139 20.74 -33.48 33.23
C GLY B 139 20.95 -32.83 31.88
N THR B 140 19.84 -32.53 31.25
CA THR B 140 19.90 -31.87 29.96
C THR B 140 19.45 -30.43 30.17
N ALA B 141 20.27 -29.48 29.73
CA ALA B 141 19.94 -28.08 29.80
C ALA B 141 19.67 -27.56 28.39
N ALA B 142 18.65 -26.72 28.28
CA ALA B 142 18.36 -26.03 27.03
C ALA B 142 18.80 -24.58 27.12
N LEU B 143 19.35 -24.08 26.03
CA LEU B 143 19.67 -22.67 25.91
C LEU B 143 19.42 -22.31 24.46
N GLY B 144 19.33 -21.02 24.19
CA GLY B 144 19.03 -20.64 22.83
C GLY B 144 19.14 -19.16 22.60
N CYS B 145 18.69 -18.75 21.43
CA CYS B 145 18.63 -17.35 21.05
C CYS B 145 17.25 -17.06 20.48
N LEU B 146 16.67 -15.96 20.94
CA LEU B 146 15.45 -15.41 20.38
C LEU B 146 15.86 -14.34 19.37
N VAL B 147 15.54 -14.59 18.11
CA VAL B 147 15.78 -13.68 17.01
C VAL B 147 14.47 -12.95 16.74
N LYS B 148 14.45 -11.64 17.04
CA LYS B 148 13.24 -10.86 17.16
C LYS B 148 13.27 -9.67 16.22
N ASP B 149 12.12 -9.43 15.57
CA ASP B 149 11.76 -8.20 14.87
C ASP B 149 12.62 -7.96 13.64
N TYR B 150 12.49 -8.80 12.62
CA TYR B 150 13.22 -8.61 11.38
C TYR B 150 12.27 -8.83 10.21
N PHE B 151 12.64 -8.28 9.05
CA PHE B 151 11.86 -8.52 7.83
C PHE B 151 12.91 -8.14 6.79
N PRO B 152 13.09 -8.90 5.70
CA PRO B 152 12.52 -10.22 5.40
C PRO B 152 13.30 -11.41 5.92
N GLU B 153 12.77 -12.58 5.62
CA GLU B 153 13.56 -13.78 5.94
C GLU B 153 14.66 -13.79 4.88
N PRO B 154 15.70 -14.62 4.99
CA PRO B 154 15.91 -15.50 6.14
C PRO B 154 16.91 -14.96 7.14
N VAL B 155 16.90 -15.51 8.35
CA VAL B 155 18.05 -15.43 9.22
C VAL B 155 18.62 -16.83 9.29
N THR B 156 19.93 -16.95 9.26
CA THR B 156 20.57 -18.23 9.49
C THR B 156 21.22 -18.22 10.87
N VAL B 157 21.08 -19.32 11.59
CA VAL B 157 21.65 -19.48 12.92
C VAL B 157 22.50 -20.74 12.89
N SER B 158 23.77 -20.58 13.28
CA SER B 158 24.63 -21.72 13.54
C SER B 158 25.07 -21.60 14.99
N TRP B 159 25.65 -22.66 15.53
CA TRP B 159 26.09 -22.63 16.92
C TRP B 159 27.57 -22.95 17.00
N ASN B 160 28.29 -22.12 17.78
CA ASN B 160 29.74 -22.21 17.98
C ASN B 160 30.50 -22.34 16.65
N SER B 161 30.12 -21.47 15.70
CA SER B 161 30.73 -21.33 14.37
C SER B 161 30.66 -22.62 13.56
N GLY B 162 29.61 -23.41 13.79
CA GLY B 162 29.35 -24.63 13.04
C GLY B 162 29.83 -25.88 13.74
N ALA B 163 30.48 -25.76 14.88
CA ALA B 163 31.03 -26.90 15.60
C ALA B 163 29.94 -27.66 16.34
N LEU B 164 28.91 -26.95 16.80
CA LEU B 164 27.79 -27.54 17.51
C LEU B 164 26.62 -27.69 16.54
N THR B 165 26.35 -28.94 16.15
CA THR B 165 25.33 -29.29 15.18
C THR B 165 24.32 -30.26 15.75
N SER B 166 24.69 -31.00 16.79
CA SER B 166 23.84 -31.98 17.41
C SER B 166 22.84 -31.29 18.32
N SER B 167 21.59 -31.75 18.27
CA SER B 167 20.49 -31.28 19.11
C SER B 167 20.15 -29.81 18.87
N VAL B 168 20.39 -29.29 17.66
CA VAL B 168 19.96 -27.93 17.34
C VAL B 168 18.63 -27.98 16.60
N HIS B 169 17.70 -27.14 17.05
CA HIS B 169 16.41 -26.89 16.43
C HIS B 169 16.25 -25.41 16.19
N THR B 170 16.29 -25.02 14.91
CA THR B 170 15.90 -23.67 14.49
C THR B 170 14.44 -23.73 14.06
N PHE B 171 13.60 -23.03 14.80
CA PHE B 171 12.16 -23.11 14.59
C PHE B 171 11.75 -22.21 13.43
N PRO B 172 10.72 -22.61 12.68
CA PRO B 172 10.13 -21.69 11.68
C PRO B 172 9.74 -20.36 12.31
N ALA B 173 10.02 -19.29 11.57
CA ALA B 173 9.68 -17.94 12.03
C ALA B 173 8.18 -17.73 12.16
N VAL B 174 7.77 -16.96 13.16
CA VAL B 174 6.38 -16.57 13.31
C VAL B 174 6.28 -15.08 13.00
N LEU B 175 5.22 -14.73 12.30
CA LEU B 175 4.86 -13.34 11.98
C LEU B 175 4.03 -12.73 13.11
N GLN B 176 4.57 -11.70 13.74
CA GLN B 176 4.00 -10.96 14.86
C GLN B 176 2.94 -9.99 14.36
N SER B 177 2.16 -9.44 15.31
CA SER B 177 1.11 -8.49 14.95
C SER B 177 1.71 -7.22 14.35
N SER B 178 2.96 -6.91 14.70
CA SER B 178 3.71 -5.76 14.21
C SER B 178 4.09 -5.86 12.73
N GLY B 179 4.00 -7.04 12.13
CA GLY B 179 4.49 -7.27 10.78
C GLY B 179 5.93 -7.72 10.66
N LEU B 180 6.63 -7.88 11.77
CA LEU B 180 8.01 -8.35 11.84
C LEU B 180 8.04 -9.82 12.24
N TYR B 181 9.09 -10.52 11.81
CA TYR B 181 9.24 -11.95 12.10
C TYR B 181 9.97 -12.19 13.42
N SER B 182 9.71 -13.36 14.01
CA SER B 182 10.42 -13.82 15.19
C SER B 182 10.61 -15.33 15.11
N LEU B 183 11.78 -15.81 15.52
CA LEU B 183 12.04 -17.23 15.65
C LEU B 183 13.00 -17.46 16.79
N SER B 184 13.06 -18.71 17.23
CA SER B 184 14.01 -19.12 18.25
C SER B 184 14.89 -20.23 17.68
N SER B 185 16.16 -20.19 18.03
CA SER B 185 17.07 -21.30 17.76
C SER B 185 17.59 -21.81 19.08
N VAL B 186 17.44 -23.11 19.32
CA VAL B 186 17.81 -23.68 20.61
C VAL B 186 18.69 -24.91 20.45
N VAL B 187 19.47 -25.16 21.50
CA VAL B 187 20.30 -26.35 21.57
C VAL B 187 20.23 -26.87 23.01
N THR B 188 20.18 -28.20 23.16
CA THR B 188 20.28 -28.88 24.45
C THR B 188 21.67 -29.47 24.58
N VAL B 189 22.25 -29.32 25.77
CA VAL B 189 23.60 -29.74 26.11
C VAL B 189 23.58 -30.38 27.48
N PRO B 190 24.58 -31.18 27.82
CA PRO B 190 24.68 -31.65 29.22
C PRO B 190 24.83 -30.45 30.15
N SER B 191 24.05 -30.49 31.24
CA SER B 191 24.02 -29.42 32.26
C SER B 191 25.39 -29.17 32.87
N SER B 192 26.26 -30.18 32.89
CA SER B 192 27.59 -30.08 33.48
C SER B 192 28.51 -29.17 32.70
N SER B 193 28.12 -28.81 31.49
CA SER B 193 28.94 -28.01 30.59
C SER B 193 28.75 -26.51 30.76
N LEU B 194 27.68 -26.09 31.44
CA LEU B 194 27.32 -24.67 31.54
C LEU B 194 28.37 -23.79 32.21
N GLY B 195 29.26 -24.36 33.05
CA GLY B 195 30.27 -23.56 33.73
C GLY B 195 31.61 -23.47 33.06
N THR B 196 31.87 -24.35 32.09
CA THR B 196 33.19 -24.48 31.48
C THR B 196 33.19 -24.20 29.99
N GLN B 197 32.03 -24.31 29.33
CA GLN B 197 31.88 -24.17 27.89
C GLN B 197 31.00 -22.97 27.54
N THR B 198 31.42 -22.22 26.52
CA THR B 198 30.64 -21.09 26.00
C THR B 198 29.74 -21.47 24.81
N TYR B 199 28.52 -20.97 24.83
CA TYR B 199 27.59 -21.25 23.74
C TYR B 199 27.20 -19.94 23.09
N ILE B 200 27.55 -19.83 21.81
CA ILE B 200 27.36 -18.64 20.98
C ILE B 200 26.56 -19.02 19.73
N CYS B 201 25.41 -18.37 19.54
CA CYS B 201 24.66 -18.45 18.30
C CYS B 201 25.18 -17.42 17.31
N ASN B 202 25.41 -17.84 16.08
CA ASN B 202 25.83 -16.97 14.97
C ASN B 202 24.61 -16.70 14.12
N VAL B 203 24.14 -15.45 14.11
CA VAL B 203 22.94 -15.04 13.39
C VAL B 203 23.37 -14.18 12.22
N ASN B 204 22.90 -14.53 11.02
CA ASN B 204 23.18 -13.79 9.79
C ASN B 204 21.85 -13.43 9.15
N HIS B 205 21.58 -12.13 9.04
CA HIS B 205 20.46 -11.60 8.29
C HIS B 205 21.00 -10.82 7.09
N LYS B 206 21.08 -11.48 5.93
CA LYS B 206 21.72 -10.90 4.75
C LYS B 206 20.99 -9.69 4.17
N PRO B 207 19.63 -9.61 4.11
CA PRO B 207 19.00 -8.41 3.52
C PRO B 207 19.33 -7.09 4.22
N SER B 208 19.55 -7.11 5.53
CA SER B 208 19.85 -5.91 6.28
C SER B 208 21.32 -5.81 6.64
N ASN B 209 22.16 -6.75 6.16
CA ASN B 209 23.59 -6.83 6.47
C ASN B 209 23.86 -6.89 7.98
N THR B 210 23.06 -7.66 8.71
CA THR B 210 23.22 -7.77 10.14
C THR B 210 23.90 -9.09 10.44
N LYS B 211 25.01 -9.00 11.16
CA LYS B 211 25.72 -10.18 11.67
C LYS B 211 25.88 -10.01 13.17
N VAL B 212 25.36 -10.97 13.94
CA VAL B 212 25.36 -10.91 15.41
C VAL B 212 25.86 -12.22 15.97
N ASP B 213 26.85 -12.16 16.86
CA ASP B 213 27.17 -13.33 17.66
C ASP B 213 26.63 -13.09 19.05
N LYS B 214 25.75 -13.98 19.52
CA LYS B 214 25.15 -13.77 20.84
C LYS B 214 25.35 -15.00 21.72
N LYS B 215 25.83 -14.75 22.92
CA LYS B 215 26.09 -15.85 23.85
C LYS B 215 24.91 -16.03 24.80
N ALA B 216 24.50 -17.27 25.00
CA ALA B 216 23.33 -17.55 25.85
C ALA B 216 23.78 -17.95 27.25
N GLU B 217 24.86 -17.35 27.75
CA GLU B 217 25.30 -17.62 29.14
C GLU B 217 24.09 -17.42 30.05
N PRO B 218 23.97 -18.17 31.15
CA PRO B 218 22.78 -18.09 31.96
C PRO B 218 22.73 -16.98 32.97
N LYS B 219 21.80 -17.13 33.91
CA LYS B 219 21.64 -16.12 34.98
C LYS B 219 21.36 -16.85 36.29
N SER B 220 21.73 -16.27 37.42
CA SER B 220 21.40 -16.87 38.72
C SER B 220 19.96 -16.54 39.10
N CYS B 221 19.09 -17.51 38.87
CA CYS B 221 17.69 -17.44 39.30
C CYS B 221 17.45 -18.44 40.43
N ASP C 1 -3.97 0.27 38.97
CA ASP C 1 -4.29 1.65 38.61
C ASP C 1 -5.58 2.06 39.31
N ILE C 2 -5.62 3.27 39.86
CA ILE C 2 -6.89 3.78 40.39
C ILE C 2 -7.83 3.97 39.21
N GLN C 3 -8.97 3.30 39.23
CA GLN C 3 -9.95 3.40 38.16
C GLN C 3 -10.96 4.51 38.43
N MET C 4 -11.17 5.37 37.44
CA MET C 4 -12.15 6.44 37.56
C MET C 4 -13.37 6.12 36.69
N THR C 5 -14.52 6.05 37.32
CA THR C 5 -15.79 5.79 36.67
C THR C 5 -16.60 7.07 36.72
N GLN C 6 -16.92 7.63 35.56
CA GLN C 6 -17.68 8.87 35.50
C GLN C 6 -19.11 8.54 35.11
N SER C 7 -20.07 9.23 35.73
CA SER C 7 -21.44 8.96 35.33
C SER C 7 -22.27 10.23 35.36
N PRO C 8 -23.27 10.34 34.47
CA PRO C 8 -23.48 9.51 33.25
C PRO C 8 -22.45 9.74 32.14
N SER C 9 -22.42 8.89 31.10
CA SER C 9 -21.51 9.12 29.98
C SER C 9 -21.91 10.32 29.14
N SER C 10 -23.19 10.65 29.09
CA SER C 10 -23.65 11.84 28.39
C SER C 10 -24.89 12.37 29.08
N VAL C 11 -25.02 13.69 29.05
CA VAL C 11 -26.17 14.40 29.60
C VAL C 11 -26.54 15.50 28.61
N SER C 12 -27.82 15.62 28.31
CA SER C 12 -28.35 16.71 27.49
C SER C 12 -29.25 17.62 28.31
N ALA C 13 -28.89 18.91 28.38
CA ALA C 13 -29.61 19.87 29.19
C ALA C 13 -29.67 21.20 28.45
N SER C 14 -30.65 22.01 28.84
CA SER C 14 -30.96 23.31 28.27
C SER C 14 -30.14 24.40 28.94
N VAL C 15 -29.98 25.50 28.21
CA VAL C 15 -29.36 26.71 28.75
C VAL C 15 -30.09 27.11 30.03
N GLY C 16 -29.35 27.37 31.10
CA GLY C 16 -29.95 27.72 32.36
C GLY C 16 -30.12 26.57 33.32
N ASP C 17 -30.03 25.34 32.82
CA ASP C 17 -30.24 24.16 33.65
C ASP C 17 -29.09 23.96 34.63
N ARG C 18 -29.36 23.28 35.74
CA ARG C 18 -28.30 22.81 36.63
C ARG C 18 -27.88 21.42 36.17
N VAL C 19 -26.58 21.19 36.05
CA VAL C 19 -26.04 19.89 35.67
C VAL C 19 -25.08 19.38 36.74
N THR C 20 -25.19 18.09 37.05
CA THR C 20 -24.33 17.43 38.02
C THR C 20 -23.69 16.24 37.31
N ILE C 21 -22.36 16.14 37.42
CA ILE C 21 -21.59 15.03 36.88
C ILE C 21 -20.84 14.39 38.05
N THR C 22 -20.89 13.07 38.16
CA THR C 22 -20.20 12.40 39.26
C THR C 22 -18.99 11.64 38.76
N CYS C 23 -18.02 11.50 39.66
CA CYS C 23 -16.79 10.75 39.45
C CYS C 23 -16.50 9.89 40.67
N ARG C 24 -16.33 8.59 40.42
CA ARG C 24 -16.08 7.61 41.47
C ARG C 24 -14.69 7.03 41.25
N ALA C 25 -13.88 7.08 42.30
CA ALA C 25 -12.56 6.46 42.29
C ALA C 25 -12.64 5.04 42.83
N SER C 26 -11.84 4.14 42.26
CA SER C 26 -11.89 2.76 42.72
C SER C 26 -11.29 2.59 44.12
N GLN C 27 -10.54 3.57 44.60
CA GLN C 27 -10.04 3.61 45.96
C GLN C 27 -9.90 5.07 46.36
N GLY C 28 -9.75 5.30 47.66
CA GLY C 28 -9.66 6.65 48.21
C GLY C 28 -8.50 7.51 47.72
N ILE C 29 -8.78 8.72 47.26
CA ILE C 29 -7.73 9.61 46.76
C ILE C 29 -7.79 10.94 47.52
N SER C 30 -8.44 10.92 48.69
CA SER C 30 -8.68 12.10 49.53
C SER C 30 -9.46 13.06 48.64
N SER C 31 -8.97 14.26 48.38
CA SER C 31 -9.64 15.24 47.51
C SER C 31 -8.82 15.54 46.26
N TRP C 32 -7.90 14.66 45.88
CA TRP C 32 -6.94 14.93 44.82
C TRP C 32 -7.53 14.62 43.44
N LEU C 33 -8.55 15.40 43.10
CA LEU C 33 -9.28 15.30 41.84
C LEU C 33 -9.35 16.64 41.16
N ALA C 34 -9.08 16.65 39.86
CA ALA C 34 -9.23 17.85 39.05
C ALA C 34 -10.29 17.59 37.99
N TRP C 35 -10.98 18.65 37.60
CA TRP C 35 -11.92 18.61 36.49
C TRP C 35 -11.42 19.51 35.38
N TYR C 36 -11.55 19.00 34.15
CA TYR C 36 -11.19 19.66 32.91
C TYR C 36 -12.38 19.72 31.97
N GLN C 37 -12.43 20.80 31.22
CA GLN C 37 -13.31 21.00 30.08
C GLN C 37 -12.55 20.91 28.77
N GLN C 38 -12.99 20.02 27.87
CA GLN C 38 -12.40 19.91 26.54
C GLN C 38 -13.47 20.12 25.49
N LYS C 39 -13.34 21.19 24.73
CA LYS C 39 -14.15 21.42 23.56
C LYS C 39 -13.56 20.66 22.38
N PRO C 40 -14.38 20.30 21.37
CA PRO C 40 -13.88 19.54 20.22
C PRO C 40 -12.73 20.24 19.49
N GLY C 41 -11.64 19.50 19.29
CA GLY C 41 -10.48 19.97 18.55
C GLY C 41 -9.56 20.91 19.32
N LYS C 42 -9.85 21.15 20.58
CA LYS C 42 -9.10 22.04 21.46
C LYS C 42 -8.45 21.23 22.57
N ALA C 43 -7.42 21.82 23.17
CA ALA C 43 -6.78 21.23 24.34
C ALA C 43 -7.73 21.32 25.55
N PRO C 44 -7.59 20.42 26.53
CA PRO C 44 -8.38 20.53 27.76
C PRO C 44 -8.06 21.82 28.51
N LYS C 45 -9.05 22.33 29.23
CA LYS C 45 -8.91 23.53 30.06
C LYS C 45 -9.22 23.19 31.51
N LEU C 46 -8.35 23.61 32.42
CA LEU C 46 -8.56 23.33 33.84
C LEU C 46 -9.71 24.13 34.42
N LEU C 47 -10.62 23.43 35.09
CA LEU C 47 -11.72 24.07 35.77
C LEU C 47 -11.55 24.03 37.28
N ILE C 48 -11.38 22.83 37.85
CA ILE C 48 -11.36 22.65 39.31
C ILE C 48 -10.19 21.78 39.73
N TYR C 49 -9.52 22.18 40.81
CA TYR C 49 -8.47 21.36 41.43
C TYR C 49 -8.78 21.20 42.92
N ALA C 50 -8.18 20.14 43.49
CA ALA C 50 -8.36 19.73 44.90
C ALA C 50 -9.84 19.57 45.26
N ALA C 51 -10.60 19.02 44.32
CA ALA C 51 -11.99 18.57 44.39
C ALA C 51 -12.99 19.73 44.38
N SER C 52 -12.62 20.89 44.96
CA SER C 52 -13.59 21.95 45.18
C SER C 52 -13.06 23.36 44.97
N SER C 53 -11.77 23.53 44.67
CA SER C 53 -11.16 24.85 44.46
C SER C 53 -11.29 25.30 43.01
N LEU C 54 -11.84 26.49 42.82
CA LEU C 54 -12.05 27.04 41.48
C LEU C 54 -10.77 27.64 40.92
N GLN C 55 -10.40 27.19 39.71
CA GLN C 55 -9.24 27.73 39.00
C GLN C 55 -9.49 29.19 38.62
N SER C 56 -8.41 29.98 38.67
CA SER C 56 -8.48 31.40 38.31
C SER C 56 -8.99 31.59 36.89
N GLY C 57 -9.94 32.51 36.73
CA GLY C 57 -10.50 32.84 35.44
C GLY C 57 -11.72 32.02 35.07
N VAL C 58 -11.98 30.95 35.79
CA VAL C 58 -13.14 30.09 35.53
C VAL C 58 -14.38 30.71 36.18
N PRO C 59 -15.49 30.83 35.44
CA PRO C 59 -16.74 31.39 36.00
C PRO C 59 -17.23 30.69 37.26
N SER C 60 -17.94 31.45 38.10
CA SER C 60 -18.36 30.98 39.41
C SER C 60 -19.49 29.96 39.36
N ARG C 61 -20.14 29.77 38.21
CA ARG C 61 -21.21 28.78 38.11
C ARG C 61 -20.70 27.34 38.19
N PHE C 62 -19.40 27.11 38.06
CA PHE C 62 -18.81 25.80 38.28
C PHE C 62 -18.48 25.65 39.77
N SER C 63 -18.82 24.49 40.33
CA SER C 63 -18.47 24.20 41.70
C SER C 63 -18.21 22.71 41.84
N GLY C 64 -17.25 22.35 42.70
CA GLY C 64 -16.94 20.97 42.98
C GLY C 64 -17.15 20.61 44.44
N SER C 65 -17.49 19.34 44.66
CA SER C 65 -17.66 18.80 46.01
C SER C 65 -17.23 17.34 45.98
N GLY C 66 -17.09 16.76 47.16
CA GLY C 66 -16.80 15.35 47.32
C GLY C 66 -15.50 15.10 48.06
N SER C 67 -15.35 13.84 48.46
CA SER C 67 -14.14 13.37 49.14
C SER C 67 -14.09 11.86 49.10
N GLY C 68 -12.88 11.34 49.37
CA GLY C 68 -12.70 9.90 49.42
C GLY C 68 -12.74 9.33 48.04
N THR C 69 -13.92 8.79 47.72
CA THR C 69 -14.13 8.10 46.48
C THR C 69 -15.22 8.74 45.64
N ASP C 70 -16.01 9.67 46.18
CA ASP C 70 -17.17 10.19 45.45
C ASP C 70 -17.05 11.70 45.31
N PHE C 71 -17.13 12.17 44.06
CA PHE C 71 -16.94 13.58 43.78
C PHE C 71 -18.03 14.03 42.82
N THR C 72 -18.41 15.31 42.89
CA THR C 72 -19.46 15.86 42.05
C THR C 72 -19.00 17.22 41.54
N LEU C 73 -19.14 17.44 40.24
CA LEU C 73 -19.06 18.75 39.61
C LEU C 73 -20.46 19.26 39.27
N THR C 74 -20.72 20.51 39.61
CA THR C 74 -22.01 21.14 39.37
C THR C 74 -21.81 22.40 38.54
N ILE C 75 -22.59 22.49 37.47
CA ILE C 75 -22.78 23.72 36.72
C ILE C 75 -24.16 24.22 37.10
N SER C 76 -24.21 25.30 37.89
CA SER C 76 -25.45 25.72 38.52
C SER C 76 -26.46 26.28 37.52
N SER C 77 -25.99 26.93 36.46
CA SER C 77 -26.86 27.50 35.43
C SER C 77 -26.16 27.33 34.09
N LEU C 78 -26.55 26.30 33.34
CA LEU C 78 -25.88 25.92 32.10
C LEU C 78 -25.99 27.03 31.05
N GLN C 79 -24.88 27.30 30.37
CA GLN C 79 -24.76 28.25 29.28
C GLN C 79 -24.35 27.60 27.95
N PRO C 80 -24.65 28.23 26.79
CA PRO C 80 -24.27 27.65 25.47
C PRO C 80 -22.81 27.30 25.30
N GLU C 81 -21.94 28.09 25.87
CA GLU C 81 -20.49 27.90 25.80
C GLU C 81 -20.00 26.78 26.74
N ASP C 82 -20.88 26.25 27.62
CA ASP C 82 -20.51 25.20 28.57
C ASP C 82 -20.72 23.77 28.03
N PHE C 83 -21.23 23.64 26.79
CA PHE C 83 -21.23 22.40 26.00
C PHE C 83 -19.80 21.96 25.72
N ALA C 84 -19.43 20.76 26.18
CA ALA C 84 -18.09 20.20 26.07
C ALA C 84 -18.05 18.79 26.64
N THR C 85 -16.92 18.10 26.54
CA THR C 85 -16.72 16.90 27.34
C THR C 85 -15.89 17.24 28.58
N TYR C 86 -16.36 16.76 29.72
CA TYR C 86 -15.75 17.00 31.03
C TYR C 86 -15.08 15.74 31.55
N TYR C 87 -13.86 15.90 32.02
CA TYR C 87 -13.06 14.79 32.50
C TYR C 87 -12.66 15.04 33.95
N CYS C 88 -12.80 14.01 34.78
CA CYS C 88 -12.17 14.01 36.10
C CYS C 88 -10.81 13.32 36.01
N GLN C 89 -9.90 13.73 36.89
CA GLN C 89 -8.54 13.19 36.94
C GLN C 89 -8.06 13.04 38.38
N GLN C 90 -7.56 11.86 38.74
CA GLN C 90 -6.92 11.69 40.04
C GLN C 90 -5.42 11.96 39.97
N ALA C 91 -4.92 12.66 40.98
CA ALA C 91 -3.51 13.00 41.08
C ALA C 91 -2.91 12.47 42.39
N ASN C 92 -3.53 11.46 42.98
CA ASN C 92 -3.06 10.91 44.25
C ASN C 92 -1.85 10.00 44.07
N SER C 93 -1.85 9.16 43.04
CA SER C 93 -0.75 8.23 42.84
C SER C 93 -0.56 7.99 41.35
N PHE C 94 0.67 7.60 40.99
CA PHE C 94 0.91 7.20 39.60
C PHE C 94 0.45 5.77 39.35
N PRO C 95 0.01 5.48 38.11
CA PRO C 95 -0.34 6.38 37.00
C PRO C 95 -1.53 7.29 37.21
N LEU C 96 -1.46 8.48 36.63
CA LEU C 96 -2.62 9.35 36.60
C LEU C 96 -3.69 8.78 35.70
N THR C 97 -4.94 8.82 36.13
CA THR C 97 -6.03 8.24 35.36
C THR C 97 -7.17 9.23 35.22
N PHE C 98 -7.87 9.14 34.09
CA PHE C 98 -9.01 10.00 33.81
C PHE C 98 -10.30 9.19 33.84
N GLY C 99 -11.39 9.87 34.19
CA GLY C 99 -12.72 9.33 33.97
C GLY C 99 -13.04 9.20 32.48
N GLY C 100 -14.17 8.56 32.20
CA GLY C 100 -14.52 8.34 30.81
C GLY C 100 -15.03 9.56 30.05
N GLY C 101 -15.29 10.65 30.74
CA GLY C 101 -15.79 11.87 30.12
C GLY C 101 -17.30 11.93 30.08
N THR C 102 -17.84 13.15 30.15
CA THR C 102 -19.29 13.35 30.00
C THR C 102 -19.52 14.44 28.99
N LYS C 103 -20.07 14.09 27.82
CA LYS C 103 -20.43 15.04 26.79
C LYS C 103 -21.74 15.72 27.20
N VAL C 104 -21.74 17.05 27.21
CA VAL C 104 -22.93 17.83 27.54
C VAL C 104 -23.46 18.49 26.26
N ASP C 105 -24.70 18.13 25.94
CA ASP C 105 -25.55 18.55 24.83
C ASP C 105 -26.61 19.54 25.24
N ILE C 106 -27.14 20.21 24.22
CA ILE C 106 -28.17 21.22 24.37
C ILE C 106 -29.45 20.46 24.17
N LYS C 107 -30.33 20.58 25.16
CA LYS C 107 -31.59 19.89 25.07
C LYS C 107 -32.59 20.60 24.19
N ARG C 108 -33.26 19.78 23.41
CA ARG C 108 -34.35 20.09 22.53
C ARG C 108 -35.28 18.88 22.60
N THR C 109 -36.42 19.02 21.95
CA THR C 109 -37.39 17.96 21.87
C THR C 109 -36.86 16.79 21.06
N VAL C 110 -37.40 15.60 21.35
CA VAL C 110 -37.02 14.39 20.67
C VAL C 110 -37.35 14.56 19.19
N ALA C 111 -36.42 14.18 18.30
CA ALA C 111 -36.64 14.25 16.86
C ALA C 111 -36.30 12.93 16.20
N ALA C 112 -37.26 12.39 15.46
CA ALA C 112 -37.09 11.12 14.77
C ALA C 112 -36.17 11.29 13.54
N PRO C 113 -35.41 10.24 13.19
CA PRO C 113 -34.57 10.31 11.98
C PRO C 113 -35.34 10.09 10.70
N SER C 114 -35.02 10.86 9.65
CA SER C 114 -35.30 10.40 8.30
C SER C 114 -34.25 9.38 7.90
N VAL C 115 -34.66 8.21 7.43
CA VAL C 115 -33.73 7.12 7.14
C VAL C 115 -33.70 6.89 5.64
N PHE C 116 -32.49 6.74 5.09
CA PHE C 116 -32.26 6.49 3.69
C PHE C 116 -31.29 5.33 3.50
N ILE C 117 -31.44 4.58 2.41
CA ILE C 117 -30.55 3.48 2.10
C ILE C 117 -30.00 3.69 0.69
N PHE C 118 -28.71 3.38 0.52
CA PHE C 118 -27.99 3.61 -0.74
C PHE C 118 -27.33 2.32 -1.19
N PRO C 119 -27.71 1.77 -2.36
CA PRO C 119 -26.96 0.63 -2.92
C PRO C 119 -25.56 1.04 -3.37
N PRO C 120 -24.63 0.06 -3.49
CA PRO C 120 -23.32 0.37 -4.05
C PRO C 120 -23.46 0.80 -5.50
N SER C 121 -22.55 1.67 -5.95
CA SER C 121 -22.56 2.02 -7.36
C SER C 121 -22.00 0.86 -8.18
N ASP C 122 -22.41 0.80 -9.46
CA ASP C 122 -21.87 -0.18 -10.40
C ASP C 122 -20.36 -0.02 -10.56
N GLU C 123 -19.89 1.24 -10.57
CA GLU C 123 -18.47 1.55 -10.66
C GLU C 123 -17.71 0.88 -9.54
N GLN C 124 -18.26 0.92 -8.32
CA GLN C 124 -17.60 0.28 -7.19
C GLN C 124 -17.61 -1.23 -7.40
N LEU C 125 -18.75 -1.79 -7.86
CA LEU C 125 -18.84 -3.24 -8.12
C LEU C 125 -17.80 -3.70 -9.12
N LYS C 126 -17.39 -2.82 -10.04
CA LYS C 126 -16.33 -3.19 -10.97
C LYS C 126 -14.98 -3.39 -10.26
N SER C 127 -14.80 -2.80 -9.07
CA SER C 127 -13.58 -2.90 -8.31
C SER C 127 -13.54 -4.10 -7.38
N GLY C 128 -14.67 -4.80 -7.19
CA GLY C 128 -14.71 -6.01 -6.39
C GLY C 128 -15.23 -5.82 -4.98
N THR C 129 -15.61 -4.61 -4.60
CA THR C 129 -16.13 -4.32 -3.27
C THR C 129 -17.49 -3.64 -3.43
N ALA C 130 -18.38 -3.84 -2.44
CA ALA C 130 -19.70 -3.23 -2.40
C ALA C 130 -19.90 -2.54 -1.06
N SER C 131 -20.26 -1.26 -1.09
CA SER C 131 -20.60 -0.52 0.13
C SER C 131 -22.06 -0.09 0.06
N VAL C 132 -22.88 -0.58 1.00
CA VAL C 132 -24.25 -0.10 1.19
C VAL C 132 -24.27 0.88 2.36
N VAL C 133 -24.87 2.04 2.14
CA VAL C 133 -24.82 3.09 3.15
C VAL C 133 -26.23 3.35 3.66
N CYS C 134 -26.40 3.30 4.98
CA CYS C 134 -27.63 3.68 5.65
C CYS C 134 -27.45 5.01 6.36
N LEU C 135 -28.29 5.96 6.05
CA LEU C 135 -28.23 7.31 6.62
C LEU C 135 -29.40 7.51 7.54
N LEU C 136 -29.12 7.87 8.77
CA LEU C 136 -30.13 8.42 9.65
C LEU C 136 -29.87 9.93 9.70
N ASN C 137 -30.81 10.71 9.19
CA ASN C 137 -30.65 12.14 8.95
C ASN C 137 -31.50 12.88 9.96
N ASN C 138 -30.87 13.80 10.71
CA ASN C 138 -31.57 14.79 11.53
C ASN C 138 -32.48 14.20 12.60
N PHE C 139 -31.86 13.69 13.67
CA PHE C 139 -32.56 13.06 14.77
C PHE C 139 -32.09 13.62 16.11
N TYR C 140 -32.90 13.37 17.15
CA TYR C 140 -32.51 13.75 18.49
C TYR C 140 -33.31 12.85 19.45
N PRO C 141 -32.68 12.29 20.51
CA PRO C 141 -31.29 12.46 20.97
C PRO C 141 -30.28 11.67 20.14
N ARG C 142 -29.00 11.80 20.54
CA ARG C 142 -27.86 11.30 19.78
C ARG C 142 -27.87 9.77 19.75
N GLU C 143 -28.46 9.14 20.77
CA GLU C 143 -28.45 7.70 20.93
C GLU C 143 -29.32 7.07 19.86
N ALA C 144 -28.73 6.20 19.04
CA ALA C 144 -29.45 5.47 18.02
C ALA C 144 -28.82 4.10 17.80
N LYS C 145 -29.65 3.13 17.43
CA LYS C 145 -29.17 1.78 17.14
C LYS C 145 -29.45 1.50 15.67
N VAL C 146 -28.38 1.11 14.95
CA VAL C 146 -28.47 0.81 13.51
C VAL C 146 -28.03 -0.63 13.27
N GLN C 147 -28.96 -1.52 13.03
CA GLN C 147 -28.58 -2.91 12.72
C GLN C 147 -28.55 -3.09 11.21
N TRP C 148 -28.14 -4.26 10.74
CA TRP C 148 -27.98 -4.51 9.29
C TRP C 148 -28.40 -5.93 9.03
N LYS C 149 -29.25 -6.12 8.04
CA LYS C 149 -29.74 -7.46 7.65
C LYS C 149 -29.57 -7.72 6.15
N VAL C 150 -28.96 -8.86 5.82
CA VAL C 150 -28.83 -9.33 4.44
C VAL C 150 -29.59 -10.64 4.34
N ASP C 151 -30.68 -10.66 3.54
CA ASP C 151 -31.65 -11.77 3.47
C ASP C 151 -32.11 -12.22 4.85
N ASN C 152 -32.39 -11.24 5.69
CA ASN C 152 -32.92 -11.33 7.04
C ASN C 152 -31.84 -11.86 8.00
N ALA C 153 -30.59 -12.05 7.57
CA ALA C 153 -29.60 -12.45 8.52
C ALA C 153 -28.95 -11.16 8.99
N LEU C 154 -28.93 -11.03 10.30
CA LEU C 154 -28.36 -9.89 11.00
C LEU C 154 -26.84 -9.83 10.83
N GLN C 155 -26.31 -8.68 10.40
CA GLN C 155 -24.87 -8.51 10.20
C GLN C 155 -24.14 -7.93 11.41
N SER C 156 -22.89 -8.36 11.56
CA SER C 156 -22.01 -7.90 12.65
C SER C 156 -20.56 -7.88 12.19
N GLY C 157 -19.86 -6.79 12.51
CA GLY C 157 -18.43 -6.70 12.31
C GLY C 157 -17.99 -6.20 10.95
N ASN C 158 -18.93 -5.88 10.07
CA ASN C 158 -18.61 -5.49 8.70
C ASN C 158 -19.23 -4.14 8.35
N SER C 159 -19.65 -3.37 9.35
CA SER C 159 -20.16 -2.03 9.17
C SER C 159 -19.40 -1.08 10.08
N GLN C 160 -19.32 0.17 9.66
CA GLN C 160 -18.71 1.24 10.45
C GLN C 160 -19.64 2.44 10.48
N GLU C 161 -19.73 3.10 11.64
CA GLU C 161 -20.61 4.26 11.79
C GLU C 161 -19.81 5.54 11.99
N SER C 162 -20.40 6.66 11.56
CA SER C 162 -19.87 7.99 11.81
C SER C 162 -20.98 8.97 12.15
N VAL C 163 -20.79 9.73 13.24
CA VAL C 163 -21.77 10.70 13.70
C VAL C 163 -21.14 12.09 13.63
N THR C 164 -21.90 13.05 13.10
CA THR C 164 -21.51 14.46 13.04
C THR C 164 -21.53 15.05 14.45
N GLU C 165 -20.83 16.17 14.62
CA GLU C 165 -21.08 16.96 15.82
C GLU C 165 -22.48 17.56 15.77
N GLN C 166 -22.93 18.08 16.92
CA GLN C 166 -24.28 18.62 17.01
C GLN C 166 -24.43 19.81 16.08
N ASP C 167 -25.54 19.82 15.34
CA ASP C 167 -25.79 20.90 14.40
C ASP C 167 -26.05 22.22 15.11
N SER C 168 -25.43 23.27 14.60
CA SER C 168 -25.47 24.58 15.23
C SER C 168 -26.79 25.30 15.03
N LYS C 169 -27.66 24.81 14.13
CA LYS C 169 -28.93 25.46 13.82
C LYS C 169 -30.11 24.77 14.49
N ASP C 170 -30.20 23.44 14.46
CA ASP C 170 -31.39 22.74 14.94
C ASP C 170 -31.06 21.73 16.04
N SER C 171 -29.78 21.62 16.42
CA SER C 171 -29.27 20.84 17.55
C SER C 171 -29.40 19.34 17.32
N THR C 172 -29.60 18.94 16.08
CA THR C 172 -29.72 17.53 15.73
C THR C 172 -28.38 16.90 15.37
N TYR C 173 -28.39 15.57 15.32
CA TYR C 173 -27.30 14.71 14.83
C TYR C 173 -27.70 13.99 13.55
N SER C 174 -26.69 13.59 12.79
CA SER C 174 -26.83 12.66 11.67
C SER C 174 -25.80 11.54 11.78
N LEU C 175 -26.16 10.36 11.27
CA LEU C 175 -25.33 9.16 11.36
C LEU C 175 -25.28 8.45 10.02
N SER C 176 -24.08 8.05 9.62
CA SER C 176 -23.90 7.17 8.47
C SER C 176 -23.35 5.82 8.93
N SER C 177 -24.00 4.73 8.52
CA SER C 177 -23.48 3.39 8.74
C SER C 177 -23.16 2.78 7.38
N THR C 178 -21.94 2.30 7.21
CA THR C 178 -21.51 1.74 5.93
C THR C 178 -21.21 0.27 6.13
N LEU C 179 -21.98 -0.60 5.49
CA LEU C 179 -21.68 -2.02 5.44
C LEU C 179 -20.81 -2.28 4.21
N THR C 180 -19.65 -2.89 4.42
CA THR C 180 -18.69 -3.14 3.35
C THR C 180 -18.55 -4.65 3.17
N LEU C 181 -18.73 -5.12 1.93
CA LEU C 181 -18.61 -6.51 1.51
C LEU C 181 -17.82 -6.64 0.22
N SER C 182 -17.40 -7.87 -0.06
CA SER C 182 -16.93 -8.23 -1.38
C SER C 182 -18.09 -8.25 -2.39
N LYS C 183 -17.72 -8.09 -3.68
CA LYS C 183 -18.67 -8.14 -4.79
C LYS C 183 -19.45 -9.46 -4.85
N ALA C 184 -18.76 -10.59 -4.63
CA ALA C 184 -19.39 -11.90 -4.70
C ALA C 184 -20.46 -12.07 -3.63
N ASP C 185 -20.16 -11.64 -2.40
CA ASP C 185 -21.11 -11.74 -1.31
C ASP C 185 -22.30 -10.83 -1.56
N TYR C 186 -22.03 -9.64 -2.11
CA TYR C 186 -23.12 -8.74 -2.47
C TYR C 186 -24.03 -9.39 -3.50
N GLU C 187 -23.43 -10.07 -4.49
CA GLU C 187 -24.18 -10.66 -5.59
C GLU C 187 -24.87 -11.97 -5.23
N LYS C 188 -24.53 -12.62 -4.10
CA LYS C 188 -25.21 -13.88 -3.81
C LYS C 188 -26.60 -13.69 -3.24
N HIS C 189 -26.88 -12.56 -2.59
CA HIS C 189 -28.13 -12.26 -1.89
C HIS C 189 -28.85 -11.09 -2.54
N LYS C 190 -30.12 -10.97 -2.17
CA LYS C 190 -31.10 -10.09 -2.80
C LYS C 190 -31.56 -8.92 -1.94
N VAL C 191 -32.00 -9.16 -0.71
CA VAL C 191 -32.67 -8.13 0.09
C VAL C 191 -31.66 -7.57 1.08
N TYR C 192 -31.42 -6.26 1.00
CA TYR C 192 -30.56 -5.54 1.94
C TYR C 192 -31.36 -4.54 2.75
N ALA C 193 -31.26 -4.63 4.09
CA ALA C 193 -32.07 -3.81 4.97
C ALA C 193 -31.23 -3.21 6.09
N CYS C 194 -31.48 -1.96 6.42
CA CYS C 194 -30.96 -1.28 7.60
C CYS C 194 -32.15 -0.98 8.53
N GLU C 195 -32.08 -1.47 9.77
CA GLU C 195 -33.14 -1.30 10.77
C GLU C 195 -32.67 -0.34 11.83
N VAL C 196 -33.52 0.64 12.16
CA VAL C 196 -33.20 1.75 13.03
C VAL C 196 -34.09 1.69 14.26
N THR C 197 -33.48 1.76 15.45
CA THR C 197 -34.16 1.92 16.72
C THR C 197 -33.76 3.27 17.30
N HIS C 198 -34.76 4.04 17.75
CA HIS C 198 -34.54 5.36 18.29
C HIS C 198 -35.73 5.69 19.19
N GLN C 199 -35.48 6.49 20.24
CA GLN C 199 -36.53 6.88 21.20
C GLN C 199 -37.73 7.52 20.54
N GLY C 200 -37.52 8.28 19.48
CA GLY C 200 -38.57 9.01 18.79
C GLY C 200 -39.39 8.14 17.90
N LEU C 201 -39.03 6.87 17.77
CA LEU C 201 -39.72 5.92 16.95
C LEU C 201 -40.53 4.98 17.84
N SER C 202 -41.83 4.85 17.56
CA SER C 202 -42.68 3.96 18.32
C SER C 202 -42.36 2.51 18.04
N SER C 203 -41.87 2.22 16.83
CA SER C 203 -41.41 0.92 16.42
C SER C 203 -40.23 1.11 15.48
N PRO C 204 -39.35 0.10 15.36
CA PRO C 204 -38.20 0.20 14.44
C PRO C 204 -38.57 0.43 12.98
N VAL C 205 -37.81 1.30 12.31
CA VAL C 205 -38.01 1.51 10.87
C VAL C 205 -36.94 0.70 10.12
N THR C 206 -37.39 -0.05 9.12
CA THR C 206 -36.53 -0.87 8.28
C THR C 206 -36.58 -0.29 6.87
N LYS C 207 -35.41 -0.03 6.30
CA LYS C 207 -35.24 0.32 4.90
C LYS C 207 -34.56 -0.79 4.13
N SER C 208 -35.05 -1.10 2.93
CA SER C 208 -34.46 -2.21 2.21
C SER C 208 -34.49 -1.93 0.72
N PHE C 209 -33.63 -2.65 -0.01
CA PHE C 209 -33.68 -2.69 -1.47
C PHE C 209 -33.38 -4.11 -1.97
N ASN C 210 -33.89 -4.43 -3.16
CA ASN C 210 -33.56 -5.68 -3.85
C ASN C 210 -32.52 -5.47 -4.94
N ARG C 211 -31.36 -6.14 -4.80
CA ARG C 211 -30.25 -6.02 -5.74
C ARG C 211 -30.69 -6.34 -7.17
N GLY C 212 -31.54 -7.35 -7.31
CA GLY C 212 -32.05 -7.86 -8.57
C GLY C 212 -33.05 -6.94 -9.23
N GLU C 213 -33.50 -5.92 -8.51
CA GLU C 213 -34.49 -4.97 -8.96
C GLU C 213 -33.81 -3.64 -9.24
N CYS C 214 -32.48 -3.60 -9.08
CA CYS C 214 -31.63 -2.44 -9.31
C CYS C 214 -30.70 -2.70 -10.48
N GLN D 1 3.39 35.92 28.15
CA GLN D 1 2.41 34.83 28.28
C GLN D 1 3.02 33.44 28.15
N VAL D 2 2.59 32.60 29.09
CA VAL D 2 3.01 31.18 29.13
C VAL D 2 2.42 30.52 27.89
N GLN D 3 3.26 29.82 27.17
CA GLN D 3 2.81 29.10 25.97
C GLN D 3 3.61 27.82 25.82
N LEU D 4 2.89 26.78 25.38
CA LEU D 4 3.46 25.51 24.96
C LEU D 4 3.10 25.24 23.50
N VAL D 5 4.11 25.09 22.65
CA VAL D 5 3.92 24.92 21.20
C VAL D 5 4.52 23.56 20.85
N GLN D 6 3.70 22.66 20.33
CA GLN D 6 4.11 21.31 20.03
C GLN D 6 4.48 21.15 18.55
N SER D 7 5.45 20.28 18.30
CA SER D 7 5.84 19.94 16.93
C SER D 7 6.36 18.51 16.90
N GLY D 8 6.48 17.97 15.69
CA GLY D 8 7.06 16.67 15.47
C GLY D 8 6.09 15.56 15.15
N GLY D 9 4.79 15.76 15.29
CA GLY D 9 3.84 14.73 14.91
C GLY D 9 3.83 14.47 13.42
N GLY D 10 3.26 13.34 13.04
CA GLY D 10 3.19 12.97 11.64
C GLY D 10 3.07 11.48 11.48
N LEU D 11 3.27 11.03 10.24
CA LEU D 11 3.21 9.61 9.88
C LEU D 11 4.54 8.92 10.16
N VAL D 12 4.47 7.75 10.81
CA VAL D 12 5.68 6.97 11.16
C VAL D 12 5.37 5.47 11.04
N GLN D 13 6.27 4.68 10.45
CA GLN D 13 6.03 3.27 10.20
C GLN D 13 5.88 2.52 11.52
N PRO D 14 5.06 1.44 11.56
CA PRO D 14 5.02 0.58 12.75
C PRO D 14 6.44 0.07 13.02
N GLY D 15 6.87 0.15 14.28
CA GLY D 15 8.23 -0.25 14.57
C GLY D 15 9.23 0.88 14.48
N GLY D 16 8.81 2.01 13.93
CA GLY D 16 9.65 3.16 13.72
C GLY D 16 9.84 4.00 14.97
N SER D 17 10.45 5.17 14.78
CA SER D 17 10.75 6.06 15.89
C SER D 17 10.27 7.45 15.54
N LEU D 18 9.91 8.22 16.58
CA LEU D 18 9.43 9.58 16.41
C LEU D 18 9.80 10.42 17.64
N ARG D 19 10.06 11.70 17.39
CA ARG D 19 10.38 12.69 18.39
C ARG D 19 9.33 13.79 18.43
N LEU D 20 8.69 13.98 19.58
CA LEU D 20 7.80 15.12 19.79
C LEU D 20 8.54 16.17 20.59
N SER D 21 8.25 17.43 20.29
CA SER D 21 8.79 18.57 20.98
C SER D 21 7.65 19.43 21.49
N CYS D 22 7.90 20.06 22.64
CA CYS D 22 7.00 21.02 23.27
C CYS D 22 7.92 22.17 23.64
N ALA D 23 7.83 23.25 22.86
CA ALA D 23 8.63 24.44 23.10
C ALA D 23 7.88 25.28 24.10
N ALA D 24 8.56 25.65 25.18
CA ALA D 24 7.96 26.42 26.25
C ALA D 24 8.46 27.85 26.23
N SER D 25 7.56 28.80 26.49
CA SER D 25 7.97 30.20 26.62
C SER D 25 7.11 30.92 27.64
N GLY D 26 7.67 31.97 28.24
CA GLY D 26 6.91 32.83 29.11
C GLY D 26 6.94 32.46 30.57
N PHE D 27 7.70 31.43 30.95
CA PHE D 27 7.86 31.00 32.33
C PHE D 27 9.20 30.27 32.44
N THR D 28 9.67 30.09 33.67
CA THR D 28 10.91 29.37 33.96
C THR D 28 10.63 27.89 33.80
N PHE D 29 10.99 27.31 32.66
CA PHE D 29 10.59 25.96 32.27
C PHE D 29 11.11 24.90 33.25
N SER D 30 12.30 25.11 33.81
CA SER D 30 12.94 24.13 34.66
C SER D 30 12.30 24.07 36.05
N SER D 31 11.42 25.02 36.37
CA SER D 31 10.79 25.15 37.66
C SER D 31 9.47 24.40 37.77
N TYR D 32 8.98 23.80 36.69
CA TYR D 32 7.65 23.21 36.71
C TYR D 32 7.81 21.75 36.29
N ALA D 33 7.10 20.84 36.94
CA ALA D 33 6.95 19.50 36.36
C ALA D 33 6.12 19.53 35.07
N MET D 34 6.37 18.57 34.19
CA MET D 34 5.64 18.45 32.93
C MET D 34 5.11 17.06 32.73
N SER D 35 4.06 16.99 31.93
CA SER D 35 3.50 15.71 31.60
C SER D 35 3.17 15.76 30.12
N TRP D 36 3.18 14.58 29.52
CA TRP D 36 2.55 14.34 28.24
C TRP D 36 1.30 13.53 28.53
N VAL D 37 0.17 13.92 27.91
CA VAL D 37 -1.13 13.25 27.99
C VAL D 37 -1.58 12.99 26.57
N ARG D 38 -2.26 11.86 26.30
CA ARG D 38 -2.68 11.62 24.93
C ARG D 38 -4.17 11.31 24.85
N GLN D 39 -4.72 11.51 23.65
CA GLN D 39 -6.11 11.24 23.34
C GLN D 39 -6.21 10.64 21.95
N ALA D 40 -6.48 9.33 21.87
CA ALA D 40 -6.73 8.66 20.60
C ALA D 40 -8.03 9.20 19.98
N PRO D 41 -8.18 9.10 18.64
CA PRO D 41 -9.40 9.64 17.97
C PRO D 41 -10.72 9.08 18.51
N GLY D 42 -11.56 9.98 19.00
CA GLY D 42 -12.90 9.69 19.48
C GLY D 42 -13.00 9.11 20.87
N LYS D 43 -11.88 8.97 21.58
CA LYS D 43 -11.82 8.38 22.92
C LYS D 43 -11.47 9.48 23.93
N GLY D 44 -11.39 9.08 25.20
CA GLY D 44 -11.07 9.99 26.27
C GLY D 44 -9.57 10.24 26.39
N LEU D 45 -9.21 10.92 27.46
CA LEU D 45 -7.82 11.28 27.70
C LEU D 45 -7.11 10.15 28.43
N GLU D 46 -5.84 9.95 28.07
CA GLU D 46 -5.00 8.94 28.68
C GLU D 46 -3.65 9.54 28.96
N TRP D 47 -3.22 9.49 30.22
CA TRP D 47 -1.87 10.00 30.60
C TRP D 47 -0.76 9.09 30.05
N VAL D 48 0.38 9.68 29.68
CA VAL D 48 1.47 8.88 29.03
C VAL D 48 2.76 8.94 29.86
N SER D 49 3.07 10.10 30.41
CA SER D 49 4.38 10.25 31.07
C SER D 49 4.46 11.57 31.84
N ALA D 50 5.39 11.67 32.76
CA ALA D 50 5.65 12.86 33.57
C ALA D 50 7.14 12.96 33.87
N ILE D 51 7.58 14.20 34.07
CA ILE D 51 8.96 14.50 34.41
C ILE D 51 9.00 15.63 35.45
N SER D 52 9.90 15.49 36.42
CA SER D 52 10.07 16.50 37.46
C SER D 52 10.69 17.78 36.85
N GLY D 53 10.62 18.87 37.61
CA GLY D 53 11.18 20.14 37.14
C GLY D 53 12.67 20.06 36.82
N SER D 54 13.41 19.27 37.58
CA SER D 54 14.85 19.12 37.34
C SER D 54 15.16 18.07 36.28
N GLY D 55 14.24 17.16 36.02
CA GLY D 55 14.47 16.07 35.10
C GLY D 55 15.02 14.82 35.75
N GLY D 56 15.13 14.80 37.07
CA GLY D 56 15.76 13.70 37.77
C GLY D 56 14.85 12.52 37.99
N SER D 57 13.54 12.75 37.97
CA SER D 57 12.54 11.70 38.16
C SER D 57 11.61 11.68 36.96
N THR D 58 11.38 10.50 36.43
CA THR D 58 10.46 10.30 35.32
C THR D 58 9.46 9.22 35.70
N TYR D 59 8.25 9.34 35.20
CA TYR D 59 7.19 8.37 35.44
C TYR D 59 6.52 8.06 34.11
N TYR D 60 6.12 6.80 33.95
CA TYR D 60 5.52 6.32 32.70
C TYR D 60 4.28 5.49 32.96
N ALA D 61 3.30 5.66 32.08
CA ALA D 61 2.18 4.73 32.00
C ALA D 61 2.66 3.36 31.58
N ASP D 62 1.90 2.33 31.98
CA ASP D 62 2.27 0.94 31.73
C ASP D 62 2.35 0.63 30.24
N SER D 63 1.47 1.25 29.45
CA SER D 63 1.37 0.95 28.02
C SER D 63 2.61 1.40 27.24
N VAL D 64 3.43 2.29 27.80
CA VAL D 64 4.54 2.89 27.07
C VAL D 64 5.89 2.70 27.74
N LYS D 65 5.95 2.17 28.98
CA LYS D 65 7.20 1.99 29.70
C LYS D 65 8.21 1.16 28.91
N GLY D 66 9.44 1.65 28.80
CA GLY D 66 10.45 0.95 28.05
C GLY D 66 10.47 1.28 26.58
N ARG D 67 9.38 1.86 26.07
CA ARG D 67 9.19 2.21 24.68
C ARG D 67 9.26 3.71 24.46
N PHE D 68 8.75 4.47 25.41
CA PHE D 68 8.76 5.92 25.31
C PHE D 68 9.82 6.41 26.29
N THR D 69 10.46 7.53 25.97
CA THR D 69 11.44 8.15 26.85
C THR D 69 11.13 9.64 26.88
N ILE D 70 10.75 10.13 28.06
CA ILE D 70 10.54 11.55 28.28
C ILE D 70 11.87 12.19 28.65
N SER D 71 12.14 13.33 28.04
CA SER D 71 13.34 14.08 28.36
C SER D 71 13.04 15.57 28.26
N ARG D 72 13.94 16.38 28.78
CA ARG D 72 13.74 17.82 28.72
C ARG D 72 15.11 18.45 28.54
N ASP D 73 15.14 19.54 27.78
CA ASP D 73 16.30 20.40 27.67
C ASP D 73 15.89 21.73 28.30
N ASN D 74 16.28 21.90 29.57
CA ASN D 74 15.90 23.08 30.33
C ASN D 74 16.61 24.32 29.79
N SER D 75 17.76 24.13 29.13
CA SER D 75 18.50 25.24 28.53
C SER D 75 17.81 25.76 27.28
N LYS D 76 16.97 24.95 26.67
CA LYS D 76 16.27 25.29 25.44
C LYS D 76 14.79 25.46 25.69
N ASN D 77 14.37 25.26 26.94
CA ASN D 77 12.99 25.32 27.39
C ASN D 77 12.11 24.40 26.55
N THR D 78 12.57 23.16 26.34
CA THR D 78 11.89 22.25 25.44
C THR D 78 11.70 20.87 26.09
N LEU D 79 10.48 20.37 26.02
CA LEU D 79 10.15 19.01 26.46
C LEU D 79 10.14 18.06 25.26
N TYR D 80 10.66 16.85 25.45
CA TYR D 80 10.71 15.87 24.37
C TYR D 80 10.03 14.57 24.80
N LEU D 81 9.47 13.89 23.81
CA LEU D 81 9.01 12.50 23.95
C LEU D 81 9.54 11.66 22.79
N GLN D 82 10.56 10.84 23.06
CA GLN D 82 11.05 9.87 22.09
C GLN D 82 10.15 8.64 22.16
N MET D 83 9.54 8.29 21.03
CA MET D 83 8.62 7.17 20.93
C MET D 83 9.27 6.12 20.06
N ASN D 84 9.49 4.94 20.65
CA ASN D 84 10.09 3.82 19.94
C ASN D 84 9.10 2.68 19.83
N SER D 85 9.37 1.76 18.89
CA SER D 85 8.58 0.55 18.60
C SER D 85 7.08 0.86 18.48
N LEU D 86 6.77 1.87 17.67
CA LEU D 86 5.40 2.35 17.58
C LEU D 86 4.46 1.36 16.91
N ARG D 87 3.23 1.29 17.41
CA ARG D 87 2.18 0.47 16.83
C ARG D 87 1.05 1.41 16.43
N ALA D 88 0.17 0.95 15.52
CA ALA D 88 -0.98 1.73 14.99
C ALA D 88 -1.90 2.29 16.06
N GLU D 89 -2.01 1.56 17.15
CA GLU D 89 -2.87 1.85 18.27
C GLU D 89 -2.38 3.04 19.13
N ASP D 90 -1.16 3.54 18.87
CA ASP D 90 -0.55 4.71 19.50
C ASP D 90 -0.95 6.02 18.80
N THR D 91 -1.71 5.93 17.69
CA THR D 91 -2.24 7.11 16.99
C THR D 91 -3.11 7.92 17.90
N ALA D 92 -2.73 9.19 18.05
CA ALA D 92 -3.44 10.06 18.99
C ALA D 92 -2.94 11.48 18.83
N VAL D 93 -3.73 12.39 19.37
CA VAL D 93 -3.25 13.73 19.66
C VAL D 93 -2.52 13.68 20.99
N TYR D 94 -1.28 14.17 20.99
CA TYR D 94 -0.46 14.23 22.18
C TYR D 94 -0.39 15.67 22.64
N TYR D 95 -0.71 15.89 23.91
CA TYR D 95 -0.68 17.18 24.55
C TYR D 95 0.46 17.19 25.55
N CYS D 96 1.28 18.22 25.52
CA CYS D 96 2.16 18.53 26.64
C CYS D 96 1.44 19.49 27.59
N ALA D 97 1.73 19.35 28.89
CA ALA D 97 1.03 20.15 29.89
C ALA D 97 1.95 20.44 31.06
N ARG D 98 1.76 21.62 31.63
CA ARG D 98 2.49 22.07 32.82
C ARG D 98 1.80 21.66 34.10
N ASP D 99 2.55 21.04 35.01
CA ASP D 99 2.05 20.74 36.34
C ASP D 99 2.23 22.01 37.16
N SER D 100 1.13 22.67 37.46
CA SER D 100 1.11 23.94 38.17
C SER D 100 0.95 23.77 39.69
N GLY D 101 1.31 22.60 40.23
CA GLY D 101 1.22 22.30 41.65
C GLY D 101 0.25 21.25 42.16
N SER D 102 -0.81 21.65 42.86
CA SER D 102 -1.77 20.69 43.43
C SER D 102 -2.64 19.99 42.39
N GLY D 103 -2.05 19.11 41.59
CA GLY D 103 -2.89 18.30 40.69
C GLY D 103 -3.32 19.05 39.48
N ARG D 104 -2.70 20.18 39.22
CA ARG D 104 -3.17 21.02 38.11
C ARG D 104 -2.40 20.80 36.82
N PHE D 105 -3.07 20.96 35.69
CA PHE D 105 -2.40 20.98 34.36
C PHE D 105 -2.88 22.26 33.66
N ASP D 106 -2.07 23.31 33.69
CA ASP D 106 -2.32 24.62 33.11
C ASP D 106 -0.96 25.21 32.77
N PRO D 107 -0.67 25.55 31.50
CA PRO D 107 -1.50 25.37 30.31
C PRO D 107 -1.29 24.00 29.66
N TRP D 108 -2.14 23.69 28.71
CA TRP D 108 -1.96 22.58 27.77
C TRP D 108 -1.38 23.15 26.48
N GLY D 109 -0.47 22.41 25.86
CA GLY D 109 -0.13 22.70 24.47
C GLY D 109 -1.30 22.47 23.52
N GLN D 110 -1.11 22.85 22.26
CA GLN D 110 -2.21 22.78 21.30
C GLN D 110 -2.44 21.35 20.83
N GLY D 111 -1.50 20.46 21.10
CA GLY D 111 -1.57 19.07 20.68
C GLY D 111 -0.88 18.84 19.35
N THR D 112 -0.40 17.62 19.17
CA THR D 112 0.16 17.25 17.90
C THR D 112 -0.28 15.83 17.55
N LEU D 113 -0.73 15.63 16.32
CA LEU D 113 -1.25 14.34 15.91
C LEU D 113 -0.08 13.46 15.52
N VAL D 114 0.00 12.28 16.12
CA VAL D 114 0.93 11.26 15.67
C VAL D 114 0.09 10.19 15.02
N THR D 115 0.38 9.94 13.73
CA THR D 115 -0.28 8.87 13.01
C THR D 115 0.81 7.87 12.65
N VAL D 116 0.69 6.71 13.24
CA VAL D 116 1.53 5.56 12.97
C VAL D 116 0.69 4.69 12.07
N SER D 117 1.05 4.60 10.79
CA SER D 117 0.17 3.88 9.90
C SER D 117 0.96 3.33 8.73
N SER D 118 0.42 2.22 8.26
CA SER D 118 0.87 1.41 7.14
C SER D 118 0.50 1.78 5.71
N ALA D 119 0.70 3.04 5.29
CA ALA D 119 0.30 3.37 3.93
C ALA D 119 0.94 4.66 3.41
N SER D 120 1.00 4.71 2.08
CA SER D 120 1.51 5.73 1.19
C SER D 120 0.33 6.63 0.87
N THR D 121 0.58 7.90 0.53
CA THR D 121 -0.54 8.74 0.13
C THR D 121 -1.16 8.16 -1.12
N LYS D 122 -2.48 8.06 -1.09
CA LYS D 122 -3.35 7.59 -2.15
C LYS D 122 -4.59 8.47 -2.26
N GLY D 123 -4.90 8.91 -3.47
CA GLY D 123 -6.10 9.69 -3.68
C GLY D 123 -7.35 8.83 -3.66
N PRO D 124 -8.48 9.46 -3.34
CA PRO D 124 -9.72 8.71 -3.18
C PRO D 124 -10.41 8.42 -4.49
N SER D 125 -11.17 7.33 -4.49
CA SER D 125 -12.26 7.16 -5.44
C SER D 125 -13.55 7.74 -4.87
N VAL D 126 -14.33 8.40 -5.73
CA VAL D 126 -15.59 9.07 -5.37
C VAL D 126 -16.74 8.38 -6.11
N PHE D 127 -17.72 7.88 -5.32
CA PHE D 127 -18.91 7.14 -5.79
C PHE D 127 -20.23 7.80 -5.40
N PRO D 128 -21.26 7.75 -6.26
CA PRO D 128 -22.55 8.33 -5.88
C PRO D 128 -23.27 7.45 -4.84
N LEU D 129 -23.87 8.11 -3.86
CA LEU D 129 -24.93 7.61 -2.98
C LEU D 129 -26.33 8.01 -3.48
N ALA D 130 -26.98 7.13 -4.25
CA ALA D 130 -28.18 7.64 -4.92
C ALA D 130 -29.42 6.81 -4.57
N PRO D 131 -30.61 7.46 -4.45
CA PRO D 131 -31.83 6.73 -4.22
C PRO D 131 -32.43 6.39 -5.56
N SER D 132 -33.64 5.84 -5.59
CA SER D 132 -34.20 5.37 -6.89
C SER D 132 -35.11 6.41 -7.53
N SER D 133 -35.38 6.22 -8.82
CA SER D 133 -36.31 7.13 -9.54
C SER D 133 -37.70 7.03 -8.89
N LYS D 134 -37.95 5.92 -8.19
CA LYS D 134 -39.27 5.68 -7.62
C LYS D 134 -39.58 6.51 -6.38
N SER D 135 -38.61 7.26 -5.85
CA SER D 135 -38.85 8.15 -4.71
C SER D 135 -40.00 9.09 -5.06
N THR D 136 -41.09 8.97 -4.30
CA THR D 136 -42.27 9.82 -4.43
C THR D 136 -41.91 11.30 -4.32
N SER D 137 -42.40 12.07 -5.30
CA SER D 137 -42.22 13.52 -5.29
C SER D 137 -43.20 14.13 -4.30
N GLY D 138 -42.66 14.87 -3.35
CA GLY D 138 -43.44 15.62 -2.40
C GLY D 138 -42.74 15.35 -1.09
N GLY D 139 -41.99 14.27 -1.06
CA GLY D 139 -41.22 13.90 0.11
C GLY D 139 -39.83 14.47 0.01
N THR D 140 -38.99 14.08 0.96
CA THR D 140 -37.60 14.50 0.97
C THR D 140 -36.71 13.32 0.61
N ALA D 141 -35.82 13.51 -0.36
CA ALA D 141 -34.86 12.51 -0.77
C ALA D 141 -33.46 12.91 -0.34
N ALA D 142 -32.68 11.95 0.12
CA ALA D 142 -31.27 12.15 0.42
C ALA D 142 -30.41 11.56 -0.68
N LEU D 143 -29.34 12.26 -1.01
CA LEU D 143 -28.35 11.75 -1.94
C LEU D 143 -26.99 12.25 -1.48
N GLY D 144 -25.93 11.64 -2.00
CA GLY D 144 -24.62 12.01 -1.52
C GLY D 144 -23.50 11.39 -2.31
N CYS D 145 -22.30 11.54 -1.78
CA CYS D 145 -21.08 10.96 -2.36
C CYS D 145 -20.26 10.25 -1.28
N LEU D 146 -19.81 9.03 -1.61
CA LEU D 146 -18.86 8.30 -0.79
C LEU D 146 -17.44 8.52 -1.32
N VAL D 147 -16.61 9.15 -0.50
CA VAL D 147 -15.21 9.40 -0.77
C VAL D 147 -14.45 8.30 -0.04
N LYS D 148 -13.86 7.37 -0.79
CA LYS D 148 -13.37 6.10 -0.26
C LYS D 148 -11.88 5.98 -0.55
N ASP D 149 -11.15 5.48 0.46
CA ASP D 149 -9.79 4.95 0.35
C ASP D 149 -8.78 6.04 0.01
N TYR D 150 -8.57 6.96 0.95
CA TYR D 150 -7.61 8.03 0.82
C TYR D 150 -6.77 8.14 2.10
N PHE D 151 -5.60 8.78 1.96
CA PHE D 151 -4.73 9.05 3.10
C PHE D 151 -3.81 10.17 2.62
N PRO D 152 -3.56 11.23 3.42
CA PRO D 152 -4.19 11.59 4.69
C PRO D 152 -5.44 12.44 4.58
N GLU D 153 -5.96 12.79 5.76
CA GLU D 153 -6.94 13.84 5.88
C GLU D 153 -6.30 15.18 5.47
N PRO D 154 -7.11 16.17 5.04
CA PRO D 154 -8.56 16.15 4.85
C PRO D 154 -8.94 16.06 3.38
N VAL D 155 -10.20 15.72 3.16
CA VAL D 155 -10.87 15.97 1.89
C VAL D 155 -11.87 17.08 2.16
N THR D 156 -12.00 18.00 1.22
CA THR D 156 -13.06 18.98 1.30
C THR D 156 -14.12 18.59 0.29
N VAL D 157 -15.37 18.68 0.70
CA VAL D 157 -16.48 18.37 -0.18
C VAL D 157 -17.40 19.57 -0.18
N SER D 158 -17.68 20.09 -1.35
CA SER D 158 -18.73 21.07 -1.53
C SER D 158 -19.72 20.48 -2.52
N TRP D 159 -20.89 21.09 -2.59
CA TRP D 159 -21.91 20.64 -3.52
C TRP D 159 -22.35 21.78 -4.42
N ASN D 160 -22.45 21.48 -5.72
CA ASN D 160 -22.81 22.42 -6.78
C ASN D 160 -22.02 23.73 -6.68
N SER D 161 -20.69 23.56 -6.49
CA SER D 161 -19.71 24.65 -6.43
C SER D 161 -20.02 25.65 -5.30
N GLY D 162 -20.62 25.19 -4.21
CA GLY D 162 -20.86 26.04 -3.06
C GLY D 162 -22.24 26.63 -2.98
N ALA D 163 -23.09 26.38 -3.99
CA ALA D 163 -24.42 26.97 -4.00
C ALA D 163 -25.36 26.27 -3.05
N LEU D 164 -25.13 24.97 -2.88
CA LEU D 164 -25.93 24.15 -1.92
C LEU D 164 -25.15 24.05 -0.61
N THR D 165 -25.64 24.67 0.46
CA THR D 165 -24.93 24.64 1.75
C THR D 165 -25.90 24.34 2.89
N SER D 166 -27.20 24.43 2.66
CA SER D 166 -28.21 24.08 3.67
C SER D 166 -28.46 22.57 3.64
N SER D 167 -28.56 21.96 4.84
CA SER D 167 -28.88 20.54 5.01
C SER D 167 -27.80 19.63 4.44
N VAL D 168 -26.56 20.12 4.42
CA VAL D 168 -25.41 19.33 4.00
C VAL D 168 -24.75 18.77 5.25
N HIS D 169 -24.46 17.47 5.21
CA HIS D 169 -23.69 16.83 6.28
C HIS D 169 -22.51 16.13 5.62
N THR D 170 -21.31 16.65 5.84
CA THR D 170 -20.09 15.93 5.50
C THR D 170 -19.64 15.25 6.78
N PHE D 171 -19.63 13.93 6.76
CA PHE D 171 -19.41 13.09 7.92
C PHE D 171 -17.92 12.96 8.25
N PRO D 172 -17.58 12.86 9.53
CA PRO D 172 -16.20 12.52 9.93
C PRO D 172 -15.71 11.24 9.27
N ALA D 173 -14.45 11.26 8.84
CA ALA D 173 -13.83 10.09 8.23
C ALA D 173 -13.72 8.93 9.21
N VAL D 174 -13.90 7.71 8.71
CA VAL D 174 -13.68 6.50 9.50
C VAL D 174 -12.41 5.84 8.96
N LEU D 175 -11.60 5.31 9.87
CA LEU D 175 -10.42 4.55 9.49
C LEU D 175 -10.76 3.09 9.25
N GLN D 176 -10.58 2.64 8.02
CA GLN D 176 -10.84 1.26 7.63
C GLN D 176 -9.65 0.40 8.04
N SER D 177 -9.85 -0.93 7.97
CA SER D 177 -8.79 -1.88 8.33
C SER D 177 -7.58 -1.77 7.41
N SER D 178 -7.78 -1.30 6.18
CA SER D 178 -6.72 -1.11 5.21
C SER D 178 -5.75 0.01 5.55
N GLY D 179 -6.11 0.89 6.50
CA GLY D 179 -5.34 2.07 6.82
C GLY D 179 -5.72 3.31 6.05
N LEU D 180 -6.69 3.22 5.15
CA LEU D 180 -7.20 4.35 4.38
C LEU D 180 -8.51 4.83 4.99
N TYR D 181 -8.78 6.12 4.79
CA TYR D 181 -9.97 6.77 5.33
C TYR D 181 -11.15 6.66 4.37
N SER D 182 -12.35 6.75 4.94
CA SER D 182 -13.58 6.81 4.16
C SER D 182 -14.57 7.75 4.83
N LEU D 183 -15.27 8.53 4.01
CA LEU D 183 -16.34 9.38 4.49
C LEU D 183 -17.47 9.50 3.47
N SER D 184 -18.60 9.96 3.97
CA SER D 184 -19.77 10.24 3.17
C SER D 184 -20.14 11.71 3.31
N SER D 185 -20.60 12.32 2.22
CA SER D 185 -21.21 13.64 2.27
C SER D 185 -22.64 13.52 1.72
N VAL D 186 -23.63 13.98 2.49
CA VAL D 186 -25.01 13.81 2.08
C VAL D 186 -25.77 15.13 2.15
N VAL D 187 -26.81 15.23 1.35
CA VAL D 187 -27.73 16.36 1.35
C VAL D 187 -29.14 15.82 1.14
N THR D 188 -30.12 16.42 1.83
CA THR D 188 -31.53 16.13 1.58
C THR D 188 -32.11 17.28 0.78
N VAL D 189 -32.90 16.93 -0.23
CA VAL D 189 -33.52 17.85 -1.20
C VAL D 189 -34.95 17.39 -1.43
N PRO D 190 -35.83 18.27 -1.93
CA PRO D 190 -37.15 17.80 -2.35
C PRO D 190 -37.05 16.76 -3.46
N SER D 191 -37.82 15.67 -3.28
CA SER D 191 -37.85 14.55 -4.22
C SER D 191 -38.24 14.95 -5.63
N SER D 192 -39.01 16.03 -5.77
CA SER D 192 -39.49 16.51 -7.07
C SER D 192 -38.37 17.07 -7.94
N SER D 193 -37.18 17.32 -7.36
CA SER D 193 -36.08 17.93 -8.07
C SER D 193 -35.19 16.94 -8.81
N LEU D 194 -35.29 15.65 -8.48
CA LEU D 194 -34.39 14.64 -9.02
C LEU D 194 -34.48 14.48 -10.53
N GLY D 195 -35.59 14.88 -11.15
CA GLY D 195 -35.66 14.72 -12.60
C GLY D 195 -35.25 15.94 -13.37
N THR D 196 -35.17 17.09 -12.70
CA THR D 196 -34.93 18.37 -13.36
C THR D 196 -33.67 19.06 -12.90
N GLN D 197 -33.16 18.75 -11.72
CA GLN D 197 -31.99 19.41 -11.17
C GLN D 197 -30.87 18.39 -11.03
N THR D 198 -29.67 18.78 -11.43
CA THR D 198 -28.47 17.96 -11.27
C THR D 198 -27.72 18.30 -9.98
N TYR D 199 -27.27 17.27 -9.28
CA TYR D 199 -26.51 17.40 -8.03
C TYR D 199 -25.14 16.77 -8.18
N ILE D 200 -24.10 17.59 -8.04
CA ILE D 200 -22.69 17.21 -8.22
C ILE D 200 -21.91 17.55 -6.95
N CYS D 201 -21.29 16.53 -6.35
CA CYS D 201 -20.33 16.78 -5.28
C CYS D 201 -18.96 17.09 -5.85
N ASN D 202 -18.36 18.16 -5.33
CA ASN D 202 -17.02 18.59 -5.68
C ASN D 202 -16.10 18.15 -4.55
N VAL D 203 -15.21 17.19 -4.82
CA VAL D 203 -14.32 16.65 -3.83
C VAL D 203 -12.93 17.12 -4.18
N ASN D 204 -12.23 17.73 -3.21
CA ASN D 204 -10.86 18.19 -3.38
C ASN D 204 -10.03 17.57 -2.28
N HIS D 205 -9.08 16.73 -2.69
CA HIS D 205 -8.04 16.11 -1.87
C HIS D 205 -6.64 16.58 -2.22
N LYS D 206 -6.13 17.58 -1.51
CA LYS D 206 -4.87 18.23 -1.82
C LYS D 206 -3.63 17.30 -1.67
N PRO D 207 -3.48 16.33 -0.71
CA PRO D 207 -2.21 15.57 -0.66
C PRO D 207 -1.89 14.79 -1.92
N SER D 208 -2.91 14.29 -2.61
CA SER D 208 -2.70 13.56 -3.83
C SER D 208 -3.06 14.43 -5.03
N ASN D 209 -3.43 15.69 -4.74
CA ASN D 209 -3.86 16.67 -5.74
C ASN D 209 -5.00 16.15 -6.62
N THR D 210 -5.97 15.49 -5.99
CA THR D 210 -7.11 14.92 -6.71
C THR D 210 -8.35 15.80 -6.55
N LYS D 211 -8.94 16.20 -7.68
CA LYS D 211 -10.21 16.90 -7.69
C LYS D 211 -11.18 16.13 -8.56
N VAL D 212 -12.33 15.77 -8.00
CA VAL D 212 -13.32 14.97 -8.68
C VAL D 212 -14.67 15.65 -8.50
N ASP D 213 -15.36 15.90 -9.60
CA ASP D 213 -16.77 16.27 -9.55
C ASP D 213 -17.55 15.03 -9.95
N LYS D 214 -18.43 14.58 -9.07
CA LYS D 214 -19.18 13.35 -9.29
C LYS D 214 -20.66 13.65 -9.17
N LYS D 215 -21.42 13.31 -10.21
CA LYS D 215 -22.87 13.49 -10.21
C LYS D 215 -23.56 12.36 -9.44
N ALA D 216 -24.47 12.73 -8.53
CA ALA D 216 -25.30 11.72 -7.87
C ALA D 216 -26.66 11.69 -8.57
N GLU D 217 -26.85 10.78 -9.56
CA GLU D 217 -28.15 10.82 -10.23
C GLU D 217 -28.99 9.60 -9.81
N PRO D 218 -30.33 9.69 -9.81
CA PRO D 218 -31.17 8.54 -9.46
C PRO D 218 -30.99 7.37 -10.43
N LYS D 219 -30.86 6.18 -9.86
CA LYS D 219 -30.81 4.91 -10.59
C LYS D 219 -32.14 4.21 -10.47
N SER D 220 -32.66 3.70 -11.59
CA SER D 220 -33.93 2.98 -11.61
C SER D 220 -33.77 1.64 -10.90
N CYS D 221 -34.21 1.63 -9.65
CA CYS D 221 -34.32 0.44 -8.82
C CYS D 221 -35.76 0.07 -8.56
N ASP E 1 23.39 2.29 -3.55
CA ASP E 1 22.97 3.62 -3.99
C ASP E 1 21.75 4.07 -3.19
N ILE E 2 21.73 5.32 -2.74
CA ILE E 2 20.54 5.87 -2.14
C ILE E 2 19.45 5.95 -3.20
N GLN E 3 18.32 5.28 -2.96
CA GLN E 3 17.21 5.28 -3.90
C GLN E 3 16.24 6.41 -3.62
N MET E 4 15.91 7.17 -4.66
CA MET E 4 14.94 8.25 -4.54
C MET E 4 13.63 7.90 -5.23
N THR E 5 12.54 7.92 -4.46
CA THR E 5 11.20 7.65 -4.96
C THR E 5 10.42 8.96 -4.93
N GLN E 6 9.99 9.41 -6.09
CA GLN E 6 9.23 10.65 -6.19
C GLN E 6 7.79 10.28 -6.42
N SER E 7 6.88 11.03 -5.81
CA SER E 7 5.46 10.74 -6.00
C SER E 7 4.68 12.05 -6.07
N PRO E 8 3.55 12.06 -6.81
CA PRO E 8 3.15 11.11 -7.88
C PRO E 8 4.05 11.16 -9.11
N SER E 9 3.92 10.20 -10.04
CA SER E 9 4.71 10.28 -11.28
C SER E 9 4.23 11.40 -12.20
N SER E 10 2.95 11.75 -12.15
CA SER E 10 2.43 12.87 -12.91
C SER E 10 1.29 13.46 -12.12
N VAL E 11 1.13 14.77 -12.22
CA VAL E 11 0.02 15.44 -11.56
C VAL E 11 -0.56 16.50 -12.48
N SER E 12 -1.87 16.54 -12.60
CA SER E 12 -2.58 17.58 -13.33
C SER E 12 -3.41 18.45 -12.39
N ALA E 13 -3.13 19.75 -12.38
CA ALA E 13 -3.79 20.69 -11.49
C ALA E 13 -4.00 22.00 -12.24
N SER E 14 -4.95 22.78 -11.76
CA SER E 14 -5.30 24.04 -12.40
C SER E 14 -4.42 25.17 -11.90
N VAL E 15 -4.31 26.21 -12.73
CA VAL E 15 -3.62 27.45 -12.35
C VAL E 15 -4.21 27.97 -11.04
N GLY E 16 -3.34 28.25 -10.08
CA GLY E 16 -3.76 28.76 -8.79
C GLY E 16 -3.92 27.69 -7.72
N ASP E 17 -4.02 26.41 -8.13
CA ASP E 17 -4.20 25.30 -7.20
C ASP E 17 -2.92 25.06 -6.43
N ARG E 18 -3.05 24.44 -5.26
CA ARG E 18 -1.89 23.97 -4.54
C ARG E 18 -1.51 22.54 -4.96
N VAL E 19 -0.23 22.35 -5.26
CA VAL E 19 0.32 21.05 -5.63
C VAL E 19 1.48 20.70 -4.69
N THR E 20 1.52 19.45 -4.23
CA THR E 20 2.56 18.95 -3.34
C THR E 20 3.20 17.76 -4.03
N ILE E 21 4.54 17.76 -4.08
CA ILE E 21 5.31 16.67 -4.65
C ILE E 21 6.20 16.12 -3.55
N THR E 22 6.24 14.79 -3.40
CA THR E 22 7.06 14.20 -2.36
C THR E 22 8.26 13.46 -2.94
N CYS E 23 9.32 13.40 -2.15
CA CYS E 23 10.53 12.64 -2.46
C CYS E 23 10.95 11.89 -1.20
N ARG E 24 11.08 10.57 -1.33
CA ARG E 24 11.47 9.72 -0.22
C ARG E 24 12.80 9.06 -0.54
N ALA E 25 13.74 9.19 0.38
CA ALA E 25 15.04 8.53 0.29
C ALA E 25 15.03 7.17 0.97
N SER E 26 15.77 6.22 0.40
CA SER E 26 15.83 4.85 0.94
C SER E 26 16.60 4.78 2.25
N GLN E 27 17.36 5.82 2.58
CA GLN E 27 18.03 5.94 3.87
C GLN E 27 18.14 7.44 4.19
N GLY E 28 18.46 7.74 5.44
CA GLY E 28 18.55 9.09 5.93
C GLY E 28 19.58 9.93 5.20
N ILE E 29 19.22 11.11 4.71
CA ILE E 29 20.17 11.94 3.99
C ILE E 29 20.30 13.32 4.62
N SER E 30 19.88 13.45 5.89
CA SER E 30 19.85 14.69 6.65
C SER E 30 19.00 15.66 5.83
N SER E 31 19.50 16.84 5.42
CA SER E 31 18.70 17.74 4.59
C SER E 31 19.30 17.99 3.20
N TRP E 32 20.21 17.16 2.76
CA TRP E 32 20.88 17.47 1.48
C TRP E 32 20.07 16.95 0.32
N LEU E 33 18.85 17.46 0.15
CA LEU E 33 18.01 17.10 -1.02
C LEU E 33 17.77 18.40 -1.79
N ALA E 34 17.83 18.34 -3.11
CA ALA E 34 17.55 19.54 -3.92
C ALA E 34 16.48 19.29 -4.97
N TRP E 35 15.67 20.30 -5.27
CA TRP E 35 14.61 20.22 -6.27
C TRP E 35 14.94 21.07 -7.49
N TYR E 36 14.67 20.50 -8.68
CA TYR E 36 14.89 21.10 -9.99
C TYR E 36 13.61 21.12 -10.83
N GLN E 37 13.48 22.17 -11.64
CA GLN E 37 12.49 22.30 -12.71
C GLN E 37 13.15 22.13 -14.08
N GLN E 38 12.60 21.21 -14.89
CA GLN E 38 13.05 20.97 -16.26
C GLN E 38 11.90 21.13 -17.24
N LYS E 39 12.01 22.13 -18.13
CA LYS E 39 11.09 22.29 -19.26
C LYS E 39 11.49 21.36 -20.38
N PRO E 40 10.54 20.97 -21.26
CA PRO E 40 10.87 20.02 -22.34
C PRO E 40 11.99 20.51 -23.25
N GLY E 41 13.00 19.66 -23.42
CA GLY E 41 14.10 19.93 -24.33
C GLY E 41 15.11 20.94 -23.83
N LYS E 42 14.95 21.44 -22.60
CA LYS E 42 15.82 22.45 -22.02
C LYS E 42 16.56 21.84 -20.84
N ALA E 43 17.65 22.48 -20.44
CA ALA E 43 18.38 22.03 -19.26
C ALA E 43 17.59 22.29 -17.97
N PRO E 44 17.84 21.47 -16.93
CA PRO E 44 17.22 21.71 -15.62
C PRO E 44 17.62 23.04 -14.99
N LYS E 45 16.71 23.57 -14.18
CA LYS E 45 16.93 24.79 -13.41
C LYS E 45 16.78 24.51 -11.93
N LEU E 46 17.73 24.99 -11.14
CA LEU E 46 17.72 24.79 -9.69
C LEU E 46 16.60 25.57 -9.03
N LEU E 47 15.79 24.89 -8.20
CA LEU E 47 14.73 25.52 -7.44
C LEU E 47 15.05 25.59 -5.96
N ILE E 48 15.37 24.44 -5.33
CA ILE E 48 15.52 24.33 -3.89
C ILE E 48 16.84 23.61 -3.61
N TYR E 49 17.61 24.13 -2.66
CA TYR E 49 18.79 23.43 -2.17
C TYR E 49 18.69 23.36 -0.65
N ALA E 50 19.41 22.38 -0.07
CA ALA E 50 19.44 22.09 1.36
C ALA E 50 18.04 21.89 1.93
N ALA E 51 17.17 21.24 1.13
CA ALA E 51 15.82 20.74 1.41
C ALA E 51 14.80 21.86 1.46
N SER E 52 15.18 23.06 1.91
CA SER E 52 14.21 24.11 2.18
C SER E 52 14.67 25.52 1.83
N SER E 53 15.90 25.72 1.37
CA SER E 53 16.35 27.05 1.04
C SER E 53 15.97 27.36 -0.40
N LEU E 54 15.27 28.47 -0.58
CA LEU E 54 14.84 28.87 -1.91
C LEU E 54 15.99 29.58 -2.62
N GLN E 55 16.34 29.09 -3.81
CA GLN E 55 17.38 29.71 -4.64
C GLN E 55 16.96 31.09 -5.12
N SER E 56 17.95 32.01 -5.19
CA SER E 56 17.75 33.37 -5.66
C SER E 56 17.16 33.39 -7.06
N GLY E 57 16.14 34.23 -7.22
CA GLY E 57 15.43 34.46 -8.46
C GLY E 57 14.22 33.56 -8.61
N VAL E 58 14.08 32.54 -7.78
CA VAL E 58 12.92 31.65 -7.86
C VAL E 58 11.75 32.29 -7.10
N PRO E 59 10.57 32.36 -7.71
CA PRO E 59 9.37 32.92 -7.07
C PRO E 59 9.06 32.27 -5.73
N SER E 60 8.42 33.04 -4.85
CA SER E 60 8.20 32.61 -3.47
C SER E 60 7.14 31.51 -3.35
N ARG E 61 6.38 31.23 -4.42
CA ARG E 61 5.38 30.17 -4.38
C ARG E 61 5.98 28.77 -4.29
N PHE E 62 7.28 28.61 -4.55
CA PHE E 62 7.99 27.36 -4.35
C PHE E 62 8.48 27.31 -2.91
N SER E 63 8.30 26.16 -2.26
CA SER E 63 8.82 25.97 -0.91
C SER E 63 9.21 24.51 -0.72
N GLY E 64 10.27 24.26 0.05
CA GLY E 64 10.67 22.91 0.37
C GLY E 64 10.63 22.66 1.86
N SER E 65 10.35 21.41 2.23
CA SER E 65 10.36 20.98 3.62
C SER E 65 10.79 19.52 3.68
N GLY E 66 11.10 19.07 4.88
CA GLY E 66 11.43 17.67 5.11
C GLY E 66 12.81 17.48 5.69
N SER E 67 13.04 16.25 6.17
CA SER E 67 14.34 15.85 6.70
C SER E 67 14.42 14.33 6.77
N GLY E 68 15.65 13.85 6.89
CA GLY E 68 15.87 12.42 7.03
C GLY E 68 15.61 11.72 5.72
N THR E 69 14.41 11.18 5.64
CA THR E 69 13.98 10.39 4.52
C THR E 69 12.75 10.98 3.84
N ASP E 70 12.06 11.96 4.43
CA ASP E 70 10.79 12.40 3.86
C ASP E 70 10.89 13.87 3.55
N PHE E 71 10.68 14.23 2.27
CA PHE E 71 10.81 15.60 1.79
C PHE E 71 9.65 15.96 0.89
N THR E 72 9.31 17.25 0.86
CA THR E 72 8.20 17.78 0.09
C THR E 72 8.61 19.06 -0.60
N LEU E 73 8.27 19.15 -1.88
CA LEU E 73 8.28 20.41 -2.61
C LEU E 73 6.82 20.82 -2.68
N THR E 74 6.53 22.07 -2.35
CA THR E 74 5.17 22.53 -2.37
C THR E 74 5.15 23.73 -3.30
N ILE E 75 4.24 23.72 -4.26
CA ILE E 75 3.90 24.88 -5.07
C ILE E 75 2.54 25.41 -4.61
N SER E 76 2.58 26.57 -3.91
CA SER E 76 1.39 27.05 -3.22
C SER E 76 0.31 27.56 -4.16
N SER E 77 0.67 28.19 -5.29
CA SER E 77 -0.31 28.71 -6.26
C SER E 77 0.25 28.54 -7.67
N LEU E 78 -0.17 27.46 -8.36
CA LEU E 78 0.37 27.08 -9.66
C LEU E 78 0.09 28.15 -10.72
N GLN E 79 1.09 28.44 -11.56
CA GLN E 79 1.03 29.37 -12.68
C GLN E 79 1.26 28.69 -14.02
N PRO E 80 0.80 29.30 -15.15
CA PRO E 80 1.04 28.67 -16.47
C PRO E 80 2.49 28.34 -16.81
N GLU E 81 3.45 29.17 -16.39
CA GLU E 81 4.86 28.94 -16.70
C GLU E 81 5.46 27.84 -15.84
N ASP E 82 4.69 27.37 -14.84
CA ASP E 82 5.06 26.35 -13.85
C ASP E 82 4.77 24.93 -14.28
N PHE E 83 4.30 24.73 -15.52
CA PHE E 83 4.19 23.41 -16.15
C PHE E 83 5.57 22.95 -16.62
N ALA E 84 6.02 21.79 -16.09
CA ALA E 84 7.34 21.18 -16.31
C ALA E 84 7.47 19.82 -15.62
N THR E 85 8.60 19.12 -15.82
CA THR E 85 8.94 17.97 -14.99
C THR E 85 9.91 18.37 -13.87
N TYR E 86 9.60 17.93 -12.65
CA TYR E 86 10.36 18.24 -11.44
C TYR E 86 11.12 17.04 -10.88
N TYR E 87 12.40 17.24 -10.57
CA TYR E 87 13.28 16.19 -10.08
C TYR E 87 13.87 16.55 -8.72
N CYS E 88 13.88 15.57 -7.80
CA CYS E 88 14.68 15.69 -6.59
C CYS E 88 16.04 15.01 -6.78
N GLN E 89 17.07 15.49 -6.07
CA GLN E 89 18.44 14.97 -6.12
C GLN E 89 19.05 14.96 -4.72
N GLN E 90 19.60 13.82 -4.28
CA GLN E 90 20.34 13.79 -3.02
C GLN E 90 21.82 14.08 -3.17
N ALA E 91 22.35 14.85 -2.22
CA ALA E 91 23.75 15.24 -2.20
C ALA E 91 24.44 14.81 -0.90
N ASN E 92 23.90 13.80 -0.22
CA ASN E 92 24.47 13.36 1.04
C ASN E 92 25.72 12.49 0.84
N SER E 93 25.68 11.57 -0.13
CA SER E 93 26.77 10.65 -0.38
C SER E 93 26.84 10.32 -1.86
N PHE E 94 28.03 9.92 -2.30
CA PHE E 94 28.18 9.45 -3.67
C PHE E 94 27.71 8.00 -3.79
N PRO E 95 27.15 7.61 -4.97
CA PRO E 95 26.73 8.46 -6.11
C PRO E 95 25.54 9.38 -5.86
N LEU E 96 25.51 10.54 -6.49
CA LEU E 96 24.31 11.38 -6.44
C LEU E 96 23.22 10.71 -7.27
N THR E 97 21.98 10.73 -6.76
CA THR E 97 20.88 10.07 -7.44
C THR E 97 19.68 11.00 -7.55
N PHE E 98 18.93 10.83 -8.64
CA PHE E 98 17.74 11.62 -8.88
C PHE E 98 16.48 10.77 -8.71
N GLY E 99 15.40 11.44 -8.33
CA GLY E 99 14.08 10.84 -8.42
C GLY E 99 13.61 10.62 -9.85
N GLY E 100 12.47 9.94 -9.97
CA GLY E 100 11.94 9.58 -11.28
C GLY E 100 11.27 10.71 -12.04
N GLY E 101 11.05 11.85 -11.41
CA GLY E 101 10.42 13.03 -12.00
C GLY E 101 8.92 13.04 -11.79
N THR E 102 8.38 14.25 -11.66
CA THR E 102 6.94 14.49 -11.64
C THR E 102 6.57 15.51 -12.71
N LYS E 103 5.78 15.07 -13.69
CA LYS E 103 5.27 15.96 -14.73
C LYS E 103 4.03 16.69 -14.22
N VAL E 104 4.01 18.02 -14.34
CA VAL E 104 2.87 18.82 -13.90
C VAL E 104 2.14 19.36 -15.14
N ASP E 105 0.89 18.95 -15.27
CA ASP E 105 -0.08 19.31 -16.29
C ASP E 105 -1.16 20.26 -15.77
N ILE E 106 -2.00 20.71 -16.72
CA ILE E 106 -3.10 21.64 -16.44
C ILE E 106 -4.34 20.76 -16.34
N LYS E 107 -5.07 20.89 -15.23
CA LYS E 107 -6.33 20.15 -15.07
C LYS E 107 -7.50 20.81 -15.78
N ARG E 108 -7.75 20.34 -17.00
CA ARG E 108 -8.88 20.72 -17.80
C ARG E 108 -9.90 19.59 -17.67
N THR E 109 -11.09 19.79 -18.23
CA THR E 109 -12.11 18.74 -18.21
C THR E 109 -11.72 17.54 -19.05
N VAL E 110 -12.28 16.38 -18.68
CA VAL E 110 -12.03 15.10 -19.35
C VAL E 110 -12.50 15.22 -20.79
N ALA E 111 -11.67 14.75 -21.73
CA ALA E 111 -12.01 14.72 -23.15
C ALA E 111 -11.76 13.34 -23.73
N ALA E 112 -12.80 12.76 -24.33
CA ALA E 112 -12.71 11.45 -24.95
C ALA E 112 -11.93 11.50 -26.27
N PRO E 113 -11.23 10.42 -26.63
CA PRO E 113 -10.52 10.38 -27.92
C PRO E 113 -11.44 10.12 -29.11
N SER E 114 -11.17 10.80 -30.21
CA SER E 114 -11.62 10.31 -31.51
C SER E 114 -10.71 9.19 -31.99
N VAL E 115 -11.29 8.06 -32.37
CA VAL E 115 -10.48 6.89 -32.71
C VAL E 115 -10.62 6.61 -34.20
N PHE E 116 -9.48 6.40 -34.86
CA PHE E 116 -9.40 6.08 -36.28
C PHE E 116 -8.46 4.90 -36.50
N ILE E 117 -8.72 4.11 -37.54
CA ILE E 117 -7.85 3.00 -37.89
C ILE E 117 -7.46 3.13 -39.35
N PHE E 118 -6.19 2.82 -39.63
CA PHE E 118 -5.62 2.98 -40.98
C PHE E 118 -4.99 1.68 -41.44
N PRO E 119 -5.50 1.05 -42.51
CA PRO E 119 -4.82 -0.12 -43.10
C PRO E 119 -3.52 0.29 -43.78
N PRO E 120 -2.59 -0.66 -44.03
CA PRO E 120 -1.36 -0.35 -44.80
C PRO E 120 -1.64 0.06 -46.24
N SER E 121 -0.76 0.90 -46.78
CA SER E 121 -0.86 1.26 -48.20
C SER E 121 -0.37 0.10 -49.07
N ASP E 122 -0.88 0.04 -50.31
CA ASP E 122 -0.45 -0.95 -51.31
C ASP E 122 1.02 -0.83 -51.69
N GLU E 123 1.47 0.40 -51.88
CA GLU E 123 2.89 0.64 -52.23
C GLU E 123 3.76 0.01 -51.15
N GLN E 124 3.34 0.21 -49.91
CA GLN E 124 4.10 -0.38 -48.77
C GLN E 124 3.97 -1.90 -48.82
N LEU E 125 2.80 -2.44 -49.06
CA LEU E 125 2.67 -3.92 -48.98
C LEU E 125 3.69 -4.60 -49.90
N LYS E 126 3.92 -4.09 -51.12
CA LYS E 126 4.86 -4.82 -51.91
C LYS E 126 6.20 -5.04 -51.21
N SER E 127 6.56 -4.26 -50.18
CA SER E 127 7.87 -4.32 -49.53
C SER E 127 8.05 -5.41 -48.48
N GLY E 128 6.98 -6.12 -48.05
CA GLY E 128 7.13 -7.25 -47.14
C GLY E 128 6.84 -7.06 -45.68
N THR E 129 6.42 -5.88 -45.26
CA THR E 129 6.10 -5.53 -43.88
C THR E 129 4.70 -4.97 -43.91
N ALA E 130 3.92 -5.04 -42.86
CA ALA E 130 2.60 -4.42 -42.87
C ALA E 130 2.46 -3.52 -41.65
N SER E 131 2.11 -2.25 -41.84
CA SER E 131 1.84 -1.40 -40.69
C SER E 131 0.38 -0.97 -40.68
N VAL E 132 -0.32 -1.37 -39.62
CA VAL E 132 -1.67 -0.90 -39.32
C VAL E 132 -1.55 0.17 -38.24
N VAL E 133 -2.18 1.33 -38.46
CA VAL E 133 -2.00 2.48 -37.57
C VAL E 133 -3.32 2.83 -36.90
N CYS E 134 -3.33 2.93 -35.57
CA CYS E 134 -4.46 3.42 -34.80
C CYS E 134 -4.19 4.82 -34.25
N LEU E 135 -5.09 5.76 -34.56
CA LEU E 135 -4.94 7.16 -34.14
C LEU E 135 -6.00 7.44 -33.09
N LEU E 136 -5.56 7.91 -31.93
CA LEU E 136 -6.39 8.53 -30.91
C LEU E 136 -6.21 10.05 -30.90
N ASN E 137 -7.27 10.80 -31.21
CA ASN E 137 -7.23 12.25 -31.47
C ASN E 137 -7.88 13.07 -30.35
N ASN E 138 -7.14 14.02 -29.76
CA ASN E 138 -7.64 15.11 -28.89
C ASN E 138 -8.41 14.64 -27.65
N PHE E 139 -7.64 14.14 -26.69
CA PHE E 139 -8.16 13.60 -25.44
C PHE E 139 -7.47 14.10 -24.18
N TYR E 140 -8.15 13.86 -23.05
CA TYR E 140 -7.74 14.12 -21.67
C TYR E 140 -8.50 13.18 -20.73
N PRO E 141 -7.85 12.57 -19.71
CA PRO E 141 -6.45 12.70 -19.27
C PRO E 141 -5.46 11.94 -20.17
N ARG E 142 -4.16 12.03 -19.86
CA ARG E 142 -3.13 11.49 -20.74
C ARG E 142 -3.23 9.97 -20.84
N GLU E 143 -3.71 9.34 -19.76
CA GLU E 143 -3.76 7.90 -19.65
C GLU E 143 -4.79 7.31 -20.62
N ALA E 144 -4.32 6.44 -21.50
CA ALA E 144 -5.16 5.73 -22.45
C ALA E 144 -4.56 4.36 -22.68
N LYS E 145 -5.42 3.38 -22.95
CA LYS E 145 -4.99 2.02 -23.24
C LYS E 145 -5.37 1.66 -24.67
N VAL E 146 -4.41 1.15 -25.42
CA VAL E 146 -4.59 0.70 -26.79
C VAL E 146 -4.25 -0.78 -26.84
N GLN E 147 -5.19 -1.60 -27.32
CA GLN E 147 -4.97 -3.03 -27.51
C GLN E 147 -5.18 -3.37 -28.97
N TRP E 148 -4.28 -4.17 -29.54
CA TRP E 148 -4.41 -4.60 -30.92
C TRP E 148 -4.98 -6.01 -30.99
N LYS E 149 -5.94 -6.23 -31.90
CA LYS E 149 -6.43 -7.59 -32.16
C LYS E 149 -6.45 -7.94 -33.65
N VAL E 150 -5.90 -9.11 -33.95
CA VAL E 150 -5.91 -9.67 -35.29
C VAL E 150 -6.74 -10.95 -35.22
N ASP E 151 -7.89 -10.94 -35.94
CA ASP E 151 -8.93 -11.97 -35.88
C ASP E 151 -9.31 -12.31 -34.44
N ASN E 152 -9.45 -11.26 -33.62
CA ASN E 152 -9.89 -11.27 -32.22
C ASN E 152 -8.82 -11.82 -31.29
N ALA E 153 -7.61 -12.08 -31.77
CA ALA E 153 -6.50 -12.50 -30.92
C ALA E 153 -5.70 -11.26 -30.53
N LEU E 154 -5.46 -11.09 -29.22
CA LEU E 154 -4.71 -9.94 -28.71
C LEU E 154 -3.25 -9.97 -29.17
N GLN E 155 -2.79 -8.86 -29.75
CA GLN E 155 -1.40 -8.75 -30.18
C GLN E 155 -0.58 -8.17 -29.06
N SER E 156 0.69 -8.60 -29.00
CA SER E 156 1.63 -8.13 -27.99
C SER E 156 3.04 -8.10 -28.54
N GLY E 157 3.77 -7.01 -28.28
CA GLY E 157 5.18 -6.93 -28.58
C GLY E 157 5.52 -6.43 -29.97
N ASN E 158 4.51 -6.10 -30.78
CA ASN E 158 4.71 -5.73 -32.18
C ASN E 158 4.09 -4.38 -32.50
N SER E 159 3.77 -3.59 -31.48
CA SER E 159 3.25 -2.25 -31.66
C SER E 159 4.10 -1.27 -30.87
N GLN E 160 4.14 -0.03 -31.36
CA GLN E 160 4.83 1.07 -30.69
C GLN E 160 3.91 2.28 -30.64
N GLU E 161 3.94 3.00 -29.52
CA GLU E 161 3.11 4.17 -29.33
C GLU E 161 3.97 5.43 -29.28
N SER E 162 3.36 6.54 -29.70
CA SER E 162 3.95 7.87 -29.58
C SER E 162 2.85 8.82 -29.15
N VAL E 163 3.11 9.63 -28.13
CA VAL E 163 2.14 10.58 -27.60
C VAL E 163 2.70 11.98 -27.77
N THR E 164 1.86 12.91 -28.24
CA THR E 164 2.23 14.30 -28.37
C THR E 164 2.38 14.94 -26.99
N GLU E 165 3.13 16.05 -26.95
CA GLU E 165 3.04 16.93 -25.79
C GLU E 165 1.66 17.59 -25.76
N GLN E 166 1.36 18.22 -24.62
CA GLN E 166 0.05 18.85 -24.45
C GLN E 166 -0.17 19.97 -25.45
N ASP E 167 -1.35 20.00 -26.06
CA ASP E 167 -1.70 21.01 -27.06
C ASP E 167 -1.81 22.39 -26.43
N SER E 168 -1.26 23.39 -27.11
CA SER E 168 -1.18 24.73 -26.55
C SER E 168 -2.51 25.47 -26.59
N LYS E 169 -3.51 24.98 -27.32
CA LYS E 169 -4.79 25.68 -27.40
C LYS E 169 -5.88 25.05 -26.54
N ASP E 170 -6.01 23.73 -26.53
CA ASP E 170 -7.11 23.05 -25.87
C ASP E 170 -6.67 22.03 -24.82
N SER E 171 -5.36 21.87 -24.63
CA SER E 171 -4.74 21.07 -23.55
C SER E 171 -4.93 19.57 -23.73
N THR E 172 -5.27 19.12 -24.93
CA THR E 172 -5.45 17.70 -25.19
C THR E 172 -4.15 17.02 -25.62
N TYR E 173 -4.18 15.69 -25.60
CA TYR E 173 -3.12 14.83 -26.10
C TYR E 173 -3.61 14.08 -27.34
N SER E 174 -2.67 13.62 -28.14
CA SER E 174 -2.94 12.68 -29.22
C SER E 174 -1.96 11.50 -29.14
N LEU E 175 -2.41 10.33 -29.59
CA LEU E 175 -1.61 9.10 -29.50
C LEU E 175 -1.67 8.40 -30.85
N SER E 176 -0.50 7.96 -31.33
CA SER E 176 -0.39 7.08 -32.49
C SER E 176 0.16 5.74 -32.05
N SER E 177 -0.53 4.66 -32.43
CA SER E 177 -0.04 3.30 -32.24
C SER E 177 0.19 2.63 -33.58
N THR E 178 1.39 2.09 -33.78
CA THR E 178 1.75 1.46 -35.05
C THR E 178 1.99 -0.02 -34.79
N LEU E 179 1.14 -0.86 -35.39
CA LEU E 179 1.27 -2.31 -35.44
C LEU E 179 2.10 -2.73 -36.65
N THR E 180 3.16 -3.50 -36.41
CA THR E 180 4.07 -3.93 -37.45
C THR E 180 4.01 -5.46 -37.57
N LEU E 181 3.78 -5.96 -38.78
CA LEU E 181 3.72 -7.37 -39.12
C LEU E 181 4.51 -7.66 -40.38
N SER E 182 4.80 -8.93 -40.62
CA SER E 182 5.24 -9.34 -41.95
C SER E 182 4.06 -9.29 -42.94
N LYS E 183 4.41 -9.18 -44.22
CA LYS E 183 3.42 -9.20 -45.31
C LYS E 183 2.58 -10.47 -45.29
N ALA E 184 3.22 -11.61 -45.04
CA ALA E 184 2.53 -12.90 -45.01
C ALA E 184 1.48 -12.97 -43.93
N ASP E 185 1.83 -12.50 -42.74
CA ASP E 185 0.90 -12.53 -41.63
C ASP E 185 -0.26 -11.59 -41.88
N TYR E 186 0.03 -10.40 -42.44
CA TYR E 186 -1.05 -9.49 -42.76
C TYR E 186 -2.00 -10.05 -43.81
N GLU E 187 -1.45 -10.69 -44.85
CA GLU E 187 -2.33 -11.13 -45.92
C GLU E 187 -3.07 -12.40 -45.58
N LYS E 188 -2.63 -13.11 -44.55
CA LYS E 188 -3.35 -14.32 -44.21
C LYS E 188 -4.58 -14.03 -43.36
N HIS E 189 -4.51 -12.99 -42.55
CA HIS E 189 -5.61 -12.72 -41.58
C HIS E 189 -6.54 -11.67 -42.18
N LYS E 190 -7.63 -11.33 -41.49
CA LYS E 190 -8.60 -10.45 -42.16
C LYS E 190 -9.07 -9.29 -41.28
N VAL E 191 -9.57 -9.55 -40.09
CA VAL E 191 -10.14 -8.44 -39.27
C VAL E 191 -9.07 -7.81 -38.37
N TYR E 192 -8.74 -6.55 -38.62
CA TYR E 192 -7.79 -5.82 -37.80
C TYR E 192 -8.49 -4.76 -36.96
N ALA E 193 -8.29 -4.81 -35.64
CA ALA E 193 -9.00 -3.93 -34.73
C ALA E 193 -8.08 -3.32 -33.68
N CYS E 194 -8.29 -2.04 -33.38
CA CYS E 194 -7.68 -1.34 -32.26
C CYS E 194 -8.77 -0.98 -31.24
N GLU E 195 -8.59 -1.43 -30.00
CA GLU E 195 -9.52 -1.21 -28.90
C GLU E 195 -8.93 -0.22 -27.90
N VAL E 196 -9.70 0.79 -27.55
CA VAL E 196 -9.24 1.90 -26.72
C VAL E 196 -10.08 1.94 -25.45
N THR E 197 -9.39 2.01 -24.31
CA THR E 197 -9.98 2.24 -23.00
C THR E 197 -9.48 3.59 -22.51
N HIS E 198 -10.40 4.42 -22.03
CA HIS E 198 -10.11 5.77 -21.57
C HIS E 198 -11.21 6.19 -20.59
N GLN E 199 -10.84 7.05 -19.63
CA GLN E 199 -11.77 7.53 -18.59
C GLN E 199 -13.04 8.14 -19.18
N GLY E 200 -12.95 8.81 -20.31
CA GLY E 200 -14.11 9.47 -20.86
C GLY E 200 -15.12 8.58 -21.56
N LEU E 201 -14.83 7.30 -21.72
CA LEU E 201 -15.73 6.36 -22.38
C LEU E 201 -16.41 5.41 -21.41
N SER E 202 -17.73 5.33 -21.55
CA SER E 202 -18.55 4.44 -20.75
C SER E 202 -18.29 2.97 -21.11
N SER E 203 -17.87 2.71 -22.35
CA SER E 203 -17.48 1.38 -22.79
C SER E 203 -16.32 1.48 -23.77
N PRO E 204 -15.52 0.41 -23.92
CA PRO E 204 -14.38 0.40 -24.87
C PRO E 204 -14.80 0.68 -26.30
N VAL E 205 -13.99 1.47 -27.02
CA VAL E 205 -14.28 1.70 -28.43
C VAL E 205 -13.37 0.80 -29.27
N THR E 206 -13.97 0.09 -30.22
CA THR E 206 -13.22 -0.78 -31.11
C THR E 206 -13.37 -0.22 -32.52
N LYS E 207 -12.25 0.03 -33.19
CA LYS E 207 -12.23 0.33 -34.63
C LYS E 207 -11.58 -0.81 -35.39
N SER E 208 -12.17 -1.20 -36.53
CA SER E 208 -11.67 -2.35 -37.26
C SER E 208 -11.86 -2.18 -38.76
N PHE E 209 -11.10 -2.98 -39.52
CA PHE E 209 -11.36 -3.11 -40.94
C PHE E 209 -11.20 -4.57 -41.31
N ASN E 210 -11.90 -4.98 -42.36
CA ASN E 210 -11.74 -6.30 -42.95
C ASN E 210 -10.84 -6.18 -44.18
N ARG E 211 -9.69 -6.88 -44.13
CA ARG E 211 -8.68 -6.81 -45.21
C ARG E 211 -9.28 -7.16 -46.58
N GLY E 212 -10.17 -8.15 -46.61
CA GLY E 212 -10.76 -8.59 -47.87
C GLY E 212 -11.75 -7.60 -48.46
N GLU E 213 -12.12 -6.60 -47.66
CA GLU E 213 -13.09 -5.56 -47.99
C GLU E 213 -12.37 -4.26 -48.23
N CYS E 214 -11.04 -4.26 -48.15
CA CYS E 214 -10.22 -3.09 -48.34
C CYS E 214 -9.34 -3.19 -49.57
N GLN F 1 28.43 37.20 -16.81
CA GLN F 1 27.48 36.12 -16.58
C GLN F 1 28.11 34.73 -16.69
N VAL F 2 27.83 33.91 -15.69
CA VAL F 2 28.32 32.54 -15.67
C VAL F 2 27.61 31.71 -16.73
N GLN F 3 28.40 31.09 -17.62
CA GLN F 3 27.87 30.33 -18.75
C GLN F 3 28.72 29.07 -18.92
N LEU F 4 28.04 27.96 -19.24
CA LEU F 4 28.66 26.71 -19.66
C LEU F 4 28.18 26.31 -21.05
N VAL F 5 29.11 26.18 -22.00
CA VAL F 5 28.76 25.89 -23.40
C VAL F 5 29.39 24.54 -23.78
N GLN F 6 28.54 23.60 -24.16
CA GLN F 6 28.94 22.23 -24.47
C GLN F 6 29.13 22.00 -25.97
N SER F 7 30.08 21.12 -26.28
CA SER F 7 30.32 20.69 -27.66
C SER F 7 30.85 19.27 -27.68
N GLY F 8 30.84 18.66 -28.87
CA GLY F 8 31.41 17.35 -29.10
C GLY F 8 30.44 16.18 -29.25
N GLY F 9 29.15 16.37 -28.98
CA GLY F 9 28.19 15.31 -29.19
C GLY F 9 27.99 14.93 -30.65
N GLY F 10 27.36 13.77 -30.85
CA GLY F 10 27.12 13.31 -32.20
C GLY F 10 26.96 11.80 -32.28
N LEU F 11 26.99 11.31 -33.53
CA LEU F 11 26.84 9.89 -33.83
C LEU F 11 28.17 9.15 -33.71
N VAL F 12 28.16 8.02 -33.00
CA VAL F 12 29.33 7.16 -32.87
C VAL F 12 28.93 5.68 -32.99
N GLN F 13 29.86 4.86 -33.49
CA GLN F 13 29.57 3.42 -33.68
C GLN F 13 29.76 2.75 -32.33
N PRO F 14 29.01 1.69 -32.02
CA PRO F 14 29.25 0.94 -30.77
C PRO F 14 30.67 0.46 -30.62
N GLY F 15 31.23 0.65 -29.42
CA GLY F 15 32.60 0.30 -29.12
C GLY F 15 33.58 1.42 -29.34
N GLY F 16 33.16 2.50 -30.00
CA GLY F 16 34.02 3.61 -30.32
C GLY F 16 34.21 4.55 -29.14
N SER F 17 34.86 5.68 -29.45
CA SER F 17 35.17 6.68 -28.43
C SER F 17 34.74 8.04 -28.97
N LEU F 18 34.37 8.93 -28.05
CA LEU F 18 33.95 10.27 -28.42
C LEU F 18 34.31 11.17 -27.26
N ARG F 19 34.69 12.41 -27.53
CA ARG F 19 35.04 13.37 -26.47
C ARG F 19 34.15 14.61 -26.43
N LEU F 20 33.54 14.85 -25.27
CA LEU F 20 32.75 16.04 -25.00
C LEU F 20 33.56 17.10 -24.27
N SER F 21 33.26 18.37 -24.59
CA SER F 21 33.87 19.54 -23.97
C SER F 21 32.81 20.46 -23.38
N CYS F 22 33.17 21.11 -22.27
CA CYS F 22 32.34 22.11 -21.59
C CYS F 22 33.20 23.32 -21.27
N ALA F 23 33.01 24.40 -22.03
CA ALA F 23 33.72 25.66 -21.87
C ALA F 23 33.00 26.52 -20.84
N ALA F 24 33.75 26.99 -19.85
CA ALA F 24 33.22 27.78 -18.75
C ALA F 24 33.62 29.24 -18.90
N SER F 25 32.69 30.15 -18.59
CA SER F 25 33.02 31.57 -18.58
C SER F 25 32.23 32.31 -17.52
N GLY F 26 32.81 33.41 -17.03
CA GLY F 26 32.12 34.30 -16.12
C GLY F 26 32.36 34.01 -14.66
N PHE F 27 33.19 33.02 -14.36
CA PHE F 27 33.53 32.68 -12.98
C PHE F 27 34.89 32.00 -12.95
N THR F 28 35.45 31.93 -11.75
CA THR F 28 36.72 31.25 -11.53
C THR F 28 36.43 29.75 -11.53
N PHE F 29 36.69 29.11 -12.67
CA PHE F 29 36.30 27.72 -12.94
C PHE F 29 36.97 26.76 -11.96
N SER F 30 38.20 27.05 -11.54
CA SER F 30 38.98 26.14 -10.73
C SER F 30 38.50 26.08 -9.28
N SER F 31 37.61 26.98 -8.88
CA SER F 31 37.13 27.08 -7.51
C SER F 31 35.88 26.23 -7.25
N TYR F 32 35.32 25.60 -8.28
CA TYR F 32 34.06 24.90 -8.18
C TYR F 32 34.23 23.46 -8.63
N ALA F 33 33.60 22.54 -7.91
CA ALA F 33 33.37 21.19 -8.41
C ALA F 33 32.43 21.17 -9.61
N MET F 34 32.61 20.15 -10.44
CA MET F 34 31.81 19.94 -11.64
C MET F 34 31.23 18.55 -11.73
N SER F 35 30.11 18.43 -12.45
CA SER F 35 29.51 17.13 -12.65
C SER F 35 29.01 17.01 -14.08
N TRP F 36 28.96 15.77 -14.56
CA TRP F 36 28.17 15.40 -15.73
C TRP F 36 26.95 14.61 -15.26
N VAL F 37 25.81 14.97 -15.82
CA VAL F 37 24.52 14.32 -15.63
C VAL F 37 24.02 14.01 -17.03
N ARG F 38 23.32 12.88 -17.20
CA ARG F 38 22.82 12.53 -18.52
C ARG F 38 21.33 12.20 -18.42
N GLN F 39 20.68 12.29 -19.58
CA GLN F 39 19.26 11.98 -19.69
C GLN F 39 19.03 11.24 -21.00
N ALA F 40 18.80 9.93 -20.91
CA ALA F 40 18.42 9.10 -22.03
C ALA F 40 17.04 9.54 -22.54
N PRO F 41 16.73 9.28 -23.83
CA PRO F 41 15.42 9.70 -24.38
C PRO F 41 14.21 9.18 -23.63
N GLY F 42 13.40 10.11 -23.13
CA GLY F 42 12.14 9.84 -22.44
C GLY F 42 12.25 9.41 -21.00
N LYS F 43 13.44 9.38 -20.42
CA LYS F 43 13.69 8.94 -19.06
C LYS F 43 14.11 10.13 -18.19
N GLY F 44 14.34 9.85 -16.92
CA GLY F 44 14.75 10.86 -15.97
C GLY F 44 16.24 11.16 -16.03
N LEU F 45 16.69 11.95 -15.06
CA LEU F 45 18.08 12.37 -15.00
C LEU F 45 18.91 11.34 -14.26
N GLU F 46 20.14 11.15 -14.72
CA GLU F 46 21.07 10.21 -14.09
C GLU F 46 22.44 10.84 -13.97
N TRP F 47 22.94 10.91 -12.74
CA TRP F 47 24.30 11.38 -12.53
C TRP F 47 25.31 10.36 -13.02
N VAL F 48 26.34 10.85 -13.70
CA VAL F 48 27.33 10.02 -14.36
C VAL F 48 28.69 10.18 -13.68
N SER F 49 29.14 11.42 -13.45
CA SER F 49 30.49 11.61 -12.91
C SER F 49 30.64 13.01 -12.32
N ALA F 50 31.68 13.16 -11.49
CA ALA F 50 32.04 14.43 -10.86
C ALA F 50 33.55 14.57 -10.76
N ILE F 51 34.01 15.82 -10.74
CA ILE F 51 35.41 16.18 -10.61
C ILE F 51 35.58 17.38 -9.67
N SER F 52 36.61 17.31 -8.83
CA SER F 52 36.92 18.34 -7.85
C SER F 52 37.40 19.64 -8.51
N GLY F 53 37.39 20.72 -7.71
CA GLY F 53 37.83 22.01 -8.21
C GLY F 53 39.28 21.99 -8.70
N SER F 54 40.12 21.22 -8.01
CA SER F 54 41.53 21.06 -8.36
C SER F 54 41.76 19.97 -9.39
N GLY F 55 40.82 19.04 -9.53
CA GLY F 55 40.97 17.88 -10.39
C GLY F 55 41.56 16.66 -9.73
N GLY F 56 41.79 16.70 -8.41
CA GLY F 56 42.48 15.61 -7.73
C GLY F 56 41.60 14.44 -7.35
N SER F 57 40.30 14.65 -7.23
CA SER F 57 39.34 13.62 -6.87
C SER F 57 38.26 13.54 -7.94
N THR F 58 37.97 12.31 -8.37
CA THR F 58 36.89 12.07 -9.33
C THR F 58 35.95 11.02 -8.73
N TYR F 59 34.66 11.12 -9.06
CA TYR F 59 33.72 10.12 -8.57
C TYR F 59 32.84 9.70 -9.73
N TYR F 60 32.49 8.41 -9.79
CA TYR F 60 31.70 7.83 -10.88
C TYR F 60 30.61 6.89 -10.39
N ALA F 61 29.47 6.93 -11.05
CA ALA F 61 28.46 5.87 -10.90
C ALA F 61 29.00 4.54 -11.42
N ASP F 62 28.47 3.44 -10.87
CA ASP F 62 28.94 2.09 -11.22
C ASP F 62 28.70 1.75 -12.69
N SER F 63 27.60 2.24 -13.27
CA SER F 63 27.23 1.87 -14.64
C SER F 63 28.24 2.39 -15.66
N VAL F 64 29.06 3.38 -15.30
CA VAL F 64 29.94 4.05 -16.24
C VAL F 64 31.40 4.01 -15.78
N LYS F 65 31.67 3.55 -14.56
CA LYS F 65 33.00 3.49 -13.97
C LYS F 65 34.02 2.69 -14.78
N GLY F 66 35.22 3.25 -14.98
CA GLY F 66 36.27 2.59 -15.72
C GLY F 66 36.32 2.80 -17.23
N ARG F 67 35.26 3.28 -17.86
CA ARG F 67 35.25 3.45 -19.32
C ARG F 67 35.32 4.90 -19.77
N PHE F 68 34.72 5.82 -19.03
CA PHE F 68 34.66 7.22 -19.35
C PHE F 68 35.68 7.86 -18.42
N THR F 69 36.28 8.96 -18.87
CA THR F 69 37.23 9.70 -18.03
C THR F 69 36.91 11.18 -18.07
N ILE F 70 36.54 11.72 -16.91
CA ILE F 70 36.31 13.13 -16.70
C ILE F 70 37.65 13.77 -16.38
N SER F 71 37.92 14.91 -17.01
CA SER F 71 39.14 15.67 -16.78
C SER F 71 38.85 17.15 -16.90
N ARG F 72 39.81 17.98 -16.49
CA ARG F 72 39.63 19.42 -16.57
C ARG F 72 40.97 20.06 -16.91
N ASP F 73 40.89 21.13 -17.70
CA ASP F 73 42.00 22.03 -17.97
C ASP F 73 41.62 23.38 -17.35
N ASN F 74 42.16 23.62 -16.16
CA ASN F 74 41.83 24.83 -15.41
C ASN F 74 42.40 26.08 -16.09
N SER F 75 43.48 25.93 -16.87
CA SER F 75 44.12 27.02 -17.59
C SER F 75 43.35 27.50 -18.82
N LYS F 76 42.49 26.65 -19.39
CA LYS F 76 41.72 26.95 -20.59
C LYS F 76 40.25 27.09 -20.29
N ASN F 77 39.89 26.94 -19.01
CA ASN F 77 38.54 26.96 -18.48
C ASN F 77 37.66 25.93 -19.18
N THR F 78 38.17 24.70 -19.31
CA THR F 78 37.43 23.69 -20.07
C THR F 78 37.37 22.36 -19.32
N LEU F 79 36.18 21.78 -19.20
CA LEU F 79 35.94 20.44 -18.65
C LEU F 79 35.80 19.42 -19.79
N TYR F 80 36.36 18.21 -19.62
CA TYR F 80 36.28 17.19 -20.68
C TYR F 80 35.67 15.87 -20.18
N LEU F 81 35.00 15.14 -21.08
CA LEU F 81 34.61 13.73 -20.87
C LEU F 81 34.97 12.84 -22.07
N GLN F 82 36.03 12.05 -21.92
CA GLN F 82 36.44 11.01 -22.88
C GLN F 82 35.62 9.73 -22.69
N MET F 83 34.91 9.29 -23.73
CA MET F 83 34.04 8.10 -23.67
C MET F 83 34.54 6.96 -24.55
N ASN F 84 34.84 5.82 -23.94
CA ASN F 84 35.27 4.65 -24.69
C ASN F 84 34.26 3.51 -24.52
N SER F 85 34.35 2.55 -25.45
CA SER F 85 33.52 1.34 -25.52
C SER F 85 32.04 1.68 -25.40
N LEU F 86 31.60 2.65 -26.20
CA LEU F 86 30.25 3.14 -26.09
C LEU F 86 29.26 2.05 -26.53
N ARG F 87 28.13 1.95 -25.81
CA ARG F 87 27.08 1.00 -26.16
C ARG F 87 25.81 1.82 -26.39
N ALA F 88 24.81 1.21 -27.06
CA ALA F 88 23.53 1.87 -27.43
C ALA F 88 22.76 2.51 -26.27
N GLU F 89 22.86 1.95 -25.08
CA GLU F 89 22.17 2.40 -23.88
C GLU F 89 22.75 3.70 -23.31
N ASP F 90 23.89 4.15 -23.82
CA ASP F 90 24.58 5.38 -23.47
C ASP F 90 24.05 6.58 -24.27
N THR F 91 23.12 6.34 -25.21
CA THR F 91 22.45 7.41 -25.95
C THR F 91 21.73 8.35 -25.00
N ALA F 92 22.12 9.63 -25.03
CA ALA F 92 21.54 10.58 -24.08
C ALA F 92 21.97 11.99 -24.40
N VAL F 93 21.24 12.95 -23.83
CA VAL F 93 21.73 14.31 -23.70
C VAL F 93 22.60 14.40 -22.46
N TYR F 94 23.82 14.90 -22.63
CA TYR F 94 24.75 15.08 -21.52
C TYR F 94 24.86 16.55 -21.14
N TYR F 95 24.67 16.84 -19.85
CA TYR F 95 24.78 18.17 -19.30
C TYR F 95 26.01 18.23 -18.41
N CYS F 96 26.83 19.27 -18.58
CA CYS F 96 27.81 19.67 -17.58
C CYS F 96 27.19 20.68 -16.63
N ALA F 97 27.61 20.64 -15.38
CA ALA F 97 27.02 21.52 -14.38
C ALA F 97 28.04 21.90 -13.31
N ARG F 98 27.90 23.13 -12.80
CA ARG F 98 28.73 23.63 -11.73
C ARG F 98 28.12 23.28 -10.39
N ASP F 99 28.91 22.65 -9.51
CA ASP F 99 28.46 22.41 -8.15
C ASP F 99 28.72 23.67 -7.31
N SER F 100 27.67 24.40 -6.96
CA SER F 100 27.86 25.66 -6.23
C SER F 100 27.73 25.51 -4.71
N GLY F 101 27.89 24.31 -4.17
CA GLY F 101 27.77 24.16 -2.73
C GLY F 101 26.52 23.39 -2.41
N SER F 102 26.59 22.49 -1.42
CA SER F 102 25.48 21.62 -0.98
C SER F 102 24.86 20.81 -2.13
N GLY F 103 25.65 20.54 -3.16
CA GLY F 103 25.23 19.68 -4.23
C GLY F 103 24.30 20.34 -5.20
N ARG F 104 24.13 21.66 -5.14
CA ARG F 104 23.30 22.31 -6.13
C ARG F 104 24.04 22.59 -7.43
N PHE F 105 23.32 22.49 -8.53
CA PHE F 105 23.90 22.60 -9.85
C PHE F 105 23.36 23.95 -10.33
N ASP F 106 24.26 24.89 -10.60
CA ASP F 106 23.98 26.21 -11.14
C ASP F 106 25.15 26.94 -11.74
N PRO F 107 25.05 27.28 -13.03
CA PRO F 107 23.97 26.96 -13.98
C PRO F 107 24.20 25.61 -14.59
N TRP F 108 23.24 25.10 -15.34
CA TRP F 108 23.48 23.93 -16.17
C TRP F 108 23.84 24.42 -17.56
N GLY F 109 24.78 23.72 -18.18
CA GLY F 109 25.01 23.88 -19.60
C GLY F 109 23.84 23.46 -20.46
N GLN F 110 23.98 23.74 -21.75
CA GLN F 110 22.90 23.51 -22.69
C GLN F 110 22.71 22.05 -23.06
N GLY F 111 23.69 21.22 -22.79
CA GLY F 111 23.56 19.82 -23.14
C GLY F 111 24.11 19.54 -24.52
N THR F 112 24.56 18.30 -24.72
CA THR F 112 24.94 17.88 -26.06
C THR F 112 24.45 16.44 -26.22
N LEU F 113 23.80 16.18 -27.34
CA LEU F 113 23.22 14.87 -27.61
C LEU F 113 24.28 13.94 -28.19
N VAL F 114 24.45 12.78 -27.56
CA VAL F 114 25.25 11.68 -28.10
C VAL F 114 24.34 10.54 -28.51
N THR F 115 24.41 10.17 -29.80
CA THR F 115 23.67 9.04 -30.34
C THR F 115 24.74 8.01 -30.73
N VAL F 116 24.65 6.85 -30.10
CA VAL F 116 25.63 5.76 -30.39
C VAL F 116 24.88 4.73 -31.22
N SER F 117 25.29 4.58 -32.46
CA SER F 117 24.60 3.58 -33.27
C SER F 117 25.45 3.22 -34.49
N SER F 118 25.32 1.95 -34.90
CA SER F 118 25.96 1.39 -36.09
C SER F 118 25.12 1.65 -37.34
N ALA F 119 24.89 2.91 -37.71
CA ALA F 119 24.03 3.08 -38.87
C ALA F 119 24.44 4.21 -39.80
N SER F 120 23.99 4.00 -41.03
CA SER F 120 24.12 4.78 -42.26
C SER F 120 22.94 5.72 -42.39
N THR F 121 23.16 6.79 -43.15
CA THR F 121 22.07 7.74 -43.42
C THR F 121 21.03 7.05 -44.23
N LYS F 122 19.78 7.19 -43.85
CA LYS F 122 18.65 6.65 -44.58
C LYS F 122 17.51 7.65 -44.73
N GLY F 123 17.07 7.81 -45.97
CA GLY F 123 15.93 8.63 -46.27
C GLY F 123 14.70 7.83 -45.92
N PRO F 124 13.60 8.50 -45.62
CA PRO F 124 12.41 7.77 -45.20
C PRO F 124 11.64 7.27 -46.40
N SER F 125 10.92 6.18 -46.20
CA SER F 125 9.79 5.91 -47.07
C SER F 125 8.56 6.57 -46.49
N VAL F 126 7.74 7.17 -47.36
CA VAL F 126 6.54 7.86 -46.92
C VAL F 126 5.34 7.16 -47.54
N PHE F 127 4.43 6.69 -46.68
CA PHE F 127 3.24 5.98 -47.11
C PHE F 127 2.00 6.71 -46.62
N PRO F 128 0.92 6.77 -47.41
CA PRO F 128 -0.28 7.42 -46.90
C PRO F 128 -0.93 6.54 -45.85
N LEU F 129 -1.40 7.17 -44.78
CA LEU F 129 -2.40 6.59 -43.88
C LEU F 129 -3.75 7.10 -44.35
N ALA F 130 -4.36 6.32 -45.21
CA ALA F 130 -5.52 6.68 -46.00
C ALA F 130 -6.82 6.61 -45.22
N PRO F 131 -7.70 7.61 -45.41
CA PRO F 131 -9.09 7.57 -44.90
C PRO F 131 -9.91 6.56 -45.70
N SER F 132 -11.19 6.84 -45.90
CA SER F 132 -11.99 5.93 -46.72
C SER F 132 -13.00 6.71 -47.54
N SER F 133 -13.09 6.34 -48.83
CA SER F 133 -14.07 6.88 -49.78
C SER F 133 -15.50 6.67 -49.32
N LYS F 134 -15.73 5.72 -48.43
CA LYS F 134 -17.03 5.33 -47.92
C LYS F 134 -17.42 6.12 -46.67
N SER F 135 -16.50 6.93 -46.14
CA SER F 135 -16.74 7.78 -44.97
C SER F 135 -17.94 8.70 -45.16
N THR F 136 -18.78 8.71 -44.15
CA THR F 136 -19.95 9.58 -44.07
C THR F 136 -19.53 11.04 -44.00
N SER F 137 -20.14 11.85 -44.86
CA SER F 137 -19.90 13.29 -44.88
C SER F 137 -20.65 14.01 -43.77
N GLY F 138 -19.91 14.76 -42.96
CA GLY F 138 -20.46 15.62 -41.93
C GLY F 138 -19.65 15.46 -40.67
N GLY F 139 -19.07 14.27 -40.52
CA GLY F 139 -18.23 13.92 -39.40
C GLY F 139 -16.80 14.36 -39.62
N THR F 140 -15.91 13.81 -38.80
CA THR F 140 -14.49 14.09 -38.88
C THR F 140 -13.73 12.88 -39.41
N ALA F 141 -12.90 13.10 -40.44
CA ALA F 141 -12.04 12.08 -41.03
C ALA F 141 -10.58 12.40 -40.67
N ALA F 142 -9.83 11.36 -40.36
CA ALA F 142 -8.39 11.43 -40.14
C ALA F 142 -7.61 10.85 -41.31
N LEU F 143 -6.49 11.50 -41.63
CA LEU F 143 -5.59 10.98 -42.64
C LEU F 143 -4.18 11.32 -42.17
N GLY F 144 -3.18 10.71 -42.79
CA GLY F 144 -1.85 10.99 -42.34
C GLY F 144 -0.81 10.38 -43.24
N CYS F 145 0.43 10.45 -42.78
CA CYS F 145 1.56 9.87 -43.46
C CYS F 145 2.36 9.07 -42.44
N LEU F 146 2.73 7.86 -42.83
CA LEU F 146 3.66 7.05 -42.07
C LEU F 146 5.04 7.28 -42.67
N VAL F 147 5.91 7.86 -41.86
CA VAL F 147 7.29 8.12 -42.20
C VAL F 147 8.10 7.00 -41.56
N LYS F 148 8.65 6.12 -42.40
CA LYS F 148 9.18 4.84 -41.97
C LYS F 148 10.63 4.72 -42.37
N ASP F 149 11.45 4.21 -41.45
CA ASP F 149 12.78 3.68 -41.75
C ASP F 149 13.71 4.79 -42.20
N TYR F 150 14.07 5.71 -41.30
CA TYR F 150 15.01 6.74 -41.70
C TYR F 150 16.07 6.87 -40.61
N PHE F 151 17.22 7.45 -40.99
CA PHE F 151 18.31 7.73 -40.05
C PHE F 151 19.17 8.80 -40.71
N PRO F 152 19.68 9.79 -39.96
CA PRO F 152 19.40 10.12 -38.57
C PRO F 152 18.19 11.00 -38.44
N GLU F 153 17.87 11.40 -37.22
CA GLU F 153 16.93 12.48 -36.99
C GLU F 153 17.46 13.80 -37.53
N PRO F 154 16.56 14.75 -37.85
CA PRO F 154 15.11 14.76 -37.87
C PRO F 154 14.43 14.67 -39.28
N VAL F 155 13.13 14.38 -39.37
CA VAL F 155 12.37 14.70 -40.57
C VAL F 155 11.42 15.83 -40.21
N THR F 156 11.24 16.78 -41.11
CA THR F 156 10.20 17.78 -40.93
C THR F 156 9.06 17.49 -41.90
N VAL F 157 7.85 17.62 -41.39
CA VAL F 157 6.63 17.40 -42.16
C VAL F 157 5.76 18.64 -42.07
N SER F 158 5.35 19.15 -43.22
CA SER F 158 4.34 20.18 -43.28
C SER F 158 3.19 19.62 -44.08
N TRP F 159 2.04 20.28 -44.03
CA TRP F 159 0.90 19.79 -44.77
C TRP F 159 0.44 20.86 -45.74
N ASN F 160 0.22 20.46 -46.99
CA ASN F 160 -0.17 21.32 -48.10
C ASN F 160 0.72 22.56 -48.16
N SER F 161 2.03 22.33 -48.04
CA SER F 161 3.09 23.35 -48.11
C SER F 161 2.91 24.43 -47.05
N GLY F 162 2.35 24.04 -45.89
CA GLY F 162 2.20 24.94 -44.76
C GLY F 162 0.83 25.57 -44.63
N ALA F 163 -0.08 25.30 -45.57
CA ALA F 163 -1.41 25.90 -45.57
C ALA F 163 -2.35 25.27 -44.55
N LEU F 164 -2.18 23.99 -44.25
CA LEU F 164 -3.00 23.27 -43.26
C LEU F 164 -2.23 23.15 -41.95
N THR F 165 -2.65 23.92 -40.95
CA THR F 165 -1.97 23.97 -39.66
C THR F 165 -2.87 23.60 -38.50
N SER F 166 -4.18 23.71 -38.67
CA SER F 166 -5.15 23.39 -37.63
C SER F 166 -5.34 21.89 -37.58
N SER F 167 -5.40 21.34 -36.36
CA SER F 167 -5.66 19.92 -36.11
C SER F 167 -4.55 19.02 -36.66
N VAL F 168 -3.32 19.54 -36.71
CA VAL F 168 -2.16 18.75 -37.12
C VAL F 168 -1.48 18.21 -35.87
N HIS F 169 -1.18 16.91 -35.88
CA HIS F 169 -0.39 16.26 -34.85
C HIS F 169 0.76 15.53 -35.52
N THR F 170 1.97 16.04 -35.35
CA THR F 170 3.19 15.32 -35.70
C THR F 170 3.77 14.63 -34.47
N PHE F 171 3.78 13.30 -34.50
CA PHE F 171 4.18 12.53 -33.34
C PHE F 171 5.69 12.42 -33.20
N PRO F 172 6.19 12.37 -31.95
CA PRO F 172 7.60 12.06 -31.75
C PRO F 172 8.00 10.76 -32.45
N ALA F 173 9.17 10.78 -33.06
CA ALA F 173 9.68 9.60 -33.73
C ALA F 173 9.97 8.49 -32.74
N VAL F 174 9.73 7.25 -33.14
CA VAL F 174 10.14 6.14 -32.30
C VAL F 174 11.28 5.46 -33.05
N LEU F 175 12.32 5.08 -32.30
CA LEU F 175 13.43 4.32 -32.83
C LEU F 175 13.10 2.83 -32.76
N GLN F 176 13.02 2.19 -33.92
CA GLN F 176 12.70 0.78 -33.98
C GLN F 176 13.93 -0.06 -33.67
N SER F 177 13.69 -1.36 -33.47
CA SER F 177 14.74 -2.32 -33.13
C SER F 177 15.77 -2.45 -34.24
N SER F 178 15.40 -2.14 -35.48
CA SER F 178 16.28 -2.16 -36.64
C SER F 178 17.32 -1.06 -36.59
N GLY F 179 17.16 -0.07 -35.71
CA GLY F 179 18.00 1.10 -35.69
C GLY F 179 17.48 2.22 -36.54
N LEU F 180 16.34 2.04 -37.18
CA LEU F 180 15.70 3.05 -38.00
C LEU F 180 14.57 3.73 -37.23
N TYR F 181 14.31 4.99 -37.55
CA TYR F 181 13.26 5.76 -36.90
C TYR F 181 11.93 5.62 -37.63
N SER F 182 10.83 5.80 -36.89
CA SER F 182 9.51 5.88 -37.50
C SER F 182 8.62 6.85 -36.75
N LEU F 183 7.83 7.63 -37.49
CA LEU F 183 6.81 8.49 -36.91
C LEU F 183 5.64 8.60 -37.88
N SER F 184 4.52 9.05 -37.35
CA SER F 184 3.34 9.32 -38.14
C SER F 184 3.00 10.79 -37.97
N SER F 185 2.54 11.42 -39.04
CA SER F 185 1.97 12.75 -38.96
C SER F 185 0.53 12.65 -39.44
N VAL F 186 -0.40 13.14 -38.63
CA VAL F 186 -1.81 13.01 -38.93
C VAL F 186 -2.52 14.35 -38.84
N VAL F 187 -3.63 14.44 -39.57
CA VAL F 187 -4.51 15.60 -39.52
C VAL F 187 -5.95 15.10 -39.53
N THR F 188 -6.80 15.76 -38.75
CA THR F 188 -8.23 15.52 -38.78
C THR F 188 -8.87 16.70 -39.51
N VAL F 189 -9.82 16.38 -40.39
CA VAL F 189 -10.51 17.34 -41.26
C VAL F 189 -11.98 16.95 -41.27
N PRO F 190 -12.86 17.88 -41.64
CA PRO F 190 -14.25 17.47 -41.87
C PRO F 190 -14.31 16.44 -43.00
N SER F 191 -15.11 15.39 -42.76
CA SER F 191 -15.29 14.28 -43.70
C SER F 191 -15.78 14.76 -45.06
N SER F 192 -16.47 15.90 -45.10
CA SER F 192 -17.05 16.50 -46.29
C SER F 192 -15.99 16.99 -47.26
N SER F 193 -14.74 17.06 -46.83
CA SER F 193 -13.65 17.57 -47.64
C SER F 193 -12.99 16.52 -48.51
N LEU F 194 -13.25 15.24 -48.22
CA LEU F 194 -12.57 14.12 -48.87
C LEU F 194 -12.81 14.03 -50.38
N GLY F 195 -13.89 14.61 -50.92
CA GLY F 195 -14.08 14.49 -52.34
C GLY F 195 -13.56 15.63 -53.18
N THR F 196 -13.26 16.78 -52.56
CA THR F 196 -12.90 18.01 -53.26
C THR F 196 -11.51 18.53 -52.91
N GLN F 197 -10.94 18.12 -51.77
CA GLN F 197 -9.64 18.62 -51.33
C GLN F 197 -8.59 17.52 -51.30
N THR F 198 -7.42 17.87 -51.82
CA THR F 198 -6.22 17.04 -51.79
C THR F 198 -5.37 17.41 -50.58
N TYR F 199 -4.87 16.40 -49.89
CA TYR F 199 -4.00 16.57 -48.74
C TYR F 199 -2.67 15.91 -49.03
N ILE F 200 -1.60 16.71 -49.03
CA ILE F 200 -0.25 16.26 -49.36
C ILE F 200 0.66 16.58 -48.19
N CYS F 201 1.29 15.56 -47.63
CA CYS F 201 2.34 15.79 -46.67
C CYS F 201 3.65 16.04 -47.38
N ASN F 202 4.34 17.09 -46.97
CA ASN F 202 5.65 17.43 -47.47
C ASN F 202 6.65 16.98 -46.42
N VAL F 203 7.45 15.97 -46.75
CA VAL F 203 8.41 15.38 -45.83
C VAL F 203 9.77 15.80 -46.35
N ASN F 204 10.58 16.38 -45.48
CA ASN F 204 11.93 16.79 -45.83
C ASN F 204 12.87 16.17 -44.82
N HIS F 205 13.77 15.32 -45.32
CA HIS F 205 14.88 14.75 -44.55
C HIS F 205 16.21 15.29 -45.07
N LYS F 206 16.71 16.36 -44.42
CA LYS F 206 17.91 17.08 -44.89
C LYS F 206 19.20 16.26 -44.88
N PRO F 207 19.50 15.37 -43.89
CA PRO F 207 20.79 14.64 -43.95
C PRO F 207 20.96 13.80 -45.20
N SER F 208 19.88 13.25 -45.74
CA SER F 208 19.96 12.41 -46.92
C SER F 208 19.47 13.11 -48.19
N ASN F 209 19.13 14.41 -48.10
CA ASN F 209 18.59 15.19 -49.23
C ASN F 209 17.34 14.56 -49.83
N THR F 210 16.45 14.06 -48.96
CA THR F 210 15.23 13.42 -49.43
C THR F 210 14.10 14.42 -49.25
N LYS F 211 13.39 14.70 -50.35
CA LYS F 211 12.19 15.51 -50.30
C LYS F 211 11.08 14.71 -50.94
N VAL F 212 9.98 14.49 -50.21
CA VAL F 212 8.88 13.67 -50.71
C VAL F 212 7.58 14.42 -50.46
N ASP F 213 6.78 14.58 -51.50
CA ASP F 213 5.40 15.02 -51.38
C ASP F 213 4.52 13.79 -51.57
N LYS F 214 3.69 13.49 -50.59
CA LYS F 214 2.87 12.29 -50.68
C LYS F 214 1.41 12.67 -50.52
N LYS F 215 0.61 12.33 -51.54
CA LYS F 215 -0.81 12.55 -51.54
C LYS F 215 -1.52 11.42 -50.79
N ALA F 216 -2.38 11.80 -49.83
CA ALA F 216 -3.25 10.89 -49.08
C ALA F 216 -4.68 10.83 -49.61
N GLU F 217 -5.00 9.83 -50.44
CA GLU F 217 -6.37 9.83 -50.96
C GLU F 217 -7.19 8.76 -50.27
N PRO F 218 -8.51 8.94 -50.17
CA PRO F 218 -9.34 7.92 -49.55
C PRO F 218 -9.27 6.63 -50.35
N LYS F 219 -9.09 5.53 -49.63
CA LYS F 219 -9.09 4.17 -50.15
C LYS F 219 -10.42 3.53 -49.79
N SER F 220 -11.02 2.85 -50.76
CA SER F 220 -12.30 2.18 -50.52
C SER F 220 -11.98 1.04 -49.58
N CYS F 221 -12.25 1.32 -48.31
CA CYS F 221 -12.18 0.41 -47.19
C CYS F 221 -13.54 0.06 -46.62
#